data_5LQT
# 
_entry.id   5LQT 
# 
_audit_conform.dict_name       mmcif_pdbx.dic 
_audit_conform.dict_version    5.391 
_audit_conform.dict_location   http://mmcif.pdb.org/dictionaries/ascii/mmcif_pdbx.dic 
# 
loop_
_database_2.database_id 
_database_2.database_code 
_database_2.pdbx_database_accession 
_database_2.pdbx_DOI 
PDB   5LQT         pdb_00005lqt 10.2210/pdb5lqt/pdb 
WWPDB D_1200001219 ?            ?                   
# 
loop_
_pdbx_audit_revision_history.ordinal 
_pdbx_audit_revision_history.data_content_type 
_pdbx_audit_revision_history.major_revision 
_pdbx_audit_revision_history.minor_revision 
_pdbx_audit_revision_history.revision_date 
1 'Structure model' 1 0 2017-06-21 
2 'Structure model' 1 1 2017-06-28 
3 'Structure model' 1 2 2017-09-13 
4 'Structure model' 2 0 2019-02-20 
5 'Structure model' 2 1 2019-07-10 
6 'Structure model' 2 2 2024-05-08 
# 
_pdbx_audit_revision_details.ordinal             1 
_pdbx_audit_revision_details.revision_ordinal    1 
_pdbx_audit_revision_details.data_content_type   'Structure model' 
_pdbx_audit_revision_details.provider            repository 
_pdbx_audit_revision_details.type                'Initial release' 
_pdbx_audit_revision_details.description         ? 
_pdbx_audit_revision_details.details             ? 
# 
loop_
_pdbx_audit_revision_group.ordinal 
_pdbx_audit_revision_group.revision_ordinal 
_pdbx_audit_revision_group.data_content_type 
_pdbx_audit_revision_group.group 
1 2 'Structure model' 'Database references'  
2 3 'Structure model' 'Database references'  
3 4 'Structure model' 'Data collection'      
4 4 'Structure model' 'Derived calculations' 
5 4 'Structure model' 'Polymer sequence'     
6 5 'Structure model' 'Data collection'      
7 6 'Structure model' 'Data collection'      
8 6 'Structure model' 'Database references'  
9 6 'Structure model' 'Derived calculations' 
# 
loop_
_pdbx_audit_revision_category.ordinal 
_pdbx_audit_revision_category.revision_ordinal 
_pdbx_audit_revision_category.data_content_type 
_pdbx_audit_revision_category.category 
1  2 'Structure model' citation                     
2  2 'Structure model' citation_author              
3  3 'Structure model' citation                     
4  4 'Structure model' diffrn_source                
5  4 'Structure model' entity_poly                  
6  4 'Structure model' ndb_struct_conf_na           
7  4 'Structure model' ndb_struct_na_base_pair      
8  4 'Structure model' ndb_struct_na_base_pair_step 
9  4 'Structure model' pdbx_seq_map_depositor_info  
10 4 'Structure model' struct_conn                  
11 5 'Structure model' diffrn_source                
12 6 'Structure model' chem_comp_atom               
13 6 'Structure model' chem_comp_bond               
14 6 'Structure model' database_2                   
15 6 'Structure model' pdbx_struct_conn_angle       
16 6 'Structure model' struct_conn                  
# 
loop_
_pdbx_audit_revision_item.ordinal 
_pdbx_audit_revision_item.revision_ordinal 
_pdbx_audit_revision_item.data_content_type 
_pdbx_audit_revision_item.item 
1  2 'Structure model' '_citation.country'                            
2  2 'Structure model' '_citation.journal_abbrev'                     
3  2 'Structure model' '_citation.pdbx_database_id_DOI'               
4  2 'Structure model' '_citation.pdbx_database_id_PubMed'            
5  2 'Structure model' '_citation.title'                              
6  3 'Structure model' '_citation.journal_volume'                     
7  3 'Structure model' '_citation.page_first'                         
8  3 'Structure model' '_citation.page_last'                          
9  4 'Structure model' '_diffrn_source.pdbx_synchrotron_site'         
10 4 'Structure model' '_entity_poly.pdbx_seq_one_letter_code_can'    
11 4 'Structure model' '_pdbx_seq_map_depositor_info.one_letter_code' 
12 5 'Structure model' '_diffrn_source.pdbx_synchrotron_site'         
13 6 'Structure model' '_database_2.pdbx_DOI'                         
14 6 'Structure model' '_database_2.pdbx_database_accession'          
15 6 'Structure model' '_pdbx_struct_conn_angle.ptnr1_auth_asym_id'   
16 6 'Structure model' '_pdbx_struct_conn_angle.ptnr1_auth_comp_id'   
17 6 'Structure model' '_pdbx_struct_conn_angle.ptnr1_auth_seq_id'    
18 6 'Structure model' '_pdbx_struct_conn_angle.ptnr1_label_asym_id'  
19 6 'Structure model' '_pdbx_struct_conn_angle.ptnr1_label_atom_id'  
20 6 'Structure model' '_pdbx_struct_conn_angle.ptnr1_label_comp_id'  
21 6 'Structure model' '_pdbx_struct_conn_angle.ptnr1_label_seq_id'   
22 6 'Structure model' '_pdbx_struct_conn_angle.ptnr1_symmetry'       
23 6 'Structure model' '_pdbx_struct_conn_angle.ptnr2_symmetry'       
24 6 'Structure model' '_pdbx_struct_conn_angle.ptnr3_auth_asym_id'   
25 6 'Structure model' '_pdbx_struct_conn_angle.ptnr3_auth_comp_id'   
26 6 'Structure model' '_pdbx_struct_conn_angle.ptnr3_auth_seq_id'    
27 6 'Structure model' '_pdbx_struct_conn_angle.ptnr3_label_asym_id'  
28 6 'Structure model' '_pdbx_struct_conn_angle.ptnr3_label_atom_id'  
29 6 'Structure model' '_pdbx_struct_conn_angle.ptnr3_label_comp_id'  
30 6 'Structure model' '_pdbx_struct_conn_angle.ptnr3_label_seq_id'   
31 6 'Structure model' '_pdbx_struct_conn_angle.ptnr3_symmetry'       
32 6 'Structure model' '_pdbx_struct_conn_angle.value'                
33 6 'Structure model' '_struct_conn.conn_type_id'                    
34 6 'Structure model' '_struct_conn.id'                              
35 6 'Structure model' '_struct_conn.pdbx_dist_value'                 
36 6 'Structure model' '_struct_conn.pdbx_leaving_atom_flag'          
37 6 'Structure model' '_struct_conn.ptnr1_auth_asym_id'              
38 6 'Structure model' '_struct_conn.ptnr1_auth_comp_id'              
39 6 'Structure model' '_struct_conn.ptnr1_auth_seq_id'               
40 6 'Structure model' '_struct_conn.ptnr1_label_asym_id'             
41 6 'Structure model' '_struct_conn.ptnr1_label_atom_id'             
42 6 'Structure model' '_struct_conn.ptnr1_label_comp_id'             
43 6 'Structure model' '_struct_conn.ptnr1_label_seq_id'              
44 6 'Structure model' '_struct_conn.ptnr1_symmetry'                  
45 6 'Structure model' '_struct_conn.ptnr2_auth_asym_id'              
46 6 'Structure model' '_struct_conn.ptnr2_auth_comp_id'              
47 6 'Structure model' '_struct_conn.ptnr2_auth_seq_id'               
48 6 'Structure model' '_struct_conn.ptnr2_label_asym_id'             
49 6 'Structure model' '_struct_conn.ptnr2_label_atom_id'             
50 6 'Structure model' '_struct_conn.ptnr2_label_comp_id'             
51 6 'Structure model' '_struct_conn.ptnr2_label_seq_id'              
52 6 'Structure model' '_struct_conn.ptnr2_symmetry'                  
# 
_pdbx_database_status.status_code                     REL 
_pdbx_database_status.status_code_sf                  REL 
_pdbx_database_status.status_code_mr                  ? 
_pdbx_database_status.entry_id                        5LQT 
_pdbx_database_status.recvd_initial_deposition_date   2016-08-17 
_pdbx_database_status.SG_entry                        N 
_pdbx_database_status.deposit_site                    PDBE 
_pdbx_database_status.process_site                    PDBE 
_pdbx_database_status.status_code_cs                  ? 
_pdbx_database_status.methods_development_category    ? 
_pdbx_database_status.pdb_format_compatible           Y 
_pdbx_database_status.status_code_nmr_data            ? 
# 
loop_
_audit_author.name 
_audit_author.pdbx_ordinal 
'Huang, L.'      1 
'Lilley, D.M.J.' 2 
# 
_citation.abstract                  ? 
_citation.abstract_id_CAS           ? 
_citation.book_id_ISBN              ? 
_citation.book_publisher            ? 
_citation.book_publisher_city       ? 
_citation.book_title                ? 
_citation.coordinate_linkage        ? 
_citation.country                   UK 
_citation.database_id_Medline       ? 
_citation.details                   ? 
_citation.id                        primary 
_citation.journal_abbrev            'EMBO Rep.' 
_citation.journal_id_ASTM           ? 
_citation.journal_id_CSD            ? 
_citation.journal_id_ISSN           1469-3178 
_citation.journal_full              ? 
_citation.journal_issue             ? 
_citation.journal_volume            18 
_citation.language                  ? 
_citation.page_first                1631 
_citation.page_last                 1645 
_citation.title                     'Control of box C/D snoRNP assembly by N(6)-methylation of adenine.' 
_citation.year                      2017 
_citation.database_id_CSD           ? 
_citation.pdbx_database_id_DOI      10.15252/embr.201743967 
_citation.pdbx_database_id_PubMed   28623187 
_citation.unpublished_flag          ? 
# 
loop_
_citation_author.citation_id 
_citation_author.name 
_citation_author.ordinal 
_citation_author.identifier_ORCID 
primary 'Huang, L.'    1 ? 
primary 'Ashraf, S.'   2 ? 
primary 'Wang, J.'     3 ? 
primary 'Lilley, D.M.' 4 ? 
# 
loop_
_entity.id 
_entity.type 
_entity.src_method 
_entity.pdbx_description 
_entity.formula_weight 
_entity.pdbx_number_of_molecules 
_entity.pdbx_ec 
_entity.pdbx_mutation 
_entity.pdbx_fragment 
_entity.details 
1 polymer     syn 
;RNA (5'-R(*GP*(CBV)P*CP*GP*GP*(6MZ)P*CP*GP*GP*C)-3')
;
3323.927 2  ? ? ? ? 
2 non-polymer syn 'CALCIUM ION'                                          40.078   1  ? ? ? ? 
3 non-polymer syn 'SODIUM ION'                                           22.990   1  ? ? ? ? 
4 non-polymer syn 'MAGNESIUM ION'                                        24.305   2  ? ? ? ? 
5 water       nat water                                                  18.015   52 ? ? ? ? 
# 
_entity_poly.entity_id                      1 
_entity_poly.type                           polyribonucleotide 
_entity_poly.nstd_linkage                   no 
_entity_poly.nstd_monomer                   yes 
_entity_poly.pdbx_seq_one_letter_code       'G(CBV)CGG(6MZ)CGGC' 
_entity_poly.pdbx_seq_one_letter_code_can   GCCGGACGGC 
_entity_poly.pdbx_strand_id                 A,B 
_entity_poly.pdbx_target_identifier         ? 
# 
loop_
_pdbx_entity_nonpoly.entity_id 
_pdbx_entity_nonpoly.name 
_pdbx_entity_nonpoly.comp_id 
2 'CALCIUM ION'   CA  
3 'SODIUM ION'    NA  
4 'MAGNESIUM ION' MG  
5 water           HOH 
# 
loop_
_entity_poly_seq.entity_id 
_entity_poly_seq.num 
_entity_poly_seq.mon_id 
_entity_poly_seq.hetero 
1 1  G   n 
1 2  CBV n 
1 3  C   n 
1 4  G   n 
1 5  G   n 
1 6  6MZ n 
1 7  C   n 
1 8  G   n 
1 9  G   n 
1 10 C   n 
# 
_pdbx_entity_src_syn.entity_id              1 
_pdbx_entity_src_syn.pdbx_src_id            1 
_pdbx_entity_src_syn.pdbx_alt_source_flag   sample 
_pdbx_entity_src_syn.pdbx_beg_seq_num       1 
_pdbx_entity_src_syn.pdbx_end_seq_num       10 
_pdbx_entity_src_syn.organism_scientific    'Homo sapiens' 
_pdbx_entity_src_syn.organism_common_name   Human 
_pdbx_entity_src_syn.ncbi_taxonomy_id       9606 
_pdbx_entity_src_syn.details                ? 
# 
loop_
_chem_comp.id 
_chem_comp.type 
_chem_comp.mon_nstd_flag 
_chem_comp.name 
_chem_comp.pdbx_synonyms 
_chem_comp.formula 
_chem_comp.formula_weight 
6MZ 'RNA linking' n "N6-METHYLADENOSINE-5'-MONOPHOSPHATE"       ? 'C11 H16 N5 O7 P'   361.248 
C   'RNA linking' y "CYTIDINE-5'-MONOPHOSPHATE"                 ? 'C9 H14 N3 O8 P'    323.197 
CA  non-polymer   . 'CALCIUM ION'                               ? 'Ca 2'              40.078  
CBV 'RNA linking' n 
;5-BROMOCYTIDINE 5'-(DIHYDROGEN PHOSPHATE)
;
? 'C9 H13 Br N3 O8 P' 402.093 
G   'RNA linking' y "GUANOSINE-5'-MONOPHOSPHATE"                ? 'C10 H14 N5 O8 P'   363.221 
HOH non-polymer   . WATER                                       ? 'H2 O'              18.015  
MG  non-polymer   . 'MAGNESIUM ION'                             ? 'Mg 2'              24.305  
NA  non-polymer   . 'SODIUM ION'                                ? 'Na 1'              22.990  
# 
loop_
_pdbx_poly_seq_scheme.asym_id 
_pdbx_poly_seq_scheme.entity_id 
_pdbx_poly_seq_scheme.seq_id 
_pdbx_poly_seq_scheme.mon_id 
_pdbx_poly_seq_scheme.ndb_seq_num 
_pdbx_poly_seq_scheme.pdb_seq_num 
_pdbx_poly_seq_scheme.auth_seq_num 
_pdbx_poly_seq_scheme.pdb_mon_id 
_pdbx_poly_seq_scheme.auth_mon_id 
_pdbx_poly_seq_scheme.pdb_strand_id 
_pdbx_poly_seq_scheme.pdb_ins_code 
_pdbx_poly_seq_scheme.hetero 
A 1 1  G   1  1  1  G   G   A . n 
A 1 2  CBV 2  2  2  CBV CBV A . n 
A 1 3  C   3  3  3  C   C   A . n 
A 1 4  G   4  4  4  G   G   A . n 
A 1 5  G   5  5  5  G   G   A . n 
A 1 6  6MZ 6  6  6  6MZ 6MZ A . n 
A 1 7  C   7  7  7  C   C   A . n 
A 1 8  G   8  8  8  G   G   A . n 
A 1 9  G   9  9  9  G   G   A . n 
A 1 10 C   10 10 10 C   C   A . n 
B 1 1  G   1  1  1  G   G   B . n 
B 1 2  CBV 2  2  2  CBV CBV B . n 
B 1 3  C   3  3  3  C   C   B . n 
B 1 4  G   4  4  4  G   G   B . n 
B 1 5  G   5  5  5  G   G   B . n 
B 1 6  6MZ 6  6  6  6MZ 6MZ B . n 
B 1 7  C   7  7  7  C   C   B . n 
B 1 8  G   8  8  8  G   G   B . n 
B 1 9  G   9  9  9  G   G   B . n 
B 1 10 C   10 10 10 C   C   B . n 
# 
loop_
_pdbx_nonpoly_scheme.asym_id 
_pdbx_nonpoly_scheme.entity_id 
_pdbx_nonpoly_scheme.mon_id 
_pdbx_nonpoly_scheme.ndb_seq_num 
_pdbx_nonpoly_scheme.pdb_seq_num 
_pdbx_nonpoly_scheme.auth_seq_num 
_pdbx_nonpoly_scheme.pdb_mon_id 
_pdbx_nonpoly_scheme.auth_mon_id 
_pdbx_nonpoly_scheme.pdb_strand_id 
_pdbx_nonpoly_scheme.pdb_ins_code 
C 2 CA  1  101 1  CA  CA  A . 
D 3 NA  1  102 1  NA  NA  A . 
E 4 MG  1  103 1  MG  MO6 A . 
F 4 MG  1  101 1  MG  MG  B . 
G 5 HOH 1  201 3  HOH HOH A . 
G 5 HOH 2  202 20 HOH HOH A . 
G 5 HOH 3  203 29 HOH HOH A . 
G 5 HOH 4  204 32 HOH HOH A . 
G 5 HOH 5  205 1  HOH MO6 A . 
G 5 HOH 6  206 4  HOH HOH A . 
G 5 HOH 7  207 35 HOH HOH A . 
G 5 HOH 8  208 12 HOH HOH A . 
G 5 HOH 9  209 38 HOH HOH A . 
G 5 HOH 10 210 8  HOH HOH A . 
G 5 HOH 11 211 1  HOH MO6 A . 
G 5 HOH 12 212 22 HOH HOH A . 
G 5 HOH 13 213 30 HOH HOH A . 
G 5 HOH 14 214 42 HOH HOH A . 
G 5 HOH 15 215 17 HOH HOH A . 
G 5 HOH 16 216 43 HOH HOH A . 
G 5 HOH 17 217 46 HOH HOH A . 
G 5 HOH 18 218 2  HOH HOH A . 
G 5 HOH 19 219 7  HOH HOH A . 
G 5 HOH 20 220 25 HOH HOH A . 
G 5 HOH 21 221 13 HOH HOH A . 
G 5 HOH 22 222 27 HOH HOH A . 
G 5 HOH 23 223 1  HOH MO6 A . 
G 5 HOH 24 224 10 HOH HOH A . 
G 5 HOH 25 225 15 HOH HOH A . 
G 5 HOH 26 226 36 HOH HOH A . 
G 5 HOH 27 227 37 HOH HOH A . 
G 5 HOH 28 228 26 HOH HOH A . 
G 5 HOH 29 229 1  HOH MO6 A . 
G 5 HOH 30 230 1  HOH MO6 A . 
G 5 HOH 31 231 1  HOH MO6 A . 
H 5 HOH 1  201 39 HOH HOH B . 
H 5 HOH 2  202 19 HOH HOH B . 
H 5 HOH 3  203 44 HOH HOH B . 
H 5 HOH 4  204 6  HOH HOH B . 
H 5 HOH 5  205 18 HOH HOH B . 
H 5 HOH 6  206 21 HOH HOH B . 
H 5 HOH 7  207 1  HOH HOH B . 
H 5 HOH 8  208 16 HOH HOH B . 
H 5 HOH 9  209 33 HOH HOH B . 
H 5 HOH 10 210 5  HOH HOH B . 
H 5 HOH 11 211 14 HOH HOH B . 
H 5 HOH 12 212 45 HOH HOH B . 
H 5 HOH 13 213 11 HOH HOH B . 
H 5 HOH 14 214 9  HOH HOH B . 
H 5 HOH 15 215 24 HOH HOH B . 
H 5 HOH 16 216 28 HOH HOH B . 
H 5 HOH 17 217 40 HOH HOH B . 
H 5 HOH 18 218 31 HOH HOH B . 
H 5 HOH 19 219 23 HOH HOH B . 
H 5 HOH 20 220 41 HOH HOH B . 
H 5 HOH 21 221 34 HOH HOH B . 
# 
loop_
_software.citation_id 
_software.classification 
_software.compiler_name 
_software.compiler_version 
_software.contact_author 
_software.contact_author_email 
_software.date 
_software.description 
_software.dependencies 
_software.hardware 
_software.language 
_software.location 
_software.mods 
_software.name 
_software.os 
_software.os_version 
_software.type 
_software.version 
_software.pdbx_ordinal 
? refinement       ? ? ? ? ? ? ? ? ? ? ? PHENIX  ? ? ? '(dev_2481: ???)' 1 
? 'data reduction' ? ? ? ? ? ? ? ? ? ? ? xia2    ? ? ? .                 2 
? 'data scaling'   ? ? ? ? ? ? ? ? ? ? ? Aimless ? ? ? .                 3 
? phasing          ? ? ? ? ? ? ? ? ? ? ? PHENIX  ? ? ? .                 4 
# 
_cell.angle_alpha                  90.00 
_cell.angle_alpha_esd              ? 
_cell.angle_beta                   90.00 
_cell.angle_beta_esd               ? 
_cell.angle_gamma                  90.00 
_cell.angle_gamma_esd              ? 
_cell.entry_id                     5LQT 
_cell.details                      ? 
_cell.formula_units_Z              ? 
_cell.length_a                     34.340 
_cell.length_a_esd                 ? 
_cell.length_b                     34.340 
_cell.length_b_esd                 ? 
_cell.length_c                     103.170 
_cell.length_c_esd                 ? 
_cell.volume                       ? 
_cell.volume_esd                   ? 
_cell.Z_PDB                        16 
_cell.reciprocal_angle_alpha       ? 
_cell.reciprocal_angle_beta        ? 
_cell.reciprocal_angle_gamma       ? 
_cell.reciprocal_angle_alpha_esd   ? 
_cell.reciprocal_angle_beta_esd    ? 
_cell.reciprocal_angle_gamma_esd   ? 
_cell.reciprocal_length_a          ? 
_cell.reciprocal_length_b          ? 
_cell.reciprocal_length_c          ? 
_cell.reciprocal_length_a_esd      ? 
_cell.reciprocal_length_b_esd      ? 
_cell.reciprocal_length_c_esd      ? 
_cell.pdbx_unique_axis             ? 
# 
_symmetry.entry_id                         5LQT 
_symmetry.cell_setting                     ? 
_symmetry.Int_Tables_number                96 
_symmetry.space_group_name_Hall            ? 
_symmetry.space_group_name_H-M             'P 43 21 2' 
_symmetry.pdbx_full_space_group_name_H-M   ? 
# 
_exptl.absorpt_coefficient_mu     ? 
_exptl.absorpt_correction_T_max   ? 
_exptl.absorpt_correction_T_min   ? 
_exptl.absorpt_correction_type    ? 
_exptl.absorpt_process_details    ? 
_exptl.entry_id                   5LQT 
_exptl.crystals_number            1 
_exptl.details                    ? 
_exptl.method                     'X-RAY DIFFRACTION' 
_exptl.method_details             ? 
# 
_exptl_crystal.colour                      ? 
_exptl_crystal.density_diffrn              ? 
_exptl_crystal.density_Matthews            2.29 
_exptl_crystal.density_method              ? 
_exptl_crystal.density_percent_sol         46.23 
_exptl_crystal.description                 ? 
_exptl_crystal.F_000                       ? 
_exptl_crystal.id                          1 
_exptl_crystal.preparation                 ? 
_exptl_crystal.size_max                    ? 
_exptl_crystal.size_mid                    ? 
_exptl_crystal.size_min                    ? 
_exptl_crystal.size_rad                    ? 
_exptl_crystal.colour_lustre               ? 
_exptl_crystal.colour_modifier             ? 
_exptl_crystal.colour_primary              ? 
_exptl_crystal.density_meas                ? 
_exptl_crystal.density_meas_esd            ? 
_exptl_crystal.density_meas_gt             ? 
_exptl_crystal.density_meas_lt             ? 
_exptl_crystal.density_meas_temp           ? 
_exptl_crystal.density_meas_temp_esd       ? 
_exptl_crystal.density_meas_temp_gt        ? 
_exptl_crystal.density_meas_temp_lt        ? 
_exptl_crystal.pdbx_crystal_image_url      ? 
_exptl_crystal.pdbx_crystal_image_format   ? 
_exptl_crystal.pdbx_mosaicity              ? 
_exptl_crystal.pdbx_mosaicity_esd          ? 
# 
_exptl_crystal_grow.apparatus       ? 
_exptl_crystal_grow.atmosphere      ? 
_exptl_crystal_grow.crystal_id      1 
_exptl_crystal_grow.details         ? 
_exptl_crystal_grow.method          'VAPOR DIFFUSION, SITTING DROP' 
_exptl_crystal_grow.method_ref      ? 
_exptl_crystal_grow.pH              4.6 
_exptl_crystal_grow.pressure        ? 
_exptl_crystal_grow.pressure_esd    ? 
_exptl_crystal_grow.seeding         ? 
_exptl_crystal_grow.seeding_ref     ? 
_exptl_crystal_grow.temp            293 
_exptl_crystal_grow.temp_details    ? 
_exptl_crystal_grow.temp_esd        ? 
_exptl_crystal_grow.time            ? 
_exptl_crystal_grow.pdbx_details    
;0.02 M Calcium Chloride dihydrate,
0.1 M Sodium Acetate trihydrate pH 4.6,
30% v/v 2-Methyl-2,4-pentanediol
;
_exptl_crystal_grow.pdbx_pH_range   ? 
# 
_diffrn.ambient_environment    ? 
_diffrn.ambient_temp           100 
_diffrn.ambient_temp_details   ? 
_diffrn.ambient_temp_esd       ? 
_diffrn.crystal_id             1 
_diffrn.crystal_support        ? 
_diffrn.crystal_treatment      ? 
_diffrn.details                ? 
_diffrn.id                     1 
_diffrn.ambient_pressure       ? 
_diffrn.ambient_pressure_esd   ? 
_diffrn.ambient_pressure_gt    ? 
_diffrn.ambient_pressure_lt    ? 
_diffrn.ambient_temp_gt        ? 
_diffrn.ambient_temp_lt        ? 
# 
_diffrn_detector.details                      ? 
_diffrn_detector.detector                     PIXEL 
_diffrn_detector.diffrn_id                    1 
_diffrn_detector.type                         'DECTRIS PILATUS 6M' 
_diffrn_detector.area_resol_mean              ? 
_diffrn_detector.dtime                        ? 
_diffrn_detector.pdbx_frames_total            ? 
_diffrn_detector.pdbx_collection_time_total   ? 
_diffrn_detector.pdbx_collection_date         2016-06-25 
# 
_diffrn_radiation.collimation                      ? 
_diffrn_radiation.diffrn_id                        1 
_diffrn_radiation.filter_edge                      ? 
_diffrn_radiation.inhomogeneity                    ? 
_diffrn_radiation.monochromator                    ? 
_diffrn_radiation.polarisn_norm                    ? 
_diffrn_radiation.polarisn_ratio                   ? 
_diffrn_radiation.probe                            ? 
_diffrn_radiation.type                             ? 
_diffrn_radiation.xray_symbol                      ? 
_diffrn_radiation.wavelength_id                    1 
_diffrn_radiation.pdbx_monochromatic_or_laue_m_l   M 
_diffrn_radiation.pdbx_wavelength_list             ? 
_diffrn_radiation.pdbx_wavelength                  ? 
_diffrn_radiation.pdbx_diffrn_protocol             'SINGLE WAVELENGTH' 
_diffrn_radiation.pdbx_analyzer                    ? 
_diffrn_radiation.pdbx_scattering_type             x-ray 
# 
_diffrn_radiation_wavelength.id           1 
_diffrn_radiation_wavelength.wavelength   0.9193 
_diffrn_radiation_wavelength.wt           1.0 
# 
_diffrn_source.current                     ? 
_diffrn_source.details                     ? 
_diffrn_source.diffrn_id                   1 
_diffrn_source.power                       ? 
_diffrn_source.size                        ? 
_diffrn_source.source                      SYNCHROTRON 
_diffrn_source.target                      ? 
_diffrn_source.type                        'DIAMOND BEAMLINE I02' 
_diffrn_source.voltage                     ? 
_diffrn_source.take-off_angle              ? 
_diffrn_source.pdbx_wavelength_list        0.9193 
_diffrn_source.pdbx_wavelength             ? 
_diffrn_source.pdbx_synchrotron_beamline   I02 
_diffrn_source.pdbx_synchrotron_site       Diamond 
# 
_reflns.B_iso_Wilson_estimate            ? 
_reflns.entry_id                         5LQT 
_reflns.data_reduction_details           ? 
_reflns.data_reduction_method            ? 
_reflns.d_resolution_high                1.50 
_reflns.d_resolution_low                 33.35 
_reflns.details                          ? 
_reflns.limit_h_max                      ? 
_reflns.limit_h_min                      ? 
_reflns.limit_k_max                      ? 
_reflns.limit_k_min                      ? 
_reflns.limit_l_max                      ? 
_reflns.limit_l_min                      ? 
_reflns.number_all                       ? 
_reflns.number_obs                       10522 
_reflns.observed_criterion               ? 
_reflns.observed_criterion_F_max         ? 
_reflns.observed_criterion_F_min         ? 
_reflns.observed_criterion_I_max         ? 
_reflns.observed_criterion_I_min         ? 
_reflns.observed_criterion_sigma_F       ? 
_reflns.observed_criterion_sigma_I       1.3 
_reflns.percent_possible_obs             100 
_reflns.R_free_details                   ? 
_reflns.Rmerge_F_all                     ? 
_reflns.Rmerge_F_obs                     ? 
_reflns.Friedel_coverage                 ? 
_reflns.number_gt                        ? 
_reflns.threshold_expression             ? 
_reflns.pdbx_redundancy                  11.9 
_reflns.pdbx_Rmerge_I_obs                0.056 
_reflns.pdbx_Rmerge_I_all                ? 
_reflns.pdbx_Rsym_value                  ? 
_reflns.pdbx_netI_over_av_sigmaI         ? 
_reflns.pdbx_netI_over_sigmaI            21.7 
_reflns.pdbx_res_netI_over_av_sigmaI_2   ? 
_reflns.pdbx_res_netI_over_sigmaI_2      ? 
_reflns.pdbx_chi_squared                 ? 
_reflns.pdbx_scaling_rejects             ? 
_reflns.pdbx_d_res_high_opt              ? 
_reflns.pdbx_d_res_low_opt               ? 
_reflns.pdbx_d_res_opt_method            ? 
_reflns.phase_calculation_details        ? 
_reflns.pdbx_Rrim_I_all                  ? 
_reflns.pdbx_Rpim_I_all                  ? 
_reflns.pdbx_d_opt                       ? 
_reflns.pdbx_number_measured_all         ? 
_reflns.pdbx_diffrn_id                   1 
_reflns.pdbx_ordinal                     1 
_reflns.pdbx_CC_half                     1.00 
_reflns.pdbx_R_split                     ? 
# 
_reflns_shell.d_res_high                  1.50 
_reflns_shell.d_res_low                   1.53 
_reflns_shell.meanI_over_sigI_all         ? 
_reflns_shell.meanI_over_sigI_obs         1.2 
_reflns_shell.number_measured_all         ? 
_reflns_shell.number_measured_obs         ? 
_reflns_shell.number_possible             ? 
_reflns_shell.number_unique_all           ? 
_reflns_shell.number_unique_obs           ? 
_reflns_shell.percent_possible_all        100.0 
_reflns_shell.percent_possible_obs        ? 
_reflns_shell.Rmerge_F_all                ? 
_reflns_shell.Rmerge_F_obs                ? 
_reflns_shell.Rmerge_I_all                ? 
_reflns_shell.Rmerge_I_obs                2.08 
_reflns_shell.meanI_over_sigI_gt          ? 
_reflns_shell.meanI_over_uI_all           ? 
_reflns_shell.meanI_over_uI_gt            ? 
_reflns_shell.number_measured_gt          ? 
_reflns_shell.number_unique_gt            ? 
_reflns_shell.percent_possible_gt         ? 
_reflns_shell.Rmerge_F_gt                 ? 
_reflns_shell.Rmerge_I_gt                 ? 
_reflns_shell.pdbx_redundancy             12.4 
_reflns_shell.pdbx_Rsym_value             ? 
_reflns_shell.pdbx_chi_squared            ? 
_reflns_shell.pdbx_netI_over_sigmaI_all   ? 
_reflns_shell.pdbx_netI_over_sigmaI_obs   ? 
_reflns_shell.pdbx_Rrim_I_all             ? 
_reflns_shell.pdbx_Rpim_I_all             ? 
_reflns_shell.pdbx_rejects                ? 
_reflns_shell.pdbx_ordinal                1 
_reflns_shell.pdbx_diffrn_id              1 
_reflns_shell.pdbx_CC_half                0.50 
_reflns_shell.pdbx_R_split                ? 
# 
_refine.aniso_B[1][1]                            ? 
_refine.aniso_B[1][2]                            ? 
_refine.aniso_B[1][3]                            ? 
_refine.aniso_B[2][2]                            ? 
_refine.aniso_B[2][3]                            ? 
_refine.aniso_B[3][3]                            ? 
_refine.B_iso_max                                ? 
_refine.B_iso_mean                               ? 
_refine.B_iso_min                                ? 
_refine.correlation_coeff_Fo_to_Fc               ? 
_refine.correlation_coeff_Fo_to_Fc_free          ? 
_refine.details                                  ? 
_refine.diff_density_max                         ? 
_refine.diff_density_max_esd                     ? 
_refine.diff_density_min                         ? 
_refine.diff_density_min_esd                     ? 
_refine.diff_density_rms                         ? 
_refine.diff_density_rms_esd                     ? 
_refine.entry_id                                 5LQT 
_refine.pdbx_refine_id                           'X-RAY DIFFRACTION' 
_refine.ls_abs_structure_details                 ? 
_refine.ls_abs_structure_Flack                   ? 
_refine.ls_abs_structure_Flack_esd               ? 
_refine.ls_abs_structure_Rogers                  ? 
_refine.ls_abs_structure_Rogers_esd              ? 
_refine.ls_d_res_high                            1.500 
_refine.ls_d_res_low                             32.583 
_refine.ls_extinction_coef                       ? 
_refine.ls_extinction_coef_esd                   ? 
_refine.ls_extinction_expression                 ? 
_refine.ls_extinction_method                     ? 
_refine.ls_goodness_of_fit_all                   ? 
_refine.ls_goodness_of_fit_all_esd               ? 
_refine.ls_goodness_of_fit_obs                   ? 
_refine.ls_goodness_of_fit_obs_esd               ? 
_refine.ls_hydrogen_treatment                    ? 
_refine.ls_matrix_type                           ? 
_refine.ls_number_constraints                    ? 
_refine.ls_number_parameters                     ? 
_refine.ls_number_reflns_all                     ? 
_refine.ls_number_reflns_obs                     10520 
_refine.ls_number_reflns_R_free                  944 
_refine.ls_number_reflns_R_work                  ? 
_refine.ls_number_restraints                     ? 
_refine.ls_percent_reflns_obs                    99.57 
_refine.ls_percent_reflns_R_free                 5.02 
_refine.ls_R_factor_all                          ? 
_refine.ls_R_factor_obs                          0.2205 
_refine.ls_R_factor_R_free                       0.2273 
_refine.ls_R_factor_R_free_error                 ? 
_refine.ls_R_factor_R_free_error_details         ? 
_refine.ls_R_factor_R_work                       0.2199 
_refine.ls_R_Fsqd_factor_obs                     ? 
_refine.ls_R_I_factor_obs                        ? 
_refine.ls_redundancy_reflns_all                 ? 
_refine.ls_redundancy_reflns_obs                 ? 
_refine.ls_restrained_S_all                      ? 
_refine.ls_restrained_S_obs                      ? 
_refine.ls_shift_over_esd_max                    ? 
_refine.ls_shift_over_esd_mean                   ? 
_refine.ls_structure_factor_coef                 ? 
_refine.ls_weighting_details                     ? 
_refine.ls_weighting_scheme                      ? 
_refine.ls_wR_factor_all                         ? 
_refine.ls_wR_factor_obs                         ? 
_refine.ls_wR_factor_R_free                      ? 
_refine.ls_wR_factor_R_work                      ? 
_refine.occupancy_max                            ? 
_refine.occupancy_min                            ? 
_refine.solvent_model_details                    ? 
_refine.solvent_model_param_bsol                 ? 
_refine.solvent_model_param_ksol                 ? 
_refine.ls_R_factor_gt                           ? 
_refine.ls_goodness_of_fit_gt                    ? 
_refine.ls_goodness_of_fit_ref                   ? 
_refine.ls_shift_over_su_max                     ? 
_refine.ls_shift_over_su_max_lt                  ? 
_refine.ls_shift_over_su_mean                    ? 
_refine.ls_shift_over_su_mean_lt                 ? 
_refine.pdbx_ls_sigma_I                          ? 
_refine.pdbx_ls_sigma_F                          1.33 
_refine.pdbx_ls_sigma_Fsqd                       ? 
_refine.pdbx_data_cutoff_high_absF               ? 
_refine.pdbx_data_cutoff_high_rms_absF           ? 
_refine.pdbx_data_cutoff_low_absF                ? 
_refine.pdbx_isotropic_thermal_model             ? 
_refine.pdbx_ls_cross_valid_method               'FREE R-VALUE' 
_refine.pdbx_method_to_determine_struct          SAD 
_refine.pdbx_starting_model                      ? 
_refine.pdbx_stereochemistry_target_values       ? 
_refine.pdbx_R_Free_selection_details            ? 
_refine.pdbx_stereochem_target_val_spec_case     ? 
_refine.pdbx_overall_ESU_R                       ? 
_refine.pdbx_overall_ESU_R_Free                  ? 
_refine.pdbx_solvent_vdw_probe_radii             1.11 
_refine.pdbx_solvent_ion_probe_radii             ? 
_refine.pdbx_solvent_shrinkage_radii             0.90 
_refine.pdbx_real_space_R                        ? 
_refine.pdbx_density_correlation                 ? 
_refine.pdbx_pd_number_of_powder_patterns        ? 
_refine.pdbx_pd_number_of_points                 ? 
_refine.pdbx_pd_meas_number_of_points            ? 
_refine.pdbx_pd_proc_ls_prof_R_factor            ? 
_refine.pdbx_pd_proc_ls_prof_wR_factor           ? 
_refine.pdbx_pd_Marquardt_correlation_coeff      ? 
_refine.pdbx_pd_Fsqrd_R_factor                   ? 
_refine.pdbx_pd_ls_matrix_band_width             ? 
_refine.pdbx_overall_phase_error                 28.76 
_refine.pdbx_overall_SU_R_free_Cruickshank_DPI   ? 
_refine.pdbx_overall_SU_R_free_Blow_DPI          ? 
_refine.pdbx_overall_SU_R_Blow_DPI               ? 
_refine.pdbx_TLS_residual_ADP_flag               ? 
_refine.pdbx_diffrn_id                           1 
_refine.overall_SU_B                             ? 
_refine.overall_SU_ML                            0.20 
_refine.overall_SU_R_Cruickshank_DPI             ? 
_refine.overall_SU_R_free                        ? 
_refine.overall_FOM_free_R_set                   ? 
_refine.overall_FOM_work_R_set                   ? 
_refine.pdbx_average_fsc_overall                 ? 
_refine.pdbx_average_fsc_work                    ? 
_refine.pdbx_average_fsc_free                    ? 
# 
_refine_hist.pdbx_refine_id                   'X-RAY DIFFRACTION' 
_refine_hist.cycle_id                         LAST 
_refine_hist.pdbx_number_atoms_protein        0 
_refine_hist.pdbx_number_atoms_nucleic_acid   436 
_refine_hist.pdbx_number_atoms_ligand         3 
_refine_hist.number_atoms_solvent             52 
_refine_hist.number_atoms_total               491 
_refine_hist.d_res_high                       1.500 
_refine_hist.d_res_low                        32.583 
# 
loop_
_refine_ls_restr.pdbx_refine_id 
_refine_ls_restr.criterion 
_refine_ls_restr.dev_ideal 
_refine_ls_restr.dev_ideal_target 
_refine_ls_restr.number 
_refine_ls_restr.rejects 
_refine_ls_restr.type 
_refine_ls_restr.weight 
_refine_ls_restr.pdbx_restraint_function 
'X-RAY DIFFRACTION' ? 0.023  ? 490 ? f_bond_d           ? ? 
'X-RAY DIFFRACTION' ? 4.259  ? 769 ? f_angle_d          ? ? 
'X-RAY DIFFRACTION' ? 10.429 ? 196 ? f_dihedral_angle_d ? ? 
'X-RAY DIFFRACTION' ? 0.062  ? 94  ? f_chiral_restr     ? ? 
'X-RAY DIFFRACTION' ? 0.008  ? 20  ? f_plane_restr      ? ? 
# 
loop_
_refine_ls_shell.pdbx_refine_id 
_refine_ls_shell.d_res_high 
_refine_ls_shell.d_res_low 
_refine_ls_shell.number_reflns_all 
_refine_ls_shell.number_reflns_obs 
_refine_ls_shell.number_reflns_R_free 
_refine_ls_shell.number_reflns_R_work 
_refine_ls_shell.percent_reflns_obs 
_refine_ls_shell.percent_reflns_R_free 
_refine_ls_shell.R_factor_all 
_refine_ls_shell.R_factor_obs 
_refine_ls_shell.R_factor_R_free 
_refine_ls_shell.R_factor_R_free_error 
_refine_ls_shell.R_factor_R_work 
_refine_ls_shell.redundancy_reflns_all 
_refine_ls_shell.redundancy_reflns_obs 
_refine_ls_shell.wR_factor_all 
_refine_ls_shell.wR_factor_obs 
_refine_ls_shell.wR_factor_R_free 
_refine_ls_shell.wR_factor_R_work 
_refine_ls_shell.pdbx_total_number_of_bins_used 
_refine_ls_shell.pdbx_phase_error 
_refine_ls_shell.pdbx_fsc_work 
_refine_ls_shell.pdbx_fsc_free 
'X-RAY DIFFRACTION' 1.5002 1.5793  . . 158 2549 100.00 . . . 0.3472 . 0.3250 . . . . . . . . . . 
'X-RAY DIFFRACTION' 1.5793 1.6782  . . 121 2528 99.00  . . . 0.3143 . 0.2765 . . . . . . . . . . 
'X-RAY DIFFRACTION' 1.6782 1.8078  . . 120 2597 100.00 . . . 0.2452 . 0.2467 . . . . . . . . . . 
'X-RAY DIFFRACTION' 1.8078 1.9897  . . 131 2538 100.00 . . . 0.3248 . 0.2668 . . . . . . . . . . 
'X-RAY DIFFRACTION' 1.9897 2.2775  . . 137 2562 100.00 . . . 0.2839 . 0.2533 . . . . . . . . . . 
'X-RAY DIFFRACTION' 2.2775 2.8692  . . 124 2583 100.00 . . . 0.3094 . 0.2521 . . . . . . . . . . 
'X-RAY DIFFRACTION' 2.8692 32.5902 . . 153 2501 99.00  . . . 0.1783 . 0.1851 . . . . . . . . . . 
# 
_struct.entry_id                     5LQT 
_struct.title                        'RNA duplex has central consecutive GA pairs flanked by G-C basepairs' 
_struct.pdbx_model_details           ? 
_struct.pdbx_formula_weight          ? 
_struct.pdbx_formula_weight_method   ? 
_struct.pdbx_model_type_details      ? 
_struct.pdbx_CASP_flag               N 
# 
_struct_keywords.entry_id        5LQT 
_struct_keywords.text            'N6-methyladenine, RNA folding, Watson-Crick basepairs, RNA' 
_struct_keywords.pdbx_keywords   RNA 
# 
loop_
_struct_asym.id 
_struct_asym.pdbx_blank_PDB_chainid_flag 
_struct_asym.pdbx_modified 
_struct_asym.entity_id 
_struct_asym.details 
A N N 1 ? 
B N N 1 ? 
C N N 2 ? 
D N N 3 ? 
E N N 4 ? 
F N N 4 ? 
G N N 5 ? 
H N N 5 ? 
# 
_struct_ref.id                         1 
_struct_ref.db_name                    PDB 
_struct_ref.db_code                    5LQT 
_struct_ref.pdbx_db_accession          5LQT 
_struct_ref.pdbx_db_isoform            ? 
_struct_ref.entity_id                  1 
_struct_ref.pdbx_seq_one_letter_code   ? 
_struct_ref.pdbx_align_begin           1 
# 
loop_
_struct_ref_seq.align_id 
_struct_ref_seq.ref_id 
_struct_ref_seq.pdbx_PDB_id_code 
_struct_ref_seq.pdbx_strand_id 
_struct_ref_seq.seq_align_beg 
_struct_ref_seq.pdbx_seq_align_beg_ins_code 
_struct_ref_seq.seq_align_end 
_struct_ref_seq.pdbx_seq_align_end_ins_code 
_struct_ref_seq.pdbx_db_accession 
_struct_ref_seq.db_align_beg 
_struct_ref_seq.pdbx_db_align_beg_ins_code 
_struct_ref_seq.db_align_end 
_struct_ref_seq.pdbx_db_align_end_ins_code 
_struct_ref_seq.pdbx_auth_seq_align_beg 
_struct_ref_seq.pdbx_auth_seq_align_end 
1 1 5LQT A 1 ? 10 ? 5LQT 1 ? 10 ? 1 10 
2 1 5LQT B 1 ? 10 ? 5LQT 1 ? 10 ? 1 10 
# 
_pdbx_struct_assembly.id                   1 
_pdbx_struct_assembly.details              author_and_software_defined_assembly 
_pdbx_struct_assembly.method_details       PISA 
_pdbx_struct_assembly.oligomeric_details   dimeric 
_pdbx_struct_assembly.oligomeric_count     2 
# 
loop_
_pdbx_struct_assembly_prop.biol_id 
_pdbx_struct_assembly_prop.type 
_pdbx_struct_assembly_prop.value 
_pdbx_struct_assembly_prop.details 
1 'ABSA (A^2)' 4020 ? 
1 MORE         -15  ? 
1 'SSA (A^2)'  3200 ? 
# 
_pdbx_struct_assembly_gen.assembly_id       1 
_pdbx_struct_assembly_gen.oper_expression   1 
_pdbx_struct_assembly_gen.asym_id_list      A,B,C,D,E,F,G,H 
# 
_pdbx_struct_oper_list.id                   1 
_pdbx_struct_oper_list.type                 'identity operation' 
_pdbx_struct_oper_list.name                 1_555 
_pdbx_struct_oper_list.symmetry_operation   x,y,z 
_pdbx_struct_oper_list.matrix[1][1]         1.0000000000 
_pdbx_struct_oper_list.matrix[1][2]         0.0000000000 
_pdbx_struct_oper_list.matrix[1][3]         0.0000000000 
_pdbx_struct_oper_list.vector[1]            0.0000000000 
_pdbx_struct_oper_list.matrix[2][1]         0.0000000000 
_pdbx_struct_oper_list.matrix[2][2]         1.0000000000 
_pdbx_struct_oper_list.matrix[2][3]         0.0000000000 
_pdbx_struct_oper_list.vector[2]            0.0000000000 
_pdbx_struct_oper_list.matrix[3][1]         0.0000000000 
_pdbx_struct_oper_list.matrix[3][2]         0.0000000000 
_pdbx_struct_oper_list.matrix[3][3]         1.0000000000 
_pdbx_struct_oper_list.vector[3]            0.0000000000 
# 
loop_
_struct_conn.id 
_struct_conn.conn_type_id 
_struct_conn.pdbx_leaving_atom_flag 
_struct_conn.pdbx_PDB_id 
_struct_conn.ptnr1_label_asym_id 
_struct_conn.ptnr1_label_comp_id 
_struct_conn.ptnr1_label_seq_id 
_struct_conn.ptnr1_label_atom_id 
_struct_conn.pdbx_ptnr1_label_alt_id 
_struct_conn.pdbx_ptnr1_PDB_ins_code 
_struct_conn.pdbx_ptnr1_standard_comp_id 
_struct_conn.ptnr1_symmetry 
_struct_conn.ptnr2_label_asym_id 
_struct_conn.ptnr2_label_comp_id 
_struct_conn.ptnr2_label_seq_id 
_struct_conn.ptnr2_label_atom_id 
_struct_conn.pdbx_ptnr2_label_alt_id 
_struct_conn.pdbx_ptnr2_PDB_ins_code 
_struct_conn.ptnr1_auth_asym_id 
_struct_conn.ptnr1_auth_comp_id 
_struct_conn.ptnr1_auth_seq_id 
_struct_conn.ptnr2_auth_asym_id 
_struct_conn.ptnr2_auth_comp_id 
_struct_conn.ptnr2_auth_seq_id 
_struct_conn.ptnr2_symmetry 
_struct_conn.pdbx_ptnr3_label_atom_id 
_struct_conn.pdbx_ptnr3_label_seq_id 
_struct_conn.pdbx_ptnr3_label_comp_id 
_struct_conn.pdbx_ptnr3_label_asym_id 
_struct_conn.pdbx_ptnr3_label_alt_id 
_struct_conn.pdbx_ptnr3_PDB_ins_code 
_struct_conn.details 
_struct_conn.pdbx_dist_value 
_struct_conn.pdbx_value_order 
_struct_conn.pdbx_role 
covale1  covale both ? A G   1  "O3'" ? ? ? 1_555 A CBV 2  P  ? ? A G   1   A CBV 2   1_555 ? ? ? ? ? ? ?            1.613 ? ? 
covale2  covale one  ? A CBV 2  "O3'" ? ? ? 1_555 A C   3  P  ? ? A CBV 2   A C   3   1_555 ? ? ? ? ? ? ?            1.598 ? ? 
covale3  covale both ? A G   5  "O3'" ? ? ? 1_555 A 6MZ 6  P  ? ? A G   5   A 6MZ 6   1_555 ? ? ? ? ? ? ?            1.658 ? ? 
covale4  covale both ? A 6MZ 6  "O3'" ? ? ? 1_555 A C   7  P  ? ? A 6MZ 6   A C   7   1_555 ? ? ? ? ? ? ?            1.585 ? ? 
covale5  covale both ? B G   1  "O3'" ? ? ? 1_555 B CBV 2  P  ? ? B G   1   B CBV 2   1_555 ? ? ? ? ? ? ?            1.616 ? ? 
covale6  covale one  ? B CBV 2  "O3'" ? ? ? 1_555 B C   3  P  ? ? B CBV 2   B C   3   1_555 ? ? ? ? ? ? ?            1.599 ? ? 
covale7  covale both ? B G   5  "O3'" ? ? ? 1_555 B 6MZ 6  P  ? ? B G   5   B 6MZ 6   1_555 ? ? ? ? ? ? ?            1.670 ? ? 
covale8  covale both ? B 6MZ 6  "O3'" ? ? ? 1_555 B C   7  P  ? ? B 6MZ 6   B C   7   1_555 ? ? ? ? ? ? ?            1.573 ? ? 
metalc1  metalc ?    ? A G   1  "O3'" ? ? ? 1_555 C CA  .  CA ? ? A G   1   A CA  101 1_555 ? ? ? ? ? ? ?            3.036 ? ? 
metalc2  metalc ?    ? A CBV 2  O1P   ? ? ? 1_555 C CA  .  CA ? ? A CBV 2   A CA  101 1_555 ? ? ? ? ? ? ?            3.131 ? ? 
metalc3  metalc ?    ? A CBV 2  O2    ? ? ? 1_555 D NA  .  NA ? ? A CBV 2   A NA  102 1_555 ? ? ? ? ? ? ?            2.555 ? ? 
metalc4  metalc ?    ? A C   3  "O3'" ? ? ? 1_555 D NA  .  NA ? ? A C   3   A NA  102 7_645 ? ? ? ? ? ? ?            2.794 ? ? 
metalc5  metalc ?    ? A G   4  OP1   ? ? ? 1_555 D NA  .  NA ? ? A G   4   A NA  102 7_645 ? ? ? ? ? ? ?            3.197 ? ? 
metalc6  metalc ?    ? A G   5  OP1   ? ? ? 1_555 F MG  .  MG ? ? A G   5   B MG  101 7_645 ? ? ? ? ? ? ?            2.299 ? ? 
metalc7  metalc ?    ? D NA  .  NA    ? ? ? 1_555 G HOH .  O  ? ? A NA  102 A HOH 228 1_555 ? ? ? ? ? ? ?            3.020 ? ? 
metalc8  metalc ?    ? D NA  .  NA    ? ? ? 1_555 H HOH .  O  ? ? A NA  102 B HOH 207 1_555 ? ? ? ? ? ? ?            2.954 ? ? 
metalc9  metalc ?    ? E MG  .  MG    ? ? ? 1_555 G HOH .  O  ? ? A MG  103 A HOH 205 1_555 ? ? ? ? ? ? ?            2.182 ? ? 
metalc10 metalc ?    ? E MG  .  MG    ? ? ? 1_555 G HOH .  O  ? ? A MG  103 A HOH 211 1_555 ? ? ? ? ? ? ?            2.186 ? ? 
metalc11 metalc ?    ? E MG  .  MG    ? ? ? 1_555 G HOH .  O  ? ? A MG  103 A HOH 223 1_555 ? ? ? ? ? ? ?            2.180 ? ? 
metalc12 metalc ?    ? E MG  .  MG    ? ? ? 1_555 G HOH .  O  ? ? A MG  103 A HOH 229 1_555 ? ? ? ? ? ? ?            2.182 ? ? 
metalc13 metalc ?    ? E MG  .  MG    ? ? ? 1_555 G HOH .  O  ? ? A MG  103 A HOH 230 1_555 ? ? ? ? ? ? ?            2.183 ? ? 
metalc14 metalc ?    ? E MG  .  MG    ? ? ? 1_555 G HOH .  O  ? ? A MG  103 A HOH 231 1_555 ? ? ? ? ? ? ?            2.177 ? ? 
metalc15 metalc ?    ? G HOH .  O     ? ? ? 7_645 F MG  .  MG ? ? A HOH 208 B MG  101 1_555 ? ? ? ? ? ? ?            2.574 ? ? 
metalc16 metalc ?    ? G HOH .  O     ? ? ? 7_645 F MG  .  MG ? ? A HOH 224 B MG  101 1_555 ? ? ? ? ? ? ?            2.245 ? ? 
metalc17 metalc ?    ? B C   10 "O3'" ? ? ? 1_555 F MG  .  MG ? ? B C   10  B MG  101 1_555 ? ? ? ? ? ? ?            2.383 ? ? 
metalc18 metalc ?    ? B C   10 "O2'" ? ? ? 1_555 F MG  .  MG ? ? B C   10  B MG  101 1_555 ? ? ? ? ? ? ?            2.589 ? ? 
metalc19 metalc ?    ? F MG  .  MG    ? ? ? 1_555 H HOH .  O  ? ? B MG  101 B HOH 213 1_555 ? ? ? ? ? ? ?            2.379 ? ? 
metalc20 metalc ?    ? F MG  .  MG    ? ? ? 1_555 H HOH .  O  ? ? B MG  101 B HOH 214 4_555 ? ? ? ? ? ? ?            2.315 ? ? 
hydrog1  hydrog ?    ? A G   1  N1    ? ? ? 1_555 B C   10 N3 ? ? A G   1   B C   10  1_555 ? ? ? ? ? ? WATSON-CRICK ?     ? ? 
hydrog2  hydrog ?    ? A G   1  N2    ? ? ? 1_555 B C   10 O2 ? ? A G   1   B C   10  1_555 ? ? ? ? ? ? WATSON-CRICK ?     ? ? 
hydrog3  hydrog ?    ? A G   1  O6    ? ? ? 1_555 B C   10 N4 ? ? A G   1   B C   10  1_555 ? ? ? ? ? ? WATSON-CRICK ?     ? ? 
hydrog4  hydrog ?    ? A CBV 2  N3    ? ? ? 1_555 B G   9  N1 ? ? A CBV 2   B G   9   1_555 ? ? ? ? ? ? WATSON-CRICK ?     ? ? 
hydrog5  hydrog ?    ? A CBV 2  N4    ? ? ? 1_555 B G   9  O6 ? ? A CBV 2   B G   9   1_555 ? ? ? ? ? ? WATSON-CRICK ?     ? ? 
hydrog6  hydrog ?    ? A CBV 2  O2    ? ? ? 1_555 B G   9  N2 ? ? A CBV 2   B G   9   1_555 ? ? ? ? ? ? WATSON-CRICK ?     ? ? 
hydrog7  hydrog ?    ? A C   3  N3    ? ? ? 1_555 B G   8  N1 ? ? A C   3   B G   8   1_555 ? ? ? ? ? ? WATSON-CRICK ?     ? ? 
hydrog8  hydrog ?    ? A C   3  N4    ? ? ? 1_555 B G   8  O6 ? ? A C   3   B G   8   1_555 ? ? ? ? ? ? WATSON-CRICK ?     ? ? 
hydrog9  hydrog ?    ? A C   3  O2    ? ? ? 1_555 B G   8  N2 ? ? A C   3   B G   8   1_555 ? ? ? ? ? ? WATSON-CRICK ?     ? ? 
hydrog10 hydrog ?    ? A G   4  N1    ? ? ? 1_555 B C   7  N3 ? ? A G   4   B C   7   1_555 ? ? ? ? ? ? WATSON-CRICK ?     ? ? 
hydrog11 hydrog ?    ? A G   4  N2    ? ? ? 1_555 B C   7  O2 ? ? A G   4   B C   7   1_555 ? ? ? ? ? ? WATSON-CRICK ?     ? ? 
hydrog12 hydrog ?    ? A G   4  O6    ? ? ? 1_555 B C   7  N4 ? ? A G   4   B C   7   1_555 ? ? ? ? ? ? WATSON-CRICK ?     ? ? 
hydrog13 hydrog ?    ? A G   5  N1    ? ? ? 1_555 B 6MZ 6  N1 ? ? A G   5   B 6MZ 6   1_555 ? ? ? ? ? ? TYPE_8_PAIR  ?     ? ? 
hydrog14 hydrog ?    ? A G   5  O6    ? ? ? 1_555 B 6MZ 6  N6 ? ? A G   5   B 6MZ 6   1_555 ? ? ? ? ? ? TYPE_8_PAIR  ?     ? ? 
hydrog15 hydrog ?    ? A 6MZ 6  N1    ? ? ? 1_555 B G   5  N1 ? ? A 6MZ 6   B G   5   1_555 ? ? ? ? ? ? TYPE_8_PAIR  ?     ? ? 
hydrog16 hydrog ?    ? A 6MZ 6  N6    ? ? ? 1_555 B G   5  O6 ? ? A 6MZ 6   B G   5   1_555 ? ? ? ? ? ? TYPE_8_PAIR  ?     ? ? 
hydrog17 hydrog ?    ? A C   7  N3    ? ? ? 1_555 B G   4  N1 ? ? A C   7   B G   4   1_555 ? ? ? ? ? ? WATSON-CRICK ?     ? ? 
hydrog18 hydrog ?    ? A C   7  N4    ? ? ? 1_555 B G   4  O6 ? ? A C   7   B G   4   1_555 ? ? ? ? ? ? WATSON-CRICK ?     ? ? 
hydrog19 hydrog ?    ? A C   7  O2    ? ? ? 1_555 B G   4  N2 ? ? A C   7   B G   4   1_555 ? ? ? ? ? ? WATSON-CRICK ?     ? ? 
hydrog20 hydrog ?    ? A G   8  N1    ? ? ? 1_555 B C   3  N3 ? ? A G   8   B C   3   1_555 ? ? ? ? ? ? WATSON-CRICK ?     ? ? 
hydrog21 hydrog ?    ? A G   8  N2    ? ? ? 1_555 B C   3  O2 ? ? A G   8   B C   3   1_555 ? ? ? ? ? ? WATSON-CRICK ?     ? ? 
hydrog22 hydrog ?    ? A G   8  O6    ? ? ? 1_555 B C   3  N4 ? ? A G   8   B C   3   1_555 ? ? ? ? ? ? WATSON-CRICK ?     ? ? 
hydrog23 hydrog ?    ? A G   9  N1    ? ? ? 1_555 B CBV 2  N3 ? ? A G   9   B CBV 2   1_555 ? ? ? ? ? ? WATSON-CRICK ?     ? ? 
hydrog24 hydrog ?    ? A G   9  N2    ? ? ? 1_555 B CBV 2  O2 ? ? A G   9   B CBV 2   1_555 ? ? ? ? ? ? WATSON-CRICK ?     ? ? 
hydrog25 hydrog ?    ? A G   9  O6    ? ? ? 1_555 B CBV 2  N4 ? ? A G   9   B CBV 2   1_555 ? ? ? ? ? ? WATSON-CRICK ?     ? ? 
hydrog26 hydrog ?    ? A C   10 N3    ? ? ? 1_555 B G   1  N1 ? ? A C   10  B G   1   1_555 ? ? ? ? ? ? WATSON-CRICK ?     ? ? 
hydrog27 hydrog ?    ? A C   10 N4    ? ? ? 1_555 B G   1  O6 ? ? A C   10  B G   1   1_555 ? ? ? ? ? ? WATSON-CRICK ?     ? ? 
hydrog28 hydrog ?    ? A C   10 O2    ? ? ? 1_555 B G   1  N2 ? ? A C   10  B G   1   1_555 ? ? ? ? ? ? WATSON-CRICK ?     ? ? 
# 
loop_
_struct_conn_type.id 
_struct_conn_type.criteria 
_struct_conn_type.reference 
covale ? ? 
metalc ? ? 
hydrog ? ? 
# 
loop_
_pdbx_struct_conn_angle.id 
_pdbx_struct_conn_angle.ptnr1_label_atom_id 
_pdbx_struct_conn_angle.ptnr1_label_alt_id 
_pdbx_struct_conn_angle.ptnr1_label_asym_id 
_pdbx_struct_conn_angle.ptnr1_label_comp_id 
_pdbx_struct_conn_angle.ptnr1_label_seq_id 
_pdbx_struct_conn_angle.ptnr1_auth_atom_id 
_pdbx_struct_conn_angle.ptnr1_auth_asym_id 
_pdbx_struct_conn_angle.ptnr1_auth_comp_id 
_pdbx_struct_conn_angle.ptnr1_auth_seq_id 
_pdbx_struct_conn_angle.ptnr1_PDB_ins_code 
_pdbx_struct_conn_angle.ptnr1_symmetry 
_pdbx_struct_conn_angle.ptnr2_label_atom_id 
_pdbx_struct_conn_angle.ptnr2_label_alt_id 
_pdbx_struct_conn_angle.ptnr2_label_asym_id 
_pdbx_struct_conn_angle.ptnr2_label_comp_id 
_pdbx_struct_conn_angle.ptnr2_label_seq_id 
_pdbx_struct_conn_angle.ptnr2_auth_atom_id 
_pdbx_struct_conn_angle.ptnr2_auth_asym_id 
_pdbx_struct_conn_angle.ptnr2_auth_comp_id 
_pdbx_struct_conn_angle.ptnr2_auth_seq_id 
_pdbx_struct_conn_angle.ptnr2_PDB_ins_code 
_pdbx_struct_conn_angle.ptnr2_symmetry 
_pdbx_struct_conn_angle.ptnr3_label_atom_id 
_pdbx_struct_conn_angle.ptnr3_label_alt_id 
_pdbx_struct_conn_angle.ptnr3_label_asym_id 
_pdbx_struct_conn_angle.ptnr3_label_comp_id 
_pdbx_struct_conn_angle.ptnr3_label_seq_id 
_pdbx_struct_conn_angle.ptnr3_auth_atom_id 
_pdbx_struct_conn_angle.ptnr3_auth_asym_id 
_pdbx_struct_conn_angle.ptnr3_auth_comp_id 
_pdbx_struct_conn_angle.ptnr3_auth_seq_id 
_pdbx_struct_conn_angle.ptnr3_PDB_ins_code 
_pdbx_struct_conn_angle.ptnr3_symmetry 
_pdbx_struct_conn_angle.value 
_pdbx_struct_conn_angle.value_esd 
1  "O3'" ? A G   1  ? A G   1   ? 1_555 CA ? C CA . ? A CA 101 ? 1_555 O1P   ? A CBV 2  ? A CBV 2   ? 1_555 43.0  ? 
2  O2    ? A CBV 2  ? A CBV 2   ? 1_555 NA ? D NA . ? A NA 102 ? 1_555 "O3'" ? A C   3  ? A C   3   ? 1_555 64.1  ? 
3  O2    ? A CBV 2  ? A CBV 2   ? 1_555 NA ? D NA . ? A NA 102 ? 1_555 OP1   ? A G   4  ? A G   4   ? 1_555 64.4  ? 
4  "O3'" ? A C   3  ? A C   3   ? 1_555 NA ? D NA . ? A NA 102 ? 1_555 OP1   ? A G   4  ? A G   4   ? 1_555 0.9   ? 
5  O2    ? A CBV 2  ? A CBV 2   ? 1_555 NA ? D NA . ? A NA 102 ? 1_555 O     ? G HOH .  ? A HOH 228 ? 1_555 128.7 ? 
6  "O3'" ? A C   3  ? A C   3   ? 1_555 NA ? D NA . ? A NA 102 ? 1_555 O     ? G HOH .  ? A HOH 228 ? 1_555 120.3 ? 
7  OP1   ? A G   4  ? A G   4   ? 1_555 NA ? D NA . ? A NA 102 ? 1_555 O     ? G HOH .  ? A HOH 228 ? 1_555 119.4 ? 
8  O2    ? A CBV 2  ? A CBV 2   ? 1_555 NA ? D NA . ? A NA 102 ? 1_555 O     ? H HOH .  ? B HOH 207 ? 1_555 103.4 ? 
9  "O3'" ? A C   3  ? A C   3   ? 1_555 NA ? D NA . ? A NA 102 ? 1_555 O     ? H HOH .  ? B HOH 207 ? 1_555 153.8 ? 
10 OP1   ? A G   4  ? A G   4   ? 1_555 NA ? D NA . ? A NA 102 ? 1_555 O     ? H HOH .  ? B HOH 207 ? 1_555 154.7 ? 
11 O     ? G HOH .  ? A HOH 228 ? 1_555 NA ? D NA . ? A NA 102 ? 1_555 O     ? H HOH .  ? B HOH 207 ? 1_555 85.7  ? 
12 OP1   ? A G   5  ? A G   5   ? 1_555 MG ? F MG . ? B MG 101 ? 7_645 O     ? G HOH .  ? A HOH 208 ? 7_645 79.5  ? 
13 OP1   ? A G   5  ? A G   5   ? 1_555 MG ? F MG . ? B MG 101 ? 7_645 O     ? G HOH .  ? A HOH 224 ? 7_645 78.6  ? 
14 O     ? G HOH .  ? A HOH 208 ? 7_645 MG ? F MG . ? B MG 101 ? 7_645 O     ? G HOH .  ? A HOH 224 ? 7_645 2.4   ? 
15 OP1   ? A G   5  ? A G   5   ? 1_555 MG ? F MG . ? B MG 101 ? 7_645 "O3'" ? B C   10 ? B C   10  ? 1_555 67.3  ? 
16 O     ? G HOH .  ? A HOH 208 ? 7_645 MG ? F MG . ? B MG 101 ? 7_645 "O3'" ? B C   10 ? B C   10  ? 1_555 12.4  ? 
17 O     ? G HOH .  ? A HOH 224 ? 7_645 MG ? F MG . ? B MG 101 ? 7_645 "O3'" ? B C   10 ? B C   10  ? 1_555 11.3  ? 
18 OP1   ? A G   5  ? A G   5   ? 1_555 MG ? F MG . ? B MG 101 ? 7_645 "O2'" ? B C   10 ? B C   10  ? 1_555 71.2  ? 
19 O     ? G HOH .  ? A HOH 208 ? 7_645 MG ? F MG . ? B MG 101 ? 7_645 "O2'" ? B C   10 ? B C   10  ? 1_555 8.4   ? 
20 O     ? G HOH .  ? A HOH 224 ? 7_645 MG ? F MG . ? B MG 101 ? 7_645 "O2'" ? B C   10 ? B C   10  ? 1_555 8.3   ? 
21 "O3'" ? B C   10 ? B C   10  ? 1_555 MG ? F MG . ? B MG 101 ? 7_645 "O2'" ? B C   10 ? B C   10  ? 1_555 5.4   ? 
22 OP1   ? A G   5  ? A G   5   ? 1_555 MG ? F MG . ? B MG 101 ? 7_645 O     ? H HOH .  ? B HOH 213 ? 1_555 71.7  ? 
23 O     ? G HOH .  ? A HOH 208 ? 7_645 MG ? F MG . ? B MG 101 ? 7_645 O     ? H HOH .  ? B HOH 213 ? 1_555 8.5   ? 
24 O     ? G HOH .  ? A HOH 224 ? 7_645 MG ? F MG . ? B MG 101 ? 7_645 O     ? H HOH .  ? B HOH 213 ? 1_555 7.0   ? 
25 "O3'" ? B C   10 ? B C   10  ? 1_555 MG ? F MG . ? B MG 101 ? 7_645 O     ? H HOH .  ? B HOH 213 ? 1_555 4.6   ? 
26 "O2'" ? B C   10 ? B C   10  ? 1_555 MG ? F MG . ? B MG 101 ? 7_645 O     ? H HOH .  ? B HOH 213 ? 1_555 4.9   ? 
27 OP1   ? A G   5  ? A G   5   ? 1_555 MG ? F MG . ? B MG 101 ? 7_645 O     ? H HOH .  ? B HOH 214 ? 4_555 73.3  ? 
28 O     ? G HOH .  ? A HOH 208 ? 7_645 MG ? F MG . ? B MG 101 ? 7_645 O     ? H HOH .  ? B HOH 214 ? 4_555 7.2   ? 
29 O     ? G HOH .  ? A HOH 224 ? 7_645 MG ? F MG . ? B MG 101 ? 7_645 O     ? H HOH .  ? B HOH 214 ? 4_555 7.9   ? 
30 "O3'" ? B C   10 ? B C   10  ? 1_555 MG ? F MG . ? B MG 101 ? 7_645 O     ? H HOH .  ? B HOH 214 ? 4_555 8.2   ? 
31 "O2'" ? B C   10 ? B C   10  ? 1_555 MG ? F MG . ? B MG 101 ? 7_645 O     ? H HOH .  ? B HOH 214 ? 4_555 2.8   ? 
32 O     ? H HOH .  ? B HOH 213 ? 1_555 MG ? F MG . ? B MG 101 ? 7_645 O     ? H HOH .  ? B HOH 214 ? 4_555 7.1   ? 
33 O     ? G HOH .  ? A HOH 205 ? 1_555 MG ? E MG . ? A MG 103 ? 1_555 O     ? G HOH .  ? A HOH 211 ? 1_555 89.1  ? 
34 O     ? G HOH .  ? A HOH 205 ? 1_555 MG ? E MG . ? A MG 103 ? 1_555 O     ? G HOH .  ? A HOH 223 ? 1_555 90.0  ? 
35 O     ? G HOH .  ? A HOH 211 ? 1_555 MG ? E MG . ? A MG 103 ? 1_555 O     ? G HOH .  ? A HOH 223 ? 1_555 91.0  ? 
36 O     ? G HOH .  ? A HOH 205 ? 1_555 MG ? E MG . ? A MG 103 ? 1_555 O     ? G HOH .  ? A HOH 229 ? 1_555 179.1 ? 
37 O     ? G HOH .  ? A HOH 211 ? 1_555 MG ? E MG . ? A MG 103 ? 1_555 O     ? G HOH .  ? A HOH 229 ? 1_555 90.1  ? 
38 O     ? G HOH .  ? A HOH 223 ? 1_555 MG ? E MG . ? A MG 103 ? 1_555 O     ? G HOH .  ? A HOH 229 ? 1_555 90.5  ? 
39 O     ? G HOH .  ? A HOH 205 ? 1_555 MG ? E MG . ? A MG 103 ? 1_555 O     ? G HOH .  ? A HOH 230 ? 1_555 91.0  ? 
40 O     ? G HOH .  ? A HOH 211 ? 1_555 MG ? E MG . ? A MG 103 ? 1_555 O     ? G HOH .  ? A HOH 230 ? 1_555 178.9 ? 
41 O     ? G HOH .  ? A HOH 223 ? 1_555 MG ? E MG . ? A MG 103 ? 1_555 O     ? G HOH .  ? A HOH 230 ? 1_555 90.1  ? 
42 O     ? G HOH .  ? A HOH 229 ? 1_555 MG ? E MG . ? A MG 103 ? 1_555 O     ? G HOH .  ? A HOH 230 ? 1_555 89.8  ? 
43 O     ? G HOH .  ? A HOH 205 ? 1_555 MG ? E MG . ? A MG 103 ? 1_555 O     ? G HOH .  ? A HOH 231 ? 1_555 89.4  ? 
44 O     ? G HOH .  ? A HOH 211 ? 1_555 MG ? E MG . ? A MG 103 ? 1_555 O     ? G HOH .  ? A HOH 231 ? 1_555 89.7  ? 
45 O     ? G HOH .  ? A HOH 223 ? 1_555 MG ? E MG . ? A MG 103 ? 1_555 O     ? G HOH .  ? A HOH 231 ? 1_555 179.0 ? 
46 O     ? G HOH .  ? A HOH 229 ? 1_555 MG ? E MG . ? A MG 103 ? 1_555 O     ? G HOH .  ? A HOH 231 ? 1_555 90.2  ? 
47 O     ? G HOH .  ? A HOH 230 ? 1_555 MG ? E MG . ? A MG 103 ? 1_555 O     ? G HOH .  ? A HOH 231 ? 1_555 89.2  ? 
# 
loop_
_struct_site.id 
_struct_site.pdbx_evidence_code 
_struct_site.pdbx_auth_asym_id 
_struct_site.pdbx_auth_comp_id 
_struct_site.pdbx_auth_seq_id 
_struct_site.pdbx_auth_ins_code 
_struct_site.pdbx_num_residues 
_struct_site.details 
AC1 Software A CA  101 ? 3  'binding site for residue CA A 101'                
AC2 Software A NA  102 ? 5  'binding site for residue NA A 102'                
AC3 Software A MG  103 ? 6  'binding site for residue MG A 103'                
AC4 Software B MG  101 ? 6  'binding site for residue MG B 101'                
AC5 Software B G   1   ? 11 'binding site for Di-nucleotide G B 1 and CBV B 2' 
AC6 Software B CBV 2   ? 10 'binding site for Di-nucleotide CBV B 2 and C B 3' 
AC7 Software B G   5   ? 7  'binding site for Di-nucleotide G B 5 and 6MZ B 6' 
AC8 Software B 6MZ 6   ? 9  'binding site for Di-nucleotide 6MZ B 6 and C B 7' 
# 
loop_
_struct_site_gen.id 
_struct_site_gen.site_id 
_struct_site_gen.pdbx_num_res 
_struct_site_gen.label_comp_id 
_struct_site_gen.label_asym_id 
_struct_site_gen.label_seq_id 
_struct_site_gen.pdbx_auth_ins_code 
_struct_site_gen.auth_comp_id 
_struct_site_gen.auth_asym_id 
_struct_site_gen.auth_seq_id 
_struct_site_gen.label_atom_id 
_struct_site_gen.label_alt_id 
_struct_site_gen.symmetry 
_struct_site_gen.details 
1  AC1 3  G   A 1  ? G   A 1   . ? 1_555 ? 
2  AC1 3  CBV A 2  ? CBV A 2   . ? 1_555 ? 
3  AC1 3  C   B 7  ? C   B 7   . ? 7_655 ? 
4  AC2 5  CBV A 2  ? CBV A 2   . ? 1_555 ? 
5  AC2 5  C   A 3  ? C   A 3   . ? 7_645 ? 
6  AC2 5  G   A 4  ? G   A 4   . ? 7_645 ? 
7  AC2 5  HOH G .  ? HOH A 228 . ? 1_555 ? 
8  AC2 5  HOH H .  ? HOH B 207 . ? 1_555 ? 
9  AC3 6  HOH G .  ? HOH A 205 . ? 1_555 ? 
10 AC3 6  HOH G .  ? HOH A 211 . ? 1_555 ? 
11 AC3 6  HOH G .  ? HOH A 223 . ? 1_555 ? 
12 AC3 6  HOH G .  ? HOH A 229 . ? 1_555 ? 
13 AC3 6  HOH G .  ? HOH A 230 . ? 1_555 ? 
14 AC3 6  HOH G .  ? HOH A 231 . ? 1_555 ? 
15 AC4 6  G   A 5  ? G   A 5   . ? 7_645 ? 
16 AC4 6  HOH G .  ? HOH A 208 . ? 7_645 ? 
17 AC4 6  HOH G .  ? HOH A 224 . ? 7_645 ? 
18 AC4 6  C   B 10 ? C   B 10  . ? 1_555 ? 
19 AC4 6  HOH H .  ? HOH B 213 . ? 1_555 ? 
20 AC4 6  HOH H .  ? HOH B 214 . ? 4_555 ? 
21 AC5 11 G   A 1  ? G   A 1   . ? 3_544 ? 
22 AC5 11 G   A 9  ? G   A 9   . ? 1_555 ? 
23 AC5 11 C   A 10 ? C   A 10  . ? 1_555 ? 
24 AC5 11 HOH G .  ? HOH A 214 . ? 1_555 ? 
25 AC5 11 C   B 3  ? C   B 3   . ? 1_555 ? 
26 AC5 11 C   B 10 ? C   B 10  . ? 3_544 ? 
27 AC5 11 HOH H .  ? HOH B 202 . ? 1_555 ? 
28 AC5 11 HOH H .  ? HOH B 204 . ? 1_555 ? 
29 AC5 11 HOH H .  ? HOH B 206 . ? 1_555 ? 
30 AC5 11 HOH H .  ? HOH B 212 . ? 1_555 ? 
31 AC5 11 HOH H .  ? HOH B 214 . ? 1_555 ? 
32 AC6 10 G   A 8  ? G   A 8   . ? 1_555 ? 
33 AC6 10 G   A 9  ? G   A 9   . ? 1_555 ? 
34 AC6 10 C   A 10 ? C   A 10  . ? 1_555 ? 
35 AC6 10 HOH G .  ? HOH A 214 . ? 1_555 ? 
36 AC6 10 G   B 1  ? G   B 1   . ? 1_555 ? 
37 AC6 10 G   B 4  ? G   B 4   . ? 1_555 ? 
38 AC6 10 HOH H .  ? HOH B 202 . ? 1_555 ? 
39 AC6 10 HOH H .  ? HOH B 206 . ? 1_555 ? 
40 AC6 10 HOH H .  ? HOH B 212 . ? 1_555 ? 
41 AC6 10 HOH H .  ? HOH B 217 . ? 1_555 ? 
42 AC7 7  G   A 5  ? G   A 5   . ? 1_555 ? 
43 AC7 7  6MZ A 6  ? 6MZ A 6   . ? 1_555 ? 
44 AC7 7  C   A 7  ? C   A 7   . ? 1_555 ? 
45 AC7 7  G   B 4  ? G   B 4   . ? 1_555 ? 
46 AC7 7  C   B 7  ? C   B 7   . ? 1_555 ? 
47 AC7 7  HOH H .  ? HOH B 210 . ? 1_555 ? 
48 AC7 7  HOH H .  ? HOH B 216 . ? 1_555 ? 
49 AC8 9  G   A 4  ? G   A 4   . ? 1_555 ? 
50 AC8 9  G   A 5  ? G   A 5   . ? 1_555 ? 
51 AC8 9  6MZ A 6  ? 6MZ A 6   . ? 1_555 ? 
52 AC8 9  C   A 10 ? C   A 10  . ? 5_544 ? 
53 AC8 9  CA  C .  ? CA  A 101 . ? 7_545 ? 
54 AC8 9  G   B 5  ? G   B 5   . ? 1_555 ? 
55 AC8 9  G   B 8  ? G   B 8   . ? 1_555 ? 
56 AC8 9  HOH H .  ? HOH B 210 . ? 1_555 ? 
57 AC8 9  HOH H .  ? HOH B 211 . ? 1_555 ? 
# 
loop_
_pdbx_validate_close_contact.id 
_pdbx_validate_close_contact.PDB_model_num 
_pdbx_validate_close_contact.auth_atom_id_1 
_pdbx_validate_close_contact.auth_asym_id_1 
_pdbx_validate_close_contact.auth_comp_id_1 
_pdbx_validate_close_contact.auth_seq_id_1 
_pdbx_validate_close_contact.PDB_ins_code_1 
_pdbx_validate_close_contact.label_alt_id_1 
_pdbx_validate_close_contact.auth_atom_id_2 
_pdbx_validate_close_contact.auth_asym_id_2 
_pdbx_validate_close_contact.auth_comp_id_2 
_pdbx_validate_close_contact.auth_seq_id_2 
_pdbx_validate_close_contact.PDB_ins_code_2 
_pdbx_validate_close_contact.label_alt_id_2 
_pdbx_validate_close_contact.dist 
1 1 "O4'" B G   9  ? ? O B HOH 201 ? ? 1.81 
2 1 "O5'" B G   9  ? ? O B HOH 201 ? ? 1.81 
3 1 "C4'" B G   9  ? ? O B HOH 201 ? ? 1.85 
4 1 "C3'" B G   9  ? ? O B HOH 201 ? ? 1.86 
5 1 O2P   B CBV 2  ? ? O B HOH 202 ? ? 1.97 
6 1 C8    B G   9  ? ? O B HOH 201 ? ? 2.12 
7 1 OP1   B C   10 ? ? O B HOH 203 ? ? 2.18 
8 1 "C5'" B G   9  ? ? O B HOH 201 ? ? 2.19 
# 
loop_
_chem_comp_atom.comp_id 
_chem_comp_atom.atom_id 
_chem_comp_atom.type_symbol 
_chem_comp_atom.pdbx_aromatic_flag 
_chem_comp_atom.pdbx_stereo_config 
_chem_comp_atom.pdbx_ordinal 
6MZ C2     C  Y N 1   
6MZ C4     C  Y N 2   
6MZ C5     C  Y N 3   
6MZ O1P    O  N N 4   
6MZ O2P    O  N N 5   
6MZ N9     N  Y N 6   
6MZ N3     N  Y N 7   
6MZ N1     N  Y N 8   
6MZ C6     C  Y N 9   
6MZ N6     N  N N 10  
6MZ C9     C  N N 11  
6MZ N7     N  Y N 12  
6MZ C8     C  Y N 13  
6MZ "O5'"  O  N N 14  
6MZ "C5'"  C  N N 15  
6MZ "C4'"  C  N R 16  
6MZ "O4'"  O  N N 17  
6MZ "C1'"  C  N R 18  
6MZ "C2'"  C  N R 19  
6MZ "O2'"  O  N N 20  
6MZ "C3'"  C  N S 21  
6MZ "O3'"  O  N N 22  
6MZ P      P  N N 23  
6MZ O3P    O  N N 24  
6MZ H2     H  N N 25  
6MZ H1P    H  N N 26  
6MZ H8     H  N N 27  
6MZ "H1'"  H  N N 28  
6MZ H9C1   H  N N 29  
6MZ H9C2   H  N N 30  
6MZ "H5'1" H  N N 31  
6MZ "H5'2" H  N N 32  
6MZ "H4'"  H  N N 33  
6MZ "H3'"  H  N N 34  
6MZ "H2'"  H  N N 35  
6MZ HA     H  N N 36  
6MZ HB     H  N N 37  
6MZ H3P    H  N N 38  
6MZ H6     H  N N 39  
6MZ H9     H  N N 40  
C   OP3    O  N N 41  
C   P      P  N N 42  
C   OP1    O  N N 43  
C   OP2    O  N N 44  
C   "O5'"  O  N N 45  
C   "C5'"  C  N N 46  
C   "C4'"  C  N R 47  
C   "O4'"  O  N N 48  
C   "C3'"  C  N S 49  
C   "O3'"  O  N N 50  
C   "C2'"  C  N R 51  
C   "O2'"  O  N N 52  
C   "C1'"  C  N R 53  
C   N1     N  N N 54  
C   C2     C  N N 55  
C   O2     O  N N 56  
C   N3     N  N N 57  
C   C4     C  N N 58  
C   N4     N  N N 59  
C   C5     C  N N 60  
C   C6     C  N N 61  
C   HOP3   H  N N 62  
C   HOP2   H  N N 63  
C   "H5'"  H  N N 64  
C   "H5''" H  N N 65  
C   "H4'"  H  N N 66  
C   "H3'"  H  N N 67  
C   "HO3'" H  N N 68  
C   "H2'"  H  N N 69  
C   "HO2'" H  N N 70  
C   "H1'"  H  N N 71  
C   H41    H  N N 72  
C   H42    H  N N 73  
C   H5     H  N N 74  
C   H6     H  N N 75  
CA  CA     CA N N 76  
CBV O3P    O  N N 77  
CBV P      P  N N 78  
CBV O1P    O  N N 79  
CBV O2P    O  N N 80  
CBV "O5'"  O  N N 81  
CBV "C5'"  C  N N 82  
CBV "C4'"  C  N R 83  
CBV "O4'"  O  N N 84  
CBV "C3'"  C  N S 85  
CBV "O3'"  O  N N 86  
CBV "C2'"  C  N R 87  
CBV "O2'"  O  N N 88  
CBV "C1'"  C  N R 89  
CBV N1     N  N N 90  
CBV C2     C  N N 91  
CBV O2     O  N N 92  
CBV N3     N  N N 93  
CBV C4     C  N N 94  
CBV N4     N  N N 95  
CBV C5     C  N N 96  
CBV C6     C  N N 97  
CBV BR     BR N N 98  
CBV HO3P   H  N N 99  
CBV HO1P   H  N N 100 
CBV "H5'1" H  N N 101 
CBV "H5'2" H  N N 102 
CBV "H4'"  H  N N 103 
CBV "H3'"  H  N N 104 
CBV "HO3'" H  N N 105 
CBV "H2'"  H  N N 106 
CBV "HO2'" H  N N 107 
CBV "H1'"  H  N N 108 
CBV HN41   H  N N 109 
CBV HN42   H  N N 110 
CBV H6     H  N N 111 
G   OP3    O  N N 112 
G   P      P  N N 113 
G   OP1    O  N N 114 
G   OP2    O  N N 115 
G   "O5'"  O  N N 116 
G   "C5'"  C  N N 117 
G   "C4'"  C  N R 118 
G   "O4'"  O  N N 119 
G   "C3'"  C  N S 120 
G   "O3'"  O  N N 121 
G   "C2'"  C  N R 122 
G   "O2'"  O  N N 123 
G   "C1'"  C  N R 124 
G   N9     N  Y N 125 
G   C8     C  Y N 126 
G   N7     N  Y N 127 
G   C5     C  Y N 128 
G   C6     C  N N 129 
G   O6     O  N N 130 
G   N1     N  N N 131 
G   C2     C  N N 132 
G   N2     N  N N 133 
G   N3     N  N N 134 
G   C4     C  Y N 135 
G   HOP3   H  N N 136 
G   HOP2   H  N N 137 
G   "H5'"  H  N N 138 
G   "H5''" H  N N 139 
G   "H4'"  H  N N 140 
G   "H3'"  H  N N 141 
G   "HO3'" H  N N 142 
G   "H2'"  H  N N 143 
G   "HO2'" H  N N 144 
G   "H1'"  H  N N 145 
G   H8     H  N N 146 
G   H1     H  N N 147 
G   H21    H  N N 148 
G   H22    H  N N 149 
HOH O      O  N N 150 
HOH H1     H  N N 151 
HOH H2     H  N N 152 
MG  MG     MG N N 153 
NA  NA     NA N N 154 
# 
loop_
_chem_comp_bond.comp_id 
_chem_comp_bond.atom_id_1 
_chem_comp_bond.atom_id_2 
_chem_comp_bond.value_order 
_chem_comp_bond.pdbx_aromatic_flag 
_chem_comp_bond.pdbx_stereo_config 
_chem_comp_bond.pdbx_ordinal 
6MZ C4    C5     sing Y N 1   
6MZ C4    N9     sing Y N 2   
6MZ C2    N3     sing Y N 3   
6MZ C4    N3     doub Y N 4   
6MZ C2    N1     doub Y N 5   
6MZ C5    C6     doub Y N 6   
6MZ N1    C6     sing Y N 7   
6MZ C6    N6     sing N N 8   
6MZ N6    C9     sing N N 9   
6MZ C5    N7     sing Y N 10  
6MZ N9    C8     sing Y N 11  
6MZ N7    C8     doub Y N 12  
6MZ "O5'" "C5'"  sing N N 13  
6MZ "C1'" "H1'"  sing N N 14  
6MZ C9    H9C1   sing N N 15  
6MZ C9    H9C2   sing N N 16  
6MZ "C5'" "H5'1" sing N N 17  
6MZ "C5'" "H5'2" sing N N 18  
6MZ "C4'" "H4'"  sing N N 19  
6MZ "C3'" "H3'"  sing N N 20  
6MZ "C2'" "H2'"  sing N N 21  
6MZ "O2'" HA     sing N N 22  
6MZ "O3'" HB     sing N N 23  
6MZ O3P   H3P    sing N N 24  
6MZ "C5'" "C4'"  sing N N 25  
6MZ "C4'" "O4'"  sing N N 26  
6MZ N9    "C1'"  sing N N 27  
6MZ "O4'" "C1'"  sing N N 28  
6MZ "C1'" "C2'"  sing N N 29  
6MZ "C2'" "O2'"  sing N N 30  
6MZ "C4'" "C3'"  sing N N 31  
6MZ "C2'" "C3'"  sing N N 32  
6MZ "C3'" "O3'"  sing N N 33  
6MZ O1P   P      sing N N 34  
6MZ O2P   P      doub N N 35  
6MZ "O5'" P      sing N N 36  
6MZ P     O3P    sing N N 37  
6MZ C2    H2     sing N N 38  
6MZ O1P   H1P    sing N N 39  
6MZ C8    H8     sing N N 40  
6MZ N6    H6     sing N N 41  
6MZ C9    H9     sing N N 42  
C   OP3   P      sing N N 43  
C   OP3   HOP3   sing N N 44  
C   P     OP1    doub N N 45  
C   P     OP2    sing N N 46  
C   P     "O5'"  sing N N 47  
C   OP2   HOP2   sing N N 48  
C   "O5'" "C5'"  sing N N 49  
C   "C5'" "C4'"  sing N N 50  
C   "C5'" "H5'"  sing N N 51  
C   "C5'" "H5''" sing N N 52  
C   "C4'" "O4'"  sing N N 53  
C   "C4'" "C3'"  sing N N 54  
C   "C4'" "H4'"  sing N N 55  
C   "O4'" "C1'"  sing N N 56  
C   "C3'" "O3'"  sing N N 57  
C   "C3'" "C2'"  sing N N 58  
C   "C3'" "H3'"  sing N N 59  
C   "O3'" "HO3'" sing N N 60  
C   "C2'" "O2'"  sing N N 61  
C   "C2'" "C1'"  sing N N 62  
C   "C2'" "H2'"  sing N N 63  
C   "O2'" "HO2'" sing N N 64  
C   "C1'" N1     sing N N 65  
C   "C1'" "H1'"  sing N N 66  
C   N1    C2     sing N N 67  
C   N1    C6     sing N N 68  
C   C2    O2     doub N N 69  
C   C2    N3     sing N N 70  
C   N3    C4     doub N N 71  
C   C4    N4     sing N N 72  
C   C4    C5     sing N N 73  
C   N4    H41    sing N N 74  
C   N4    H42    sing N N 75  
C   C5    C6     doub N N 76  
C   C5    H5     sing N N 77  
C   C6    H6     sing N N 78  
CBV O3P   P      sing N N 79  
CBV O3P   HO3P   sing N N 80  
CBV P     O1P    sing N N 81  
CBV P     O2P    doub N N 82  
CBV P     "O5'"  sing N N 83  
CBV O1P   HO1P   sing N N 84  
CBV "O5'" "C5'"  sing N N 85  
CBV "C5'" "C4'"  sing N N 86  
CBV "C5'" "H5'1" sing N N 87  
CBV "C5'" "H5'2" sing N N 88  
CBV "C4'" "O4'"  sing N N 89  
CBV "C4'" "C3'"  sing N N 90  
CBV "C4'" "H4'"  sing N N 91  
CBV "O4'" "C1'"  sing N N 92  
CBV "C3'" "O3'"  sing N N 93  
CBV "C3'" "C2'"  sing N N 94  
CBV "C3'" "H3'"  sing N N 95  
CBV "O3'" "HO3'" sing N N 96  
CBV "C2'" "O2'"  sing N N 97  
CBV "C2'" "C1'"  sing N N 98  
CBV "C2'" "H2'"  sing N N 99  
CBV "O2'" "HO2'" sing N N 100 
CBV "C1'" N1     sing N N 101 
CBV "C1'" "H1'"  sing N N 102 
CBV N1    C2     sing N N 103 
CBV N1    C6     sing N N 104 
CBV C2    O2     doub N N 105 
CBV C2    N3     sing N N 106 
CBV N3    C4     doub N N 107 
CBV C4    N4     sing N N 108 
CBV C4    C5     sing N N 109 
CBV N4    HN41   sing N N 110 
CBV N4    HN42   sing N N 111 
CBV C5    C6     doub N N 112 
CBV C5    BR     sing N N 113 
CBV C6    H6     sing N N 114 
G   OP3   P      sing N N 115 
G   OP3   HOP3   sing N N 116 
G   P     OP1    doub N N 117 
G   P     OP2    sing N N 118 
G   P     "O5'"  sing N N 119 
G   OP2   HOP2   sing N N 120 
G   "O5'" "C5'"  sing N N 121 
G   "C5'" "C4'"  sing N N 122 
G   "C5'" "H5'"  sing N N 123 
G   "C5'" "H5''" sing N N 124 
G   "C4'" "O4'"  sing N N 125 
G   "C4'" "C3'"  sing N N 126 
G   "C4'" "H4'"  sing N N 127 
G   "O4'" "C1'"  sing N N 128 
G   "C3'" "O3'"  sing N N 129 
G   "C3'" "C2'"  sing N N 130 
G   "C3'" "H3'"  sing N N 131 
G   "O3'" "HO3'" sing N N 132 
G   "C2'" "O2'"  sing N N 133 
G   "C2'" "C1'"  sing N N 134 
G   "C2'" "H2'"  sing N N 135 
G   "O2'" "HO2'" sing N N 136 
G   "C1'" N9     sing N N 137 
G   "C1'" "H1'"  sing N N 138 
G   N9    C8     sing Y N 139 
G   N9    C4     sing Y N 140 
G   C8    N7     doub Y N 141 
G   C8    H8     sing N N 142 
G   N7    C5     sing Y N 143 
G   C5    C6     sing N N 144 
G   C5    C4     doub Y N 145 
G   C6    O6     doub N N 146 
G   C6    N1     sing N N 147 
G   N1    C2     sing N N 148 
G   N1    H1     sing N N 149 
G   C2    N2     sing N N 150 
G   C2    N3     doub N N 151 
G   N2    H21    sing N N 152 
G   N2    H22    sing N N 153 
G   N3    C4     sing N N 154 
HOH O     H1     sing N N 155 
HOH O     H2     sing N N 156 
# 
loop_
_ndb_struct_conf_na.entry_id 
_ndb_struct_conf_na.feature 
5LQT 'double helix'        
5LQT 'a-form double helix' 
# 
loop_
_ndb_struct_na_base_pair.model_number 
_ndb_struct_na_base_pair.i_label_asym_id 
_ndb_struct_na_base_pair.i_label_comp_id 
_ndb_struct_na_base_pair.i_label_seq_id 
_ndb_struct_na_base_pair.i_symmetry 
_ndb_struct_na_base_pair.j_label_asym_id 
_ndb_struct_na_base_pair.j_label_comp_id 
_ndb_struct_na_base_pair.j_label_seq_id 
_ndb_struct_na_base_pair.j_symmetry 
_ndb_struct_na_base_pair.shear 
_ndb_struct_na_base_pair.stretch 
_ndb_struct_na_base_pair.stagger 
_ndb_struct_na_base_pair.buckle 
_ndb_struct_na_base_pair.propeller 
_ndb_struct_na_base_pair.opening 
_ndb_struct_na_base_pair.pair_number 
_ndb_struct_na_base_pair.pair_name 
_ndb_struct_na_base_pair.i_auth_asym_id 
_ndb_struct_na_base_pair.i_auth_seq_id 
_ndb_struct_na_base_pair.i_PDB_ins_code 
_ndb_struct_na_base_pair.j_auth_asym_id 
_ndb_struct_na_base_pair.j_auth_seq_id 
_ndb_struct_na_base_pair.j_PDB_ins_code 
_ndb_struct_na_base_pair.hbond_type_28 
_ndb_struct_na_base_pair.hbond_type_12 
1 A G   1  1_555 B C   10 1_555 -0.343 -0.164 0.093  -0.858 -2.581  -0.522  1  A_G1:C10_B  A 1  ? B 10 ? 19 1 
1 A CBV 2  1_555 B G   9  1_555 0.186  -0.186 -0.009 12.562 -18.513 0.743   2  A_CBV2:G9_B A 2  ? B 9  ? 19 1 
1 A C   3  1_555 B G   8  1_555 0.291  -0.210 -0.053 3.396  -17.470 0.020   3  A_C3:G8_B   A 3  ? B 8  ? 19 1 
1 A G   4  1_555 B C   7  1_555 -0.175 -0.140 0.039  -9.240 -19.770 -0.070  4  A_G4:C7_B   A 4  ? B 7  ? 19 1 
1 A G   5  1_555 B 6MZ 6  1_555 -0.085 1.491  -0.252 0.588  -13.902 -14.812 5  A_G5:6MZ6_B A 5  ? B 6  ? 8  1 
1 A 6MZ 6  1_555 B G   5  1_555 0.185  1.530  -0.227 -3.289 -11.664 -10.945 6  A_6MZ6:G5_B A 6  ? B 5  ? 8  1 
1 A C   7  1_555 B G   4  1_555 0.243  -0.300 0.208  6.571  -17.025 1.597   7  A_C7:G4_B   A 7  ? B 4  ? 19 1 
1 A G   8  1_555 B C   3  1_555 -0.150 -0.146 0.043  -1.630 -14.996 3.234   8  A_G8:C3_B   A 8  ? B 3  ? 19 1 
1 A G   9  1_555 B CBV 2  1_555 -0.221 -0.155 -0.010 -5.405 -13.630 -0.965  9  A_G9:CBV2_B A 9  ? B 2  ? 19 1 
1 A C   10 1_555 B G   1  1_555 0.279  -0.098 0.219  2.331  -8.331  -0.338  10 A_C10:G1_B  A 10 ? B 1  ? 19 1 
# 
loop_
_ndb_struct_na_base_pair_step.model_number 
_ndb_struct_na_base_pair_step.i_label_asym_id_1 
_ndb_struct_na_base_pair_step.i_label_comp_id_1 
_ndb_struct_na_base_pair_step.i_label_seq_id_1 
_ndb_struct_na_base_pair_step.i_symmetry_1 
_ndb_struct_na_base_pair_step.j_label_asym_id_1 
_ndb_struct_na_base_pair_step.j_label_comp_id_1 
_ndb_struct_na_base_pair_step.j_label_seq_id_1 
_ndb_struct_na_base_pair_step.j_symmetry_1 
_ndb_struct_na_base_pair_step.i_label_asym_id_2 
_ndb_struct_na_base_pair_step.i_label_comp_id_2 
_ndb_struct_na_base_pair_step.i_label_seq_id_2 
_ndb_struct_na_base_pair_step.i_symmetry_2 
_ndb_struct_na_base_pair_step.j_label_asym_id_2 
_ndb_struct_na_base_pair_step.j_label_comp_id_2 
_ndb_struct_na_base_pair_step.j_label_seq_id_2 
_ndb_struct_na_base_pair_step.j_symmetry_2 
_ndb_struct_na_base_pair_step.shift 
_ndb_struct_na_base_pair_step.slide 
_ndb_struct_na_base_pair_step.rise 
_ndb_struct_na_base_pair_step.tilt 
_ndb_struct_na_base_pair_step.roll 
_ndb_struct_na_base_pair_step.twist 
_ndb_struct_na_base_pair_step.x_displacement 
_ndb_struct_na_base_pair_step.y_displacement 
_ndb_struct_na_base_pair_step.helical_rise 
_ndb_struct_na_base_pair_step.inclination 
_ndb_struct_na_base_pair_step.tip 
_ndb_struct_na_base_pair_step.helical_twist 
_ndb_struct_na_base_pair_step.step_number 
_ndb_struct_na_base_pair_step.step_name 
_ndb_struct_na_base_pair_step.i_auth_asym_id_1 
_ndb_struct_na_base_pair_step.i_auth_seq_id_1 
_ndb_struct_na_base_pair_step.i_PDB_ins_code_1 
_ndb_struct_na_base_pair_step.j_auth_asym_id_1 
_ndb_struct_na_base_pair_step.j_auth_seq_id_1 
_ndb_struct_na_base_pair_step.j_PDB_ins_code_1 
_ndb_struct_na_base_pair_step.i_auth_asym_id_2 
_ndb_struct_na_base_pair_step.i_auth_seq_id_2 
_ndb_struct_na_base_pair_step.i_PDB_ins_code_2 
_ndb_struct_na_base_pair_step.j_auth_asym_id_2 
_ndb_struct_na_base_pair_step.j_auth_seq_id_2 
_ndb_struct_na_base_pair_step.j_PDB_ins_code_2 
1 A G   1 1_555 B C   10 1_555 A CBV 2  1_555 B G   9 1_555 -1.085 -2.194 2.894 -3.773 3.913  28.705 -5.084 1.445  2.695 7.804  
7.526  29.204 1 AA_G1CBV2:G9C10_BB  A 1 ? B 10 ? A 2  ? B 9 ? 
1 A CBV 2 1_555 B G   9  1_555 A C   3  1_555 B G   8 1_555 -0.161 -1.772 3.356 -0.110 10.751 33.866 -4.398 0.249  2.687 17.905 
0.183  35.484 2 AA_CBV2C3:G8G9_BB   A 2 ? B 9  ? A 3  ? B 8 ? 
1 A C   3 1_555 B G   8  1_555 A G   4  1_555 B C   7 1_555 0.494  -1.792 3.300 2.934  18.531 34.356 -4.671 -0.425 2.129 28.862 
-4.569 39.009 3 AA_C3G4:C7G8_BB     A 3 ? B 8  ? A 4  ? B 7 ? 
1 A G   4 1_555 B C   7  1_555 A G   5  1_555 B 6MZ 6 1_555 -1.272 -1.372 3.024 2.758  0.909  28.322 -2.976 3.155  2.845 1.851  
-5.619 28.467 4 AA_G4G5:6MZ6C7_BB   A 4 ? B 7  ? A 5  ? B 6 ? 
1 A G   5 1_555 B 6MZ 6  1_555 A 6MZ 6  1_555 B G   5 1_555 0.404  -1.591 3.412 1.315  8.386  28.956 -4.733 -0.515 2.864 16.333 
-2.562 30.150 5 AA_G56MZ6:G56MZ6_BB A 5 ? B 6  ? A 6  ? B 5 ? 
1 A 6MZ 6 1_555 B G   5  1_555 A C   7  1_555 B G   4 1_555 0.921  -1.108 3.025 -4.240 2.694  28.729 -2.724 -2.651 2.750 5.377  
8.463  29.155 6 AA_6MZ6C7:G4G5_BB   A 6 ? B 5  ? A 7  ? B 4 ? 
1 A C   7 1_555 B G   4  1_555 A G   8  1_555 B C   3 1_555 -0.278 -1.753 3.190 -1.063 15.990 29.596 -5.261 0.333  2.014 28.797 
1.915  33.571 7 AA_C7G8:C3G4_BB     A 7 ? B 4  ? A 8  ? B 3 ? 
1 A G   8 1_555 B C   3  1_555 A G   9  1_555 B CBV 2 1_555 -0.587 -1.518 3.308 -0.608 7.725  32.146 -3.925 0.933  2.886 13.703 
1.079  33.042 8 AA_G8G9:CBV2C3_BB   A 8 ? B 3  ? A 9  ? B 2 ? 
1 A G   9 1_555 B CBV 2  1_555 A C   10 1_555 B G   1 1_555 0.794  -1.843 3.066 1.617  0.663  32.917 -3.355 -1.141 3.063 1.169  
-2.851 32.962 9 AA_G9C10:G1CBV2_BB  A 9 ? B 2  ? A 10 ? B 1 ? 
# 
_atom_sites.entry_id                    5LQT 
_atom_sites.fract_transf_matrix[1][1]   -0.00749445 
_atom_sites.fract_transf_matrix[1][2]   0.00883540 
_atom_sites.fract_transf_matrix[1][3]   0.02671707 
_atom_sites.fract_transf_matrix[2][1]   -0.02531038 
_atom_sites.fract_transf_matrix[2][2]   -0.01419996 
_atom_sites.fract_transf_matrix[2][3]   -0.00240390 
_atom_sites.fract_transf_matrix[3][1]   0.00409356 
_atom_sites.fract_transf_matrix[3][2]   -0.00793509 
_atom_sites.fract_transf_matrix[3][3]   0.00377244 
_atom_sites.fract_transf_vector[1]      0.441517 
_atom_sites.fract_transf_vector[2]      -0.112784 
_atom_sites.fract_transf_vector[3]      -0.062477 
# 
loop_
_atom_type.symbol 
BR 
C  
CA 
MG 
N  
NA 
O  
P  
# 
loop_
_atom_site.group_PDB 
_atom_site.id 
_atom_site.type_symbol 
_atom_site.label_atom_id 
_atom_site.label_alt_id 
_atom_site.label_comp_id 
_atom_site.label_asym_id 
_atom_site.label_entity_id 
_atom_site.label_seq_id 
_atom_site.pdbx_PDB_ins_code 
_atom_site.Cartn_x 
_atom_site.Cartn_y 
_atom_site.Cartn_z 
_atom_site.occupancy 
_atom_site.B_iso_or_equiv 
_atom_site.pdbx_formal_charge 
_atom_site.auth_seq_id 
_atom_site.auth_comp_id 
_atom_site.auth_asym_id 
_atom_site.auth_atom_id 
_atom_site.pdbx_PDB_model_num 
ATOM   1   O  "O5'" . G   A 1 1  ? -3.298  -8.778  6.564   1.00 40.72  ? 1   G   A "O5'" 1 
ATOM   2   C  "C5'" . G   A 1 1  ? -4.107  -8.921  7.723   1.00 43.51  ? 1   G   A "C5'" 1 
ATOM   3   C  "C4'" . G   A 1 1  ? -3.310  -8.703  8.983   1.00 39.09  ? 1   G   A "C4'" 1 
ATOM   4   O  "O4'" . G   A 1 1  ? -2.293  -9.738  9.103   1.00 36.61  ? 1   G   A "O4'" 1 
ATOM   5   C  "C3'" . G   A 1 1  ? -2.531  -7.391  9.068   1.00 35.77  ? 1   G   A "C3'" 1 
ATOM   6   O  "O3'" . G   A 1 1  ? -3.338  -6.300  9.506   1.00 36.92  ? 1   G   A "O3'" 1 
ATOM   7   C  "C2'" . G   A 1 1  ? -1.404  -7.745  10.031  1.00 35.30  ? 1   G   A "C2'" 1 
ATOM   8   O  "O2'" . G   A 1 1  ? -1.897  -7.771  11.364  1.00 39.46  ? 1   G   A "O2'" 1 
ATOM   9   C  "C1'" . G   A 1 1  ? -1.101  -9.188  9.622   1.00 31.82  ? 1   G   A "C1'" 1 
ATOM   10  N  N9    . G   A 1 1  ? -0.062  -9.273  8.574   1.00 34.15  ? 1   G   A N9    1 
ATOM   11  C  C8    . G   A 1 1  ? -0.231  -9.770  7.302   1.00 34.18  ? 1   G   A C8    1 
ATOM   12  N  N7    . G   A 1 1  ? 0.850   -9.734  6.577   1.00 36.49  ? 1   G   A N7    1 
ATOM   13  C  C5    . G   A 1 1  ? 1.814   -9.195  7.421   1.00 30.09  ? 1   G   A C5    1 
ATOM   14  C  C6    . G   A 1 1  ? 3.184   -8.922  7.194   1.00 32.95  ? 1   G   A C6    1 
ATOM   15  O  O6    . G   A 1 1  ? 3.846   -9.104  6.164   1.00 34.18  ? 1   G   A O6    1 
ATOM   16  N  N1    . G   A 1 1  ? 3.802   -8.381  8.319   1.00 30.30  ? 1   G   A N1    1 
ATOM   17  C  C2    . G   A 1 1  ? 3.161   -8.132  9.509   1.00 32.68  ? 1   G   A C2    1 
ATOM   18  N  N2    . G   A 1 1  ? 3.903   -7.592  10.487  1.00 29.52  ? 1   G   A N2    1 
ATOM   19  N  N3    . G   A 1 1  ? 1.886   -8.386  9.739   1.00 31.06  ? 1   G   A N3    1 
ATOM   20  C  C4    . G   A 1 1  ? 1.267   -8.916  8.661   1.00 32.93  ? 1   G   A C4    1 
HETATM 21  O  O3P   . CBV A 1 2  ? -2.792  -5.142  7.607   1.00 45.30  ? 2   CBV A O3P   1 
HETATM 22  P  P     . CBV A 1 2  ? -3.053  -4.781  9.045   1.00 34.75  ? 2   CBV A P     1 
HETATM 23  O  O1P   . CBV A 1 2  ? -4.324  -4.275  9.692   1.00 38.18  ? 2   CBV A O1P   1 
HETATM 24  O  O2P   . CBV A 1 2  ? -2.991  -3.375  8.505   1.00 56.61  ? 2   CBV A O2P   1 
HETATM 25  O  "O5'" . CBV A 1 2  ? -1.722  -4.465  9.869   1.00 34.18  ? 2   CBV A "O5'" 1 
HETATM 26  C  "C5'" . CBV A 1 2  ? -1.765  -4.302  11.275  1.00 35.35  ? 2   CBV A "C5'" 1 
HETATM 27  C  "C4'" . CBV A 1 2  ? -0.411  -3.918  11.821  1.00 34.84  ? 2   CBV A "C4'" 1 
HETATM 28  O  "O4'" . CBV A 1 2  ? 0.535   -4.979  11.555  1.00 32.00  ? 2   CBV A "O4'" 1 
HETATM 29  C  "C3'" . CBV A 1 2  ? 0.230   -2.696  11.195  1.00 32.40  ? 2   CBV A "C3'" 1 
HETATM 30  O  "O3'" . CBV A 1 2  ? -0.272  -1.494  11.715  1.00 32.85  ? 2   CBV A "O3'" 1 
HETATM 31  C  "C2'" . CBV A 1 2  ? 1.704   -2.920  11.491  1.00 32.21  ? 2   CBV A "C2'" 1 
HETATM 32  O  "O2'" . CBV A 1 2  ? 2.004   -2.641  12.850  1.00 33.68  ? 2   CBV A "O2'" 1 
HETATM 33  C  "C1'" . CBV A 1 2  ? 1.806   -4.421  11.297  1.00 31.28  ? 2   CBV A "C1'" 1 
HETATM 34  N  N1    . CBV A 1 2  ? 2.179   -4.759  9.917   1.00 25.84  ? 2   CBV A N1    1 
HETATM 35  C  C2    . CBV A 1 2  ? 3.593   -4.652  9.553   1.00 30.74  ? 2   CBV A C2    1 
HETATM 36  O  O2    . CBV A 1 2  ? 4.376   -4.283  10.357  1.00 33.77  ? 2   CBV A O2    1 
HETATM 37  N  N3    . CBV A 1 2  ? 4.002   -5.007  8.192   1.00 28.40  ? 2   CBV A N3    1 
HETATM 38  C  C4    . CBV A 1 2  ? 3.056   -5.462  7.220   1.00 29.04  ? 2   CBV A C4    1 
HETATM 39  N  N4    . CBV A 1 2  ? 3.514   -5.799  5.892   1.00 30.81  ? 2   CBV A N4    1 
HETATM 40  C  C5    . CBV A 1 2  ? 1.629   -5.540  7.596   1.00 29.15  ? 2   CBV A C5    1 
HETATM 41  C  C6    . CBV A 1 2  ? 1.183   -5.196  8.960   1.00 28.11  ? 2   CBV A C6    1 
HETATM 42  BR BR    . CBV A 1 2  ? 0.340   -6.112  6.289   1.00 35.50  ? 2   CBV A BR    1 
ATOM   43  P  P     . C   A 1 3  ? -0.456  -0.224  10.762  1.00 32.01  ? 3   C   A P     1 
ATOM   44  O  OP1   . C   A 1 3  ? -1.227  0.779   11.540  1.00 37.69  ? 3   C   A OP1   1 
ATOM   45  O  OP2   . C   A 1 3  ? -0.960  -0.638  9.426   1.00 33.57  ? 3   C   A OP2   1 
ATOM   46  O  "O5'" . C   A 1 3  ? 1.013   0.309   10.521  1.00 31.69  ? 3   C   A "O5'" 1 
ATOM   47  C  "C5'" . C   A 1 3  ? 1.802   0.807   11.585  1.00 31.36  ? 3   C   A "C5'" 1 
ATOM   48  C  "C4'" . C   A 1 3  ? 3.195   1.114   11.096  1.00 28.28  ? 3   C   A "C4'" 1 
ATOM   49  O  "O4'" . C   A 1 3  ? 3.878   -0.121  10.753  1.00 29.27  ? 3   C   A "O4'" 1 
ATOM   50  C  "C3'" . C   A 1 3  ? 3.286   1.930   9.819   1.00 28.02  ? 3   C   A "C3'" 1 
ATOM   51  O  "O3'" . C   A 1 3  ? 3.037   3.310   9.996   1.00 28.73  ? 3   C   A "O3'" 1 
ATOM   52  C  "C2'" . C   A 1 3  ? 4.690   1.602   9.336   1.00 28.72  ? 3   C   A "C2'" 1 
ATOM   53  O  "O2'" . C   A 1 3  ? 5.658   2.318   10.091  1.00 33.03  ? 3   C   A "O2'" 1 
ATOM   54  C  "C1'" . C   A 1 3  ? 4.775   0.115   9.688   1.00 29.71  ? 3   C   A "C1'" 1 
ATOM   55  N  N1    . C   A 1 3  ? 4.381   -0.710  8.525   1.00 27.58  ? 3   C   A N1    1 
ATOM   56  C  C2    . C   A 1 3  ? 5.356   -0.918  7.551   1.00 30.65  ? 3   C   A C2    1 
ATOM   57  O  O2    . C   A 1 3  ? 6.493   -0.458  7.728   1.00 29.66  ? 3   C   A O2    1 
ATOM   58  N  N3    . C   A 1 3  ? 5.051   -1.626  6.447   1.00 30.31  ? 3   C   A N3    1 
ATOM   59  C  C4    . C   A 1 3  ? 3.829   -2.110  6.277   1.00 27.02  ? 3   C   A C4    1 
ATOM   60  N  N4    . C   A 1 3  ? 3.585   -2.801  5.161   1.00 28.42  ? 3   C   A N4    1 
ATOM   61  C  C5    . C   A 1 3  ? 2.797   -1.899  7.241   1.00 29.64  ? 3   C   A C5    1 
ATOM   62  C  C6    . C   A 1 3  ? 3.107   -1.186  8.344   1.00 27.11  ? 3   C   A C6    1 
ATOM   63  P  P     . G   A 1 4  ? 2.427   4.174   8.775   1.00 31.42  ? 4   G   A P     1 
ATOM   64  O  OP1   . G   A 1 4  ? 2.276   5.561   9.288   1.00 36.99  ? 4   G   A OP1   1 
ATOM   65  O  OP2   . G   A 1 4  ? 1.250   3.476   8.194   1.00 31.40  ? 4   G   A OP2   1 
ATOM   66  O  "O5'" . G   A 1 4  ? 3.574   4.188   7.682   1.00 32.37  ? 4   G   A "O5'" 1 
ATOM   67  C  "C5'" . G   A 1 4  ? 4.796   4.847   7.953   1.00 31.81  ? 4   G   A "C5'" 1 
ATOM   68  C  "C4'" . G   A 1 4  ? 5.715   4.754   6.775   1.00 29.34  ? 4   G   A "C4'" 1 
ATOM   69  O  "O4'" . G   A 1 4  ? 6.138   3.381   6.559   1.00 29.27  ? 4   G   A "O4'" 1 
ATOM   70  C  "C3'" . G   A 1 4  ? 5.115   5.153   5.445   1.00 29.82  ? 4   G   A "C3'" 1 
ATOM   71  O  "O3'" . G   A 1 4  ? 4.986   6.557   5.317   1.00 33.51  ? 4   G   A "O3'" 1 
ATOM   72  C  "C2'" . G   A 1 4  ? 6.075   4.501   4.465   1.00 31.71  ? 4   G   A "C2'" 1 
ATOM   73  O  "O2'" . G   A 1 4  ? 7.296   5.230   4.416   1.00 35.02  ? 4   G   A "O2'" 1 
ATOM   74  C  "C1'" . G   A 1 4  ? 6.336   3.167   5.172   1.00 30.77  ? 4   G   A "C1'" 1 
ATOM   75  N  N9    . G   A 1 4  ? 5.402   2.121   4.709   1.00 27.95  ? 4   G   A N9    1 
ATOM   76  C  C8    . G   A 1 4  ? 4.216   1.727   5.280   1.00 28.26  ? 4   G   A C8    1 
ATOM   77  N  N7    . G   A 1 4  ? 3.621   0.769   4.619   1.00 28.56  ? 4   G   A N7    1 
ATOM   78  C  C5    . G   A 1 4  ? 4.463   0.520   3.541   1.00 29.18  ? 4   G   A C5    1 
ATOM   79  C  C6    . G   A 1 4  ? 4.344   -0.412  2.478   1.00 26.91  ? 4   G   A C6    1 
ATOM   80  O  O6    . G   A 1 4  ? 3.445   -1.236  2.266   1.00 30.34  ? 4   G   A O6    1 
ATOM   81  N  N1    . G   A 1 4  ? 5.421   -0.330  1.599   1.00 29.24  ? 4   G   A N1    1 
ATOM   82  C  C2    . G   A 1 4  ? 6.476   0.547   1.735   1.00 25.91  ? 4   G   A C2    1 
ATOM   83  N  N2    . G   A 1 4  ? 7.410   0.465   0.771   1.00 27.01  ? 4   G   A N2    1 
ATOM   84  N  N3    . G   A 1 4  ? 6.605   1.420   2.723   1.00 29.41  ? 4   G   A N3    1 
ATOM   85  C  C4    . G   A 1 4  ? 5.560   1.354   3.580   1.00 29.45  ? 4   G   A C4    1 
ATOM   86  P  P     . G   A 1 5  ? 3.786   7.204   4.488   1.00 34.86  ? 5   G   A P     1 
ATOM   87  O  OP1   . G   A 1 5  ? 3.542   8.542   5.037   1.00 34.73  ? 5   G   A OP1   1 
ATOM   88  O  OP2   . G   A 1 5  ? 2.691   6.262   4.419   1.00 35.53  ? 5   G   A OP2   1 
ATOM   89  O  "O5'" . G   A 1 5  ? 4.424   7.391   3.052   1.00 35.87  ? 5   G   A "O5'" 1 
ATOM   90  C  "C5'" . G   A 1 5  ? 5.659   8.091   2.910   1.00 37.20  ? 5   G   A "C5'" 1 
ATOM   91  C  "C4'" . G   A 1 5  ? 6.380   7.661   1.659   1.00 35.27  ? 5   G   A "C4'" 1 
ATOM   92  O  "O4'" . G   A 1 5  ? 6.710   6.255   1.746   1.00 36.09  ? 5   G   A "O4'" 1 
ATOM   93  C  "C3'" . G   A 1 5  ? 5.578   7.753   0.378   1.00 33.00  ? 5   G   A "C3'" 1 
ATOM   94  O  "O3'" . G   A 1 5  ? 5.437   9.070   -0.150  1.00 40.36  ? 5   G   A "O3'" 1 
ATOM   95  C  "C2'" . G   A 1 5  ? 6.324   6.787   -0.515  1.00 37.62  ? 5   G   A "C2'" 1 
ATOM   96  O  "O2'" . G   A 1 5  ? 7.540   7.325   -0.961  1.00 45.31  ? 5   G   A "O2'" 1 
ATOM   97  C  "C1'" . G   A 1 5  ? 6.601   5.661   0.473   1.00 34.28  ? 5   G   A "C1'" 1 
ATOM   98  N  N9    . G   A 1 5  ? 5.537   4.670   0.525   1.00 31.75  ? 5   G   A N9    1 
ATOM   99  C  C8    . G   A 1 5  ? 4.464   4.640   1.379   1.00 34.66  ? 5   G   A C8    1 
ATOM   100 N  N7    . G   A 1 5  ? 3.693   3.604   1.197   1.00 28.78  ? 5   G   A N7    1 
ATOM   101 C  C5    . G   A 1 5  ? 4.294   2.910   0.159   1.00 27.27  ? 5   G   A C5    1 
ATOM   102 C  C6    . G   A 1 5  ? 3.914   1.692   -0.478  1.00 25.27  ? 5   G   A C6    1 
ATOM   103 O  O6    . G   A 1 5  ? 2.931   0.986   -0.254  1.00 29.62  ? 5   G   A O6    1 
ATOM   104 N  N1    . G   A 1 5  ? 4.802   1.343   -1.491  1.00 30.69  ? 5   G   A N1    1 
ATOM   105 C  C2    . G   A 1 5  ? 5.927   2.057   -1.825  1.00 30.49  ? 5   G   A C2    1 
ATOM   106 N  N2    . G   A 1 5  ? 6.668   1.558   -2.816  1.00 33.40  ? 5   G   A N2    1 
ATOM   107 N  N3    . G   A 1 5  ? 6.294   3.187   -1.236  1.00 29.48  ? 5   G   A N3    1 
ATOM   108 C  C4    . G   A 1 5  ? 5.436   3.555   -0.263  1.00 29.74  ? 5   G   A C4    1 
HETATM 109 C  C2    . 6MZ A 1 6  ? 2.783   1.588   -5.147  1.00 39.15  ? 6   6MZ A C2    1 
HETATM 110 C  C4    . 6MZ A 1 6  ? 3.314   3.586   -4.078  1.00 36.80  ? 6   6MZ A C4    1 
HETATM 111 C  C5    . 6MZ A 1 6  ? 2.383   3.361   -3.171  1.00 36.30  ? 6   6MZ A C5    1 
HETATM 112 O  O1P   . 6MZ A 1 6  ? 2.838   9.158   -0.313  1.00 50.44  ? 6   6MZ A O1P   1 
HETATM 113 O  O2P   . 6MZ A 1 6  ? 4.426   10.976  -1.352  1.00 59.49  ? 6   6MZ A O2P   1 
HETATM 114 N  N9    . 6MZ A 1 6  ? 3.919   4.734   -3.825  1.00 37.43  ? 6   6MZ A N9    1 
HETATM 115 N  N3    . 6MZ A 1 6  ? 3.531   2.698   -5.071  1.00 43.94  ? 6   6MZ A N3    1 
HETATM 116 N  N1    . 6MZ A 1 6  ? 1.825   1.348   -4.235  1.00 37.90  ? 6   6MZ A N1    1 
HETATM 117 C  C6    . 6MZ A 1 6  ? 1.625   2.201   -3.255  1.00 35.67  ? 6   6MZ A C6    1 
HETATM 118 N  N6    . 6MZ A 1 6  ? 0.584   1.801   -2.368  1.00 41.20  ? 6   6MZ A N6    1 
HETATM 119 C  C9    . 6MZ A 1 6  ? 0.284   2.639   -1.230  1.00 41.45  ? 6   6MZ A C9    1 
HETATM 120 N  N7    . 6MZ A 1 6  ? 2.413   4.397   -2.333  1.00 38.41  ? 6   6MZ A N7    1 
HETATM 121 C  C8    . 6MZ A 1 6  ? 3.361   5.234   -2.734  1.00 40.18  ? 6   6MZ A C8    1 
HETATM 122 O  "O5'" . 6MZ A 1 6  ? 4.261   8.544   -2.376  1.00 44.87  ? 6   6MZ A "O5'" 1 
HETATM 123 C  "C5'" . 6MZ A 1 6  ? 5.236   8.818   -3.307  1.00 46.15  ? 6   6MZ A "C5'" 1 
HETATM 124 C  "C4'" . 6MZ A 1 6  ? 5.386   7.655   -4.274  1.00 40.85  ? 6   6MZ A "C4'" 1 
HETATM 125 O  "O4'" . 6MZ A 1 6  ? 5.554   6.532   -3.620  1.00 39.67  ? 6   6MZ A "O4'" 1 
HETATM 126 C  "C1'" . 6MZ A 1 6  ? 4.904   5.409   -4.436  1.00 43.34  ? 6   6MZ A "C1'" 1 
HETATM 127 C  "C2'" . 6MZ A 1 6  ? 4.395   6.184   -5.681  1.00 38.64  ? 6   6MZ A "C2'" 1 
HETATM 128 O  "O2'" . 6MZ A 1 6  ? 5.529   6.276   -6.580  1.00 41.15  ? 6   6MZ A "O2'" 1 
HETATM 129 C  "C3'" . 6MZ A 1 6  ? 4.085   7.369   -5.198  1.00 39.88  ? 6   6MZ A "C3'" 1 
HETATM 130 O  "O3'" . 6MZ A 1 6  ? 3.897   8.394   -6.233  1.00 45.72  ? 6   6MZ A "O3'" 1 
HETATM 131 P  P     . 6MZ A 1 6  ? 4.101   9.512   -1.027  1.00 54.85  ? 6   6MZ A P     1 
HETATM 132 O  O3P   . 6MZ A 1 6  ? 2.900   10.053  -1.615  1.00 64.75  ? 6   6MZ A O3P   1 
ATOM   133 P  P     . C   A 1 7  ? 2.458   8.684   -6.827  1.00 46.20  ? 7   C   A P     1 
ATOM   134 O  OP1   . C   A 1 7  ? 2.573   9.768   -7.836  1.00 55.08  ? 7   C   A OP1   1 
ATOM   135 O  OP2   . C   A 1 7  ? 1.495   8.820   -5.706  1.00 52.61  ? 7   C   A OP2   1 
ATOM   136 O  "O5'" . C   A 1 7  ? 2.096   7.342   -7.600  1.00 46.06  ? 7   C   A "O5'" 1 
ATOM   137 C  "C5'" . C   A 1 7  ? 2.919   6.866   -8.652  1.00 46.16  ? 7   C   A "C5'" 1 
ATOM   138 C  "C4'" . C   A 1 7  ? 2.476   5.501   -9.104  1.00 38.52  ? 7   C   A "C4'" 1 
ATOM   139 O  "O4'" . C   A 1 7  ? 2.604   4.549   -8.020  1.00 43.21  ? 7   C   A "O4'" 1 
ATOM   140 C  "C3'" . C   A 1 7  ? 1.022   5.385   -9.509  1.00 41.82  ? 7   C   A "C3'" 1 
ATOM   141 O  "O3'" . C   A 1 7  ? 0.775   5.900   -10.801 1.00 43.64  ? 7   C   A "O3'" 1 
ATOM   142 C  "C2'" . C   A 1 7  ? 0.770   3.891   -9.369  1.00 35.84  ? 7   C   A "C2'" 1 
ATOM   143 O  "O2'" . C   A 1 7  ? 1.344   3.177   -10.460 1.00 45.24  ? 7   C   A "O2'" 1 
ATOM   144 C  "C1'" . C   A 1 7  ? 1.577   3.581   -8.111  1.00 36.21  ? 7   C   A "C1'" 1 
ATOM   145 N  N1    . C   A 1 7  ? 0.731   3.677   -6.901  1.00 38.63  ? 7   C   A N1    1 
ATOM   146 C  C2    . C   A 1 7  ? -0.138  2.618   -6.611  1.00 40.83  ? 7   C   A C2    1 
ATOM   147 O  O2    . C   A 1 7  ? -0.159  1.630   -7.362  1.00 40.60  ? 7   C   A O2    1 
ATOM   148 N  N3    . C   A 1 7  ? -0.930  2.695   -5.521  1.00 35.35  ? 7   C   A N3    1 
ATOM   149 C  C4    . C   A 1 7  ? -0.894  3.781   -4.743  1.00 35.28  ? 7   C   A C4    1 
ATOM   150 N  N4    . C   A 1 7  ? -1.682  3.830   -3.668  1.00 39.26  ? 7   C   A N4    1 
ATOM   151 C  C5    . C   A 1 7  ? -0.022  4.873   -5.013  1.00 39.26  ? 7   C   A C5    1 
ATOM   152 C  C6    . C   A 1 7  ? 0.760   4.786   -6.094  1.00 36.44  ? 7   C   A C6    1 
ATOM   153 P  P     . G   A 1 8  ? -0.578  6.695   -11.104 1.00 46.52  ? 8   G   A P     1 
ATOM   154 O  OP1   . G   A 1 8  ? -0.404  7.388   -12.407 1.00 49.42  ? 8   G   A OP1   1 
ATOM   155 O  OP2   . G   A 1 8  ? -1.016  7.447   -9.902  1.00 48.48  ? 8   G   A OP2   1 
ATOM   156 O  "O5'" . G   A 1 8  ? -1.618  5.522   -11.323 1.00 40.89  ? 8   G   A "O5'" 1 
ATOM   157 C  "C5'" . G   A 1 8  ? -1.377  4.513   -12.277 1.00 45.16  ? 8   G   A "C5'" 1 
ATOM   158 C  "C4'" . G   A 1 8  ? -2.411  3.437   -12.147 1.00 44.97  ? 8   G   A "C4'" 1 
ATOM   159 O  "O4'" . G   A 1 8  ? -2.140  2.639   -10.967 1.00 48.62  ? 8   G   A "O4'" 1 
ATOM   160 C  "C3'" . G   A 1 8  ? -3.825  3.926   -11.916 1.00 46.39  ? 8   G   A "C3'" 1 
ATOM   161 O  "O3'" . G   A 1 8  ? -4.455  4.388   -13.086 1.00 45.36  ? 8   G   A "O3'" 1 
ATOM   162 C  "C2'" . G   A 1 8  ? -4.477  2.701   -11.307 1.00 42.80  ? 8   G   A "C2'" 1 
ATOM   163 O  "O2'" . G   A 1 8  ? -4.658  1.707   -12.305 1.00 46.55  ? 8   G   A "O2'" 1 
ATOM   164 C  "C1'" . G   A 1 8  ? -3.362  2.236   -10.382 1.00 44.83  ? 8   G   A "C1'" 1 
ATOM   165 N  N9    . G   A 1 8  ? -3.464  2.844   -9.045  1.00 44.95  ? 8   G   A N9    1 
ATOM   166 C  C8    . G   A 1 8  ? -2.760  3.896   -8.503  1.00 38.18  ? 8   G   A C8    1 
ATOM   167 N  N7    . G   A 1 8  ? -3.108  4.160   -7.269  1.00 42.83  ? 8   G   A N7    1 
ATOM   168 C  C5    . G   A 1 8  ? -4.100  3.227   -6.981  1.00 43.91  ? 8   G   A C5    1 
ATOM   169 C  C6    . G   A 1 8  ? -4.873  3.008   -5.810  1.00 38.94  ? 8   G   A C6    1 
ATOM   170 O  O6    . G   A 1 8  ? -4.825  3.602   -4.731  1.00 42.97  ? 8   G   A O6    1 
ATOM   171 N  N1    . G   A 1 8  ? -5.766  1.952   -5.975  1.00 42.15  ? 8   G   A N1    1 
ATOM   172 C  C2    . G   A 1 8  ? -5.900  1.206   -7.122  1.00 36.18  ? 8   G   A C2    1 
ATOM   173 N  N2    . G   A 1 8  ? -6.812  0.228   -7.112  1.00 45.23  ? 8   G   A N2    1 
ATOM   174 N  N3    . G   A 1 8  ? -5.193  1.398   -8.220  1.00 44.30  ? 8   G   A N3    1 
ATOM   175 C  C4    . G   A 1 8  ? -4.327  2.419   -8.072  1.00 35.64  ? 8   G   A C4    1 
ATOM   176 P  P     . G   A 1 9  ? -5.613  5.500   -12.985 1.00 44.22  ? 9   G   A P     1 
ATOM   177 O  OP1   . G   A 1 9  ? -5.826  5.976   -14.369 1.00 53.04  ? 9   G   A OP1   1 
ATOM   178 O  OP2   . G   A 1 9  ? -5.345  6.463   -11.879 1.00 48.42  ? 9   G   A OP2   1 
ATOM   179 O  "O5'" . G   A 1 9  ? -6.878  4.660   -12.521 1.00 42.09  ? 9   G   A "O5'" 1 
ATOM   180 C  "C5'" . G   A 1 9  ? -7.427  3.645   -13.345 1.00 38.32  ? 9   G   A "C5'" 1 
ATOM   181 C  "C4'" . G   A 1 9  ? -8.567  2.974   -12.634 1.00 35.12  ? 9   G   A "C4'" 1 
ATOM   182 O  "O4'" . G   A 1 9  ? -8.051  2.254   -11.483 1.00 39.85  ? 9   G   A "O4'" 1 
ATOM   183 C  "C3'" . G   A 1 9  ? -9.600  3.910   -12.026 1.00 36.24  ? 9   G   A "C3'" 1 
ATOM   184 O  "O3'" . G   A 1 9  ? -10.526 4.433   -12.966 1.00 38.18  ? 9   G   A "O3'" 1 
ATOM   185 C  "C2'" . G   A 1 9  ? -10.222 3.036   -10.951 1.00 42.24  ? 9   G   A "C2'" 1 
ATOM   186 O  "O2'" . G   A 1 9  ? -11.088 2.072   -11.527 1.00 43.63  ? 9   G   A "O2'" 1 
ATOM   187 C  "C1'" . G   A 1 9  ? -8.980  2.323   -10.415 1.00 35.98  ? 9   G   A "C1'" 1 
ATOM   188 N  N9    . G   A 1 9  ? -8.405  3.114   -9.307  1.00 36.57  ? 9   G   A N9    1 
ATOM   189 C  C8    . G   A 1 9  ? -7.375  4.025   -9.371  1.00 36.34  ? 9   G   A C8    1 
ATOM   190 N  N7    . G   A 1 9  ? -7.151  4.619   -8.228  1.00 33.75  ? 9   G   A N7    1 
ATOM   191 C  C5    . G   A 1 9  ? -8.085  4.082   -7.361  1.00 34.69  ? 9   G   A C5    1 
ATOM   192 C  C6    . G   A 1 9  ? -8.314  4.354   -5.993  1.00 37.16  ? 9   G   A C6    1 
ATOM   193 O  O6    . G   A 1 9  ? -7.724  5.132   -5.225  1.00 38.53  ? 9   G   A O6    1 
ATOM   194 N  N1    . G   A 1 9  ? -9.367  3.599   -5.487  1.00 42.42  ? 9   G   A N1    1 
ATOM   195 C  C2    . G   A 1 9  ? -10.114 2.703   -6.213  1.00 34.42  ? 9   G   A C2    1 
ATOM   196 N  N2    . G   A 1 9  ? -11.080 2.097   -5.502  1.00 38.16  ? 9   G   A N2    1 
ATOM   197 N  N3    . G   A 1 9  ? -9.908  2.439   -7.497  1.00 34.23  ? 9   G   A N3    1 
ATOM   198 C  C4    . G   A 1 9  ? -8.882  3.162   -8.015  1.00 34.03  ? 9   G   A C4    1 
ATOM   199 P  P     . C   A 1 10 ? -11.221 5.856   -12.707 1.00 41.17  ? 10  C   A P     1 
ATOM   200 O  OP1   . C   A 1 10 ? -12.114 6.062   -13.875 1.00 43.67  ? 10  C   A OP1   1 
ATOM   201 O  OP2   . C   A 1 10 ? -10.191 6.884   -12.411 1.00 44.62  ? 10  C   A OP2   1 
ATOM   202 O  "O5'" . C   A 1 10 ? -12.105 5.632   -11.400 1.00 42.61  ? 10  C   A "O5'" 1 
ATOM   203 C  "C5'" . C   A 1 10 ? -13.207 4.736   -11.408 1.00 38.14  ? 10  C   A "C5'" 1 
ATOM   204 C  "C4'" . C   A 1 10 ? -13.795 4.553   -10.033 1.00 38.88  ? 10  C   A "C4'" 1 
ATOM   205 O  "O4'" . C   A 1 10 ? -12.769 4.142   -9.086  1.00 36.98  ? 10  C   A "O4'" 1 
ATOM   206 C  "C3'" . C   A 1 10 ? -14.392 5.793   -9.392  1.00 41.03  ? 10  C   A "C3'" 1 
ATOM   207 O  "O3'" . C   A 1 10 ? -15.668 6.123   -9.907  1.00 42.17  ? 10  C   A "O3'" 1 
ATOM   208 C  "C2'" . C   A 1 10 ? -14.393 5.418   -7.920  1.00 39.26  ? 10  C   A "C2'" 1 
ATOM   209 O  "O2'" . C   A 1 10 ? -15.427 4.486   -7.644  1.00 40.36  ? 10  C   A "O2'" 1 
ATOM   210 C  "C1'" . C   A 1 10 ? -13.060 4.675   -7.811  1.00 38.90  ? 10  C   A "C1'" 1 
ATOM   211 N  N1    . C   A 1 10 ? -11.966 5.579   -7.386  1.00 35.23  ? 10  C   A N1    1 
ATOM   212 C  C2    . C   A 1 10 ? -11.858 5.849   -6.013  1.00 35.52  ? 10  C   A C2    1 
ATOM   213 O  O2    . C   A 1 10 ? -12.665 5.331   -5.229  1.00 37.50  ? 10  C   A O2    1 
ATOM   214 N  N3    . C   A 1 10 ? -10.893 6.685   -5.572  1.00 36.09  ? 10  C   A N3    1 
ATOM   215 C  C4    . C   A 1 10 ? -10.042 7.224   -6.447  1.00 35.73  ? 10  C   A C4    1 
ATOM   216 N  N4    . C   A 1 10 ? -9.102  8.040   -5.970  1.00 40.93  ? 10  C   A N4    1 
ATOM   217 C  C5    . C   A 1 10 ? -10.121 6.968   -7.848  1.00 34.83  ? 10  C   A C5    1 
ATOM   218 C  C6    . C   A 1 10 ? -11.093 6.149   -8.271  1.00 37.88  ? 10  C   A C6    1 
ATOM   219 O  "O5'" . G   B 1 1  ? -8.336  8.101   4.201   1.00 36.86  ? 1   G   B "O5'" 1 
ATOM   220 C  "C5'" . G   B 1 1  ? -9.386  7.993   5.151   1.00 36.73  ? 1   G   B "C5'" 1 
ATOM   221 C  "C4'" . G   B 1 1  ? -10.659 7.520   4.502   1.00 34.00  ? 1   G   B "C4'" 1 
ATOM   222 O  "O4'" . G   B 1 1  ? -11.052 8.470   3.473   1.00 31.28  ? 1   G   B "O4'" 1 
ATOM   223 C  "C3'" . G   B 1 1  ? -10.565 6.183   3.773   1.00 32.02  ? 1   G   B "C3'" 1 
ATOM   224 O  "O3'" . G   B 1 1  ? -10.740 5.081   4.652   1.00 35.80  ? 1   G   B "O3'" 1 
ATOM   225 C  "C2'" . G   B 1 1  ? -11.663 6.301   2.725   1.00 32.69  ? 1   G   B "C2'" 1 
ATOM   226 O  "O2'" . G   B 1 1  ? -12.935 6.104   3.331   1.00 35.00  ? 1   G   B "O2'" 1 
ATOM   227 C  "C1'" . G   B 1 1  ? -11.554 7.773   2.347   1.00 31.52  ? 1   G   B "C1'" 1 
ATOM   228 N  N9    . G   B 1 1  ? -10.655 8.009   1.200   1.00 30.70  ? 1   G   B N9    1 
ATOM   229 C  C8    . G   B 1 1  ? -9.487  8.730   1.183   1.00 31.51  ? 1   G   B C8    1 
ATOM   230 N  N7    . G   B 1 1  ? -8.919  8.790   0.010   1.00 34.03  ? 1   G   B N7    1 
ATOM   231 C  C5    . G   B 1 1  ? -9.783  8.084   -0.817  1.00 30.23  ? 1   G   B C5    1 
ATOM   232 C  C6    . G   B 1 1  ? -9.696  7.829   -2.212  1.00 32.78  ? 1   G   B C6    1 
ATOM   233 O  O6    . G   B 1 1  ? -8.805  8.185   -2.997  1.00 33.42  ? 1   G   B O6    1 
ATOM   234 N  N1    . G   B 1 1  ? -10.779 7.079   -2.650  1.00 30.90  ? 1   G   B N1    1 
ATOM   235 C  C2    . G   B 1 1  ? -11.808 6.635   -1.859  1.00 28.50  ? 1   G   B C2    1 
ATOM   236 N  N2    . G   B 1 1  ? -12.761 5.918   -2.478  1.00 31.72  ? 1   G   B N2    1 
ATOM   237 N  N3    . G   B 1 1  ? -11.909 6.880   -0.555  1.00 30.00  ? 1   G   B N3    1 
ATOM   238 C  C4    . G   B 1 1  ? -10.863 7.605   -0.104  1.00 29.10  ? 1   G   B C4    1 
HETATM 239 O  O3P   . CBV B 1 2  ? -9.256  2.357   4.356   1.00 62.04  ? 2   CBV B O3P   1 
HETATM 240 P  P     . CBV B 1 2  ? -10.029 3.655   4.383   1.00 38.27  ? 2   CBV B P     1 
HETATM 241 O  O1P   . CBV B 1 2  ? -10.541 3.196   5.730   1.00 49.53  ? 2   CBV B O1P   1 
HETATM 242 O  O2P   . CBV B 1 2  ? -8.718  4.319   4.037   1.00 45.81  ? 2   CBV B O2P   1 
HETATM 243 O  "O5'" . CBV B 1 2  ? -10.882 3.139   3.150   1.00 39.28  ? 2   CBV B "O5'" 1 
HETATM 244 C  "C5'" . CBV B 1 2  ? -12.230 2.737   3.310   1.00 42.10  ? 2   CBV B "C5'" 1 
HETATM 245 C  "C4'" . CBV B 1 2  ? -12.781 2.209   2.013   1.00 36.98  ? 2   CBV B "C4'" 1 
HETATM 246 O  "O4'" . CBV B 1 2  ? -12.824 3.266   1.022   1.00 37.92  ? 2   CBV B "O4'" 1 
HETATM 247 C  "C3'" . CBV B 1 2  ? -11.953 1.133   1.348   1.00 33.85  ? 2   CBV B "C3'" 1 
HETATM 248 O  "O3'" . CBV B 1 2  ? -12.138 -0.136  1.924   1.00 41.37  ? 2   CBV B "O3'" 1 
HETATM 249 C  "C2'" . CBV B 1 2  ? -12.417 1.219   -0.095  1.00 36.30  ? 2   CBV B "C2'" 1 
HETATM 250 O  "O2'" . CBV B 1 2  ? -13.703 0.639   -0.239  1.00 41.47  ? 2   CBV B "O2'" 1 
HETATM 251 C  "C1'" . CBV B 1 2  ? -12.560 2.723   -0.254  1.00 34.44  ? 2   CBV B "C1'" 1 
HETATM 252 N  N1    . CBV B 1 2  ? -11.324 3.340   -0.761  1.00 33.34  ? 2   CBV B N1    1 
HETATM 253 C  C2    . CBV B 1 2  ? -11.075 3.306   -2.211  1.00 33.24  ? 2   CBV B C2    1 
HETATM 254 O  O2    . CBV B 1 2  ? -11.856 2.781   -2.922  1.00 33.92  ? 2   CBV B O2    1 
HETATM 255 N  N3    . CBV B 1 2  ? -9.854  3.934   -2.755  1.00 32.87  ? 2   CBV B N3    1 
HETATM 256 C  C4    . CBV B 1 2  ? -8.911  4.576   -1.879  1.00 29.86  ? 2   CBV B C4    1 
HETATM 257 N  N4    . CBV B 1 2  ? -7.717  5.189   -2.419  1.00 31.90  ? 2   CBV B N4    1 
HETATM 258 C  C5    . CBV B 1 2  ? -9.171  4.585   -0.423  1.00 31.90  ? 2   CBV B C5    1 
HETATM 259 C  C6    . CBV B 1 2  ? -10.392 3.970   0.139   1.00 35.59  ? 2   CBV B C6    1 
HETATM 260 BR BR    . CBV B 1 2  ? -7.897  5.417   0.756   1.00 37.13  ? 2   CBV B BR    1 
ATOM   261 P  P     . C   B 1 3  ? -10.925 -1.177  1.934   1.00 43.42  ? 3   C   B P     1 
ATOM   262 O  OP1   . C   B 1 3  ? -11.379 -2.384  2.658   1.00 41.05  ? 3   C   B OP1   1 
ATOM   263 O  OP2   . C   B 1 3  ? -9.684  -0.480  2.354   1.00 45.59  ? 3   C   B OP2   1 
ATOM   264 O  "O5'" . C   B 1 3  ? -10.755 -1.553  0.401   1.00 43.71  ? 3   C   B "O5'" 1 
ATOM   265 C  "C5'" . C   B 1 3  ? -11.819 -2.158  -0.312  1.00 45.25  ? 3   C   B "C5'" 1 
ATOM   266 C  "C4'" . C   B 1 3  ? -11.486 -2.281  -1.774  1.00 41.50  ? 3   C   B "C4'" 1 
ATOM   267 O  "O4'" . C   B 1 3  ? -11.369 -0.963  -2.360  1.00 38.58  ? 3   C   B "O4'" 1 
ATOM   268 C  "C3'" . C   B 1 3  ? -10.154 -2.929  -2.096  1.00 41.92  ? 3   C   B "C3'" 1 
ATOM   269 O  "O3'" . C   B 1 3  ? -10.162 -4.337  -1.979  1.00 44.61  ? 3   C   B "O3'" 1 
ATOM   270 C  "C2'" . C   B 1 3  ? -9.882  -2.413  -3.501  1.00 45.57  ? 3   C   B "C2'" 1 
ATOM   271 O  "O2'" . C   B 1 3  ? -10.676 -3.105  -4.459  1.00 46.81  ? 3   C   B "O2'" 1 
ATOM   272 C  "C1'" . C   B 1 3  ? -10.392 -0.980  -3.384  1.00 39.27  ? 3   C   B "C1'" 1 
ATOM   273 N  N1    . C   B 1 3  ? -9.296  -0.049  -3.026  1.00 39.82  ? 3   C   B N1    1 
ATOM   274 C  C2    . C   B 1 3  ? -8.478  0.393   -4.068  1.00 38.12  ? 3   C   B C2    1 
ATOM   275 O  O2    . C   B 1 3  ? -8.737  0.000   -5.212  1.00 39.09  ? 3   C   B O2    1 
ATOM   276 N  N3    . C   B 1 3  ? -7.455  1.239   -3.803  1.00 35.54  ? 3   C   B N3    1 
ATOM   277 C  C4    . C   B 1 3  ? -7.219  1.637   -2.556  1.00 34.89  ? 3   C   B C4    1 
ATOM   278 N  N4    . C   B 1 3  ? -6.189  2.460   -2.347  1.00 38.20  ? 3   C   B N4    1 
ATOM   279 C  C5    . C   B 1 3  ? -8.022  1.192   -1.464  1.00 35.61  ? 3   C   B C5    1 
ATOM   280 C  C6    . C   B 1 3  ? -9.038  0.356   -1.742  1.00 37.97  ? 3   C   B C6    1 
ATOM   281 P  P     . G   B 1 4  ? -8.813  -5.101  -1.558  1.00 48.34  ? 4   G   B P     1 
ATOM   282 O  OP1   . G   B 1 4  ? -9.125  -6.539  -1.377  1.00 50.52  ? 4   G   B OP1   1 
ATOM   283 O  OP2   . G   B 1 4  ? -8.176  -4.338  -0.456  1.00 47.54  ? 4   G   B OP2   1 
ATOM   284 O  "O5'" . G   B 1 4  ? -7.870  -4.925  -2.823  1.00 49.53  ? 4   G   B "O5'" 1 
ATOM   285 C  "C5'" . G   B 1 4  ? -8.278  -5.395  -4.095  1.00 50.81  ? 4   G   B "C5'" 1 
ATOM   286 C  "C4'" . G   B 1 4  ? -7.290  -4.997  -5.156  1.00 51.26  ? 4   G   B "C4'" 1 
ATOM   287 O  "O4'" . G   B 1 4  ? -7.254  -3.554  -5.299  1.00 47.66  ? 4   G   B "O4'" 1 
ATOM   288 C  "C3'" . G   B 1 4  ? -5.847  -5.365  -4.878  1.00 54.12  ? 4   G   B "C3'" 1 
ATOM   289 O  "O3'" . G   B 1 4  ? -5.581  -6.730  -5.140  1.00 60.30  ? 4   G   B "O3'" 1 
ATOM   290 C  "C2'" . G   B 1 4  ? -5.090  -4.410  -5.788  1.00 44.67  ? 4   G   B "C2'" 1 
ATOM   291 O  "O2'" . G   B 1 4  ? -5.115  -4.881  -7.126  1.00 52.41  ? 4   G   B "O2'" 1 
ATOM   292 C  "C1'" . G   B 1 4  ? -5.959  -3.155  -5.707  1.00 44.10  ? 4   G   B "C1'" 1 
ATOM   293 N  N9    . G   B 1 4  ? -5.431  -2.146  -4.766  1.00 41.70  ? 4   G   B N9    1 
ATOM   294 C  C8    . G   B 1 4  ? -5.815  -1.880  -3.473  1.00 38.60  ? 4   G   B C8    1 
ATOM   295 N  N7    . G   B 1 4  ? -5.134  -0.902  -2.931  1.00 40.37  ? 4   G   B N7    1 
ATOM   296 C  C5    . G   B 1 4  ? -4.252  -0.494  -3.928  1.00 38.74  ? 4   G   B C5    1 
ATOM   297 C  C6    . G   B 1 4  ? -3.265  0.529   -3.943  1.00 41.88  ? 4   G   B C6    1 
ATOM   298 O  O6    . G   B 1 4  ? -2.951  1.317   -3.042  1.00 39.53  ? 4   G   B O6    1 
ATOM   299 N  N1    . G   B 1 4  ? -2.602  0.586   -5.170  1.00 37.44  ? 4   G   B N1    1 
ATOM   300 C  C2    . G   B 1 4  ? -2.859  -0.232  -6.240  1.00 38.49  ? 4   G   B C2    1 
ATOM   301 N  N2    . G   B 1 4  ? -2.115  -0.020  -7.334  1.00 42.96  ? 4   G   B N2    1 
ATOM   302 N  N3    . G   B 1 4  ? -3.773  -1.187  -6.247  1.00 39.16  ? 4   G   B N3    1 
ATOM   303 C  C4    . G   B 1 4  ? -4.424  -1.256  -5.063  1.00 38.61  ? 4   G   B C4    1 
ATOM   304 P  P     . G   B 1 5  ? -4.873  -7.648  -4.038  1.00 66.26  ? 5   G   B P     1 
ATOM   305 O  OP1   . G   B 1 5  ? -5.684  -8.856  -3.894  1.00 69.92  ? 5   G   B OP1   1 
ATOM   306 O  OP2   . G   B 1 5  ? -4.551  -6.844  -2.857  1.00 60.32  ? 5   G   B OP2   1 
ATOM   307 O  "O5'" . G   B 1 5  ? -3.448  -7.949  -4.668  1.00 62.39  ? 5   G   B "O5'" 1 
ATOM   308 C  "C5'" . G   B 1 5  ? -3.308  -8.371  -6.024  1.00 66.44  ? 5   G   B "C5'" 1 
ATOM   309 C  "C4'" . G   B 1 5  ? -2.188  -7.609  -6.682  1.00 64.29  ? 5   G   B "C4'" 1 
ATOM   310 O  "O4'" . G   B 1 5  ? -2.529  -6.204  -6.689  1.00 62.58  ? 5   G   B "O4'" 1 
ATOM   311 C  "C3'" . G   B 1 5  ? -0.850  -7.608  -5.968  1.00 65.07  ? 5   G   B "C3'" 1 
ATOM   312 O  "O3'" . G   B 1 5  ? -0.056  -8.809  -6.022  1.00 73.44  ? 5   G   B "O3'" 1 
ATOM   313 C  "C2'" . G   B 1 5  ? -0.178  -6.410  -6.610  1.00 70.64  ? 5   G   B "C2'" 1 
ATOM   314 O  "O2'" . G   B 1 5  ? 0.358   -6.714  -7.879  1.00 74.28  ? 5   G   B "O2'" 1 
ATOM   315 C  "C1'" . G   B 1 5  ? -1.346  -5.433  -6.708  1.00 61.82  ? 5   G   B "C1'" 1 
ATOM   316 N  N9    . G   B 1 5  ? -1.382  -4.492  -5.596  1.00 54.57  ? 5   G   B N9    1 
ATOM   317 C  C8    . G   B 1 5  ? -2.051  -4.624  -4.404  1.00 55.97  ? 5   G   B C8    1 
ATOM   318 N  N7    . G   B 1 5  ? -1.867  -3.614  -3.599  1.00 56.53  ? 5   G   B N7    1 
ATOM   319 C  C5    . G   B 1 5  ? -1.031  -2.762  -4.303  1.00 51.62  ? 5   G   B C5    1 
ATOM   320 C  C6    . G   B 1 5  ? -0.486  -1.494  -3.940  1.00 43.58  ? 5   G   B C6    1 
ATOM   321 O  O6    . G   B 1 5  ? -0.656  -0.854  -2.900  1.00 44.13  ? 5   G   B O6    1 
ATOM   322 N  N1    . G   B 1 5  ? 0.332   -0.981  -4.942  1.00 42.80  ? 5   G   B N1    1 
ATOM   323 C  C2    . G   B 1 5  ? 0.579   -1.600  -6.144  1.00 50.13  ? 5   G   B C2    1 
ATOM   324 N  N2    . G   B 1 5  ? 1.376   -0.943  -6.990  1.00 49.28  ? 5   G   B N2    1 
ATOM   325 N  N3    . G   B 1 5  ? 0.072   -2.773  -6.496  1.00 53.28  ? 5   G   B N3    1 
ATOM   326 C  C4    . G   B 1 5  ? -0.715  -3.296  -5.533  1.00 55.61  ? 5   G   B C4    1 
HETATM 327 C  C2    . 6MZ B 1 6  ? 4.702   -0.999  -4.272  1.00 29.49  ? 6   6MZ B C2    1 
HETATM 328 C  C4    . 6MZ B 1 6  ? 3.656   -3.023  -4.687  1.00 40.72  ? 6   6MZ B C4    1 
HETATM 329 C  C5    . 6MZ B 1 6  ? 2.942   -2.899  -3.563  1.00 36.98  ? 6   6MZ B C5    1 
HETATM 330 O  O1P   . 6MZ B 1 6  ? 2.167   -8.878  -3.856  1.00 84.49  ? 6   6MZ B O1P   1 
HETATM 331 O  O2P   . 6MZ B 1 6  ? 0.441   -9.245  -3.577  1.00 83.73  ? 6   6MZ B O2P   1 
HETATM 332 N  N9    . 6MZ B 1 6  ? 3.346   -4.167  -5.290  1.00 42.90  ? 6   6MZ B N9    1 
HETATM 333 N  N3    . 6MZ B 1 6  ? 4.527   -2.078  -5.043  1.00 35.42  ? 6   6MZ B N3    1 
HETATM 334 N  N1    . 6MZ B 1 6  ? 3.994   -0.862  -3.137  1.00 28.54  ? 6   6MZ B N1    1 
HETATM 335 C  C6    . 6MZ B 1 6  ? 3.125   -1.768  -2.772  1.00 32.06  ? 6   6MZ B C6    1 
HETATM 336 N  N6    . 6MZ B 1 6  ? 2.443   -1.479  -1.538  1.00 31.27  ? 6   6MZ B N6    1 
HETATM 337 C  C9    . 6MZ B 1 6  ? 1.449   -2.380  -1.004  1.00 33.97  ? 6   6MZ B C9    1 
HETATM 338 N  N7    . 6MZ B 1 6  ? 2.168   -3.989  -3.478  1.00 42.87  ? 6   6MZ B N7    1 
HETATM 339 C  C8    . 6MZ B 1 6  ? 2.417   -4.763  -4.544  1.00 45.35  ? 6   6MZ B C8    1 
HETATM 340 O  "O5'" . 6MZ B 1 6  ? 2.308   -8.010  -5.369  1.00 67.17  ? 6   6MZ B "O5'" 1 
HETATM 341 C  "C5'" . 6MZ B 1 6  ? 3.000   -8.224  -6.544  1.00 61.67  ? 6   6MZ B "C5'" 1 
HETATM 342 C  "C4'" . 6MZ B 1 6  ? 3.743   -6.969  -6.963  1.00 53.74  ? 6   6MZ B "C4'" 1 
HETATM 343 O  "O4'" . 6MZ B 1 6  ? 2.972   -5.917  -6.916  1.00 54.36  ? 6   6MZ B "O4'" 1 
HETATM 344 C  "C1'" . 6MZ B 1 6  ? 3.795   -4.734  -6.424  1.00 43.04  ? 6   6MZ B "C1'" 1 
HETATM 345 C  "C2'" . 6MZ B 1 6  ? 5.178   -5.373  -6.206  1.00 38.32  ? 6   6MZ B "C2'" 1 
HETATM 346 O  "O2'" . 6MZ B 1 6  ? 5.837   -5.254  -7.484  1.00 42.21  ? 6   6MZ B "O2'" 1 
HETATM 347 C  "C3'" . 6MZ B 1 6  ? 4.914   -6.622  -5.919  1.00 48.32  ? 6   6MZ B "C3'" 1 
HETATM 348 O  "O3'" . 6MZ B 1 6  ? 6.036   -7.543  -6.069  1.00 46.95  ? 6   6MZ B "O3'" 1 
HETATM 349 P  P     . 6MZ B 1 6  ? 1.152   -9.107  -4.909  1.00 80.48  ? 6   6MZ B P     1 
HETATM 350 O  O3P   . 6MZ B 1 6  ? 1.650   -10.483 -5.277  1.00 79.06  ? 6   6MZ B O3P   1 
ATOM   351 P  P     . C   B 1 7  ? 6.866   -7.973  -4.804  1.00 44.79  ? 7   C   B P     1 
ATOM   352 O  OP1   . C   B 1 7  ? 7.953   -8.900  -5.212  1.00 53.86  ? 7   C   B OP1   1 
ATOM   353 O  OP2   . C   B 1 7  ? 5.929   -8.336  -3.707  1.00 44.09  ? 7   C   B OP2   1 
ATOM   354 O  "O5'" . C   B 1 7  ? 7.527   -6.597  -4.358  1.00 45.30  ? 7   C   B "O5'" 1 
ATOM   355 C  "C5'" . C   B 1 7  ? 8.425   -5.922  -5.218  1.00 43.61  ? 7   C   B "C5'" 1 
ATOM   356 C  "C4'" . C   B 1 7  ? 8.732   -4.539  -4.710  1.00 41.68  ? 7   C   B "C4'" 1 
ATOM   357 O  "O4'" . C   B 1 7  ? 7.504   -3.785  -4.534  1.00 35.88  ? 7   C   B "O4'" 1 
ATOM   358 C  "C3'" . C   B 1 7  ? 9.391   -4.456  -3.348  1.00 40.18  ? 7   C   B "C3'" 1 
ATOM   359 O  "O3'" . C   B 1 7  ? 10.769  -4.767  -3.365  1.00 41.83  ? 7   C   B "O3'" 1 
ATOM   360 C  "C2'" . C   B 1 7  ? 9.098   -3.020  -2.947  1.00 35.92  ? 7   C   B "C2'" 1 
ATOM   361 O  "O2'" . C   B 1 7  ? 9.955   -2.138  -3.651  1.00 36.11  ? 7   C   B "O2'" 1 
ATOM   362 C  "C1'" . C   B 1 7  ? 7.673   -2.852  -3.482  1.00 36.89  ? 7   C   B "C1'" 1 
ATOM   363 N  N1    . C   B 1 7  ? 6.672   -3.116  -2.423  1.00 32.15  ? 7   C   B N1    1 
ATOM   364 C  C2    . C   B 1 7  ? 6.459   -2.108  -1.474  1.00 30.75  ? 7   C   B C2    1 
ATOM   365 O  O2    . C   B 1 7  ? 7.103   -1.048  -1.576  1.00 30.37  ? 7   C   B O2    1 
ATOM   366 N  N3    . C   B 1 7  ? 5.576   -2.304  -0.481  1.00 29.06  ? 7   C   B N3    1 
ATOM   367 C  C4    . C   B 1 7  ? 4.900   -3.446  -0.388  1.00 30.64  ? 7   C   B C4    1 
ATOM   368 N  N4    . C   B 1 7  ? 4.031   -3.576  0.624   1.00 30.58  ? 7   C   B N4    1 
ATOM   369 C  C5    . C   B 1 7  ? 5.092   -4.491  -1.342  1.00 34.81  ? 7   C   B C5    1 
ATOM   370 C  C6    . C   B 1 7  ? 5.981   -4.295  -2.334  1.00 38.09  ? 7   C   B C6    1 
ATOM   371 P  P     . G   B 1 8  ? 11.440  -5.467  -2.082  1.00 45.04  ? 8   G   B P     1 
ATOM   372 O  OP1   . G   B 1 8  ? 12.774  -5.968  -2.498  1.00 48.70  ? 8   G   B OP1   1 
ATOM   373 O  OP2   . G   B 1 8  ? 10.458  -6.421  -1.500  1.00 47.04  ? 8   G   B OP2   1 
ATOM   374 O  "O5'" . G   B 1 8  ? 11.619  -4.284  -1.036  1.00 40.31  ? 8   G   B "O5'" 1 
ATOM   375 C  "C5'" . G   B 1 8  ? 12.589  -3.266  -1.237  1.00 42.63  ? 8   G   B "C5'" 1 
ATOM   376 C  "C4'" . G   B 1 8  ? 12.608  -2.277  -0.096  1.00 38.46  ? 8   G   B "C4'" 1 
ATOM   377 O  "O4'" . G   B 1 8  ? 11.369  -1.518  -0.084  1.00 38.78  ? 8   G   B "O4'" 1 
ATOM   378 C  "C3'" . G   B 1 8  ? 12.684  -2.851  1.313   1.00 45.48  ? 8   G   B "C3'" 1 
ATOM   379 O  "O3'" . G   B 1 8  ? 13.985  -3.246  1.708   1.00 50.15  ? 8   G   B "O3'" 1 
ATOM   380 C  "C2'" . G   B 1 8  ? 12.119  -1.712  2.147   1.00 39.11  ? 8   G   B "C2'" 1 
ATOM   381 O  "O2'" . G   B 1 8  ? 13.054  -0.648  2.247   1.00 41.96  ? 8   G   B "O2'" 1 
ATOM   382 C  "C1'" . G   B 1 8  ? 10.988  -1.243  1.250   1.00 40.34  ? 8   G   B "C1'" 1 
ATOM   383 N  N9    . G   B 1 8  ? 9.740   -1.966  1.543   1.00 36.72  ? 8   G   B N9    1 
ATOM   384 C  C8    . G   B 1 8  ? 9.169   -2.989  0.821   1.00 39.93  ? 8   G   B C8    1 
ATOM   385 N  N7    . G   B 1 8  ? 8.056   -3.422  1.343   1.00 35.29  ? 8   G   B N7    1 
ATOM   386 C  C5    . G   B 1 8  ? 7.882   -2.634  2.478   1.00 29.83  ? 8   G   B C5    1 
ATOM   387 C  C6    . G   B 1 8  ? 6.852   -2.648  3.453   1.00 30.92  ? 8   G   B C6    1 
ATOM   388 O  O6    . G   B 1 8  ? 5.847   -3.365  3.494   1.00 31.39  ? 8   G   B O6    1 
ATOM   389 N  N1    . G   B 1 8  ? 7.075   -1.693  4.446   1.00 30.29  ? 8   G   B N1    1 
ATOM   390 C  C2    . G   B 1 8  ? 8.146   -0.836  4.496   1.00 31.76  ? 8   G   B C2    1 
ATOM   391 N  N2    . G   B 1 8  ? 8.184   0.008   5.541   1.00 30.73  ? 8   G   B N2    1 
ATOM   392 N  N3    . G   B 1 8  ? 9.116   -0.820  3.593   1.00 34.97  ? 8   G   B N3    1 
ATOM   393 C  C4    . G   B 1 8  ? 8.918   -1.743  2.627   1.00 30.34  ? 8   G   B C4    1 
ATOM   394 P  P     . G   B 1 9  ? 14.178  -4.351  2.856   1.00 46.34  ? 9   G   B P     1 
ATOM   395 O  OP1   . G   B 1 9  ? 15.640  -4.448  3.107   1.00 54.51  ? 9   G   B OP1   1 
ATOM   396 O  OP2   . G   B 1 9  ? 13.426  -5.568  2.457   1.00 54.81  ? 9   G   B OP2   1 
ATOM   397 O  "O5'" . G   B 1 9  ? 13.486  -3.726  4.152   1.00 50.75  ? 9   G   B "O5'" 1 
ATOM   398 C  "C5'" . G   B 1 9  ? 14.070  -2.629  4.839   1.00 43.57  ? 9   G   B "C5'" 1 
ATOM   399 C  "C4'" . G   B 1 9  ? 13.314  -2.293  6.100   1.00 39.72  ? 9   G   B "C4'" 1 
ATOM   400 O  "O4'" . G   B 1 9  ? 11.961  -1.881  5.780   1.00 41.06  ? 9   G   B "O4'" 1 
ATOM   401 C  "C3'" . G   B 1 9  ? 13.121  -3.433  7.079   1.00 40.50  ? 9   G   B "C3'" 1 
ATOM   402 O  "O3'" . G   B 1 9  ? 14.269  -3.687  7.858   1.00 44.48  ? 9   G   B "O3'" 1 
ATOM   403 C  "C2'" . G   B 1 9  ? 11.910  -2.982  7.883   1.00 40.22  ? 9   G   B "C2'" 1 
ATOM   404 O  "O2'" . G   B 1 9  ? 12.264  -1.995  8.842   1.00 40.45  ? 9   G   B "O2'" 1 
ATOM   405 C  "C1'" . G   B 1 9  ? 11.077  -2.308  6.798   1.00 32.70  ? 9   G   B "C1'" 1 
ATOM   406 N  N9    . G   B 1 9  ? 10.097  -3.234  6.212   1.00 36.83  ? 9   G   B N9    1 
ATOM   407 C  C8    . G   B 1 9  ? 10.166  -3.926  5.029   1.00 31.15  ? 9   G   B C8    1 
ATOM   408 N  N7    . G   B 1 9  ? 9.107   -4.658  4.812   1.00 33.30  ? 9   G   B N7    1 
ATOM   409 C  C5    . G   B 1 9  ? 8.306   -4.428  5.917   1.00 30.84  ? 9   G   B C5    1 
ATOM   410 C  C6    . G   B 1 9  ? 7.034   -4.942  6.260   1.00 27.90  ? 9   G   B C6    1 
ATOM   411 O  O6    . G   B 1 9  ? 6.309   -5.725  5.626   1.00 31.53  ? 9   G   B O6    1 
ATOM   412 N  N1    . G   B 1 9  ? 6.610   -4.437  7.482   1.00 32.87  ? 9   G   B N1    1 
ATOM   413 C  C2    . G   B 1 9  ? 7.290   -3.565  8.287   1.00 29.29  ? 9   G   B C2    1 
ATOM   414 N  N2    . G   B 1 9  ? 6.689   -3.218  9.432   1.00 32.43  ? 9   G   B N2    1 
ATOM   415 N  N3    . G   B 1 9  ? 8.478   -3.074  7.978   1.00 34.07  ? 9   G   B N3    1 
ATOM   416 C  C4    . G   B 1 9  ? 8.907   -3.554  6.795   1.00 33.45  ? 9   G   B C4    1 
ATOM   417 P  P     . C   B 1 10 ? 14.529  -5.171  8.393   1.00 43.81  ? 10  C   B P     1 
ATOM   418 O  OP1   . C   B 1 10 ? 15.781  -5.143  9.192   1.00 51.34  ? 10  C   B OP1   1 
ATOM   419 O  OP2   . C   B 1 10 ? 14.361  -6.145  7.281   1.00 44.63  ? 10  C   B OP2   1 
ATOM   420 O  "O5'" . C   B 1 10 ? 13.319  -5.409  9.383   1.00 40.92  ? 10  C   B "O5'" 1 
ATOM   421 C  "C5'" . C   B 1 10 ? 12.783  -6.703  9.558   1.00 32.56  ? 10  C   B "C5'" 1 
ATOM   422 C  "C4'" . C   B 1 10 ? 11.575  -6.648  10.447  1.00 29.42  ? 10  C   B "C4'" 1 
ATOM   423 O  "O4'" . C   B 1 10 ? 10.502  -5.933  9.779   1.00 30.17  ? 10  C   B "O4'" 1 
ATOM   424 C  "C3'" . C   B 1 10 ? 10.971  -7.992  10.791  1.00 31.22  ? 10  C   B "C3'" 1 
ATOM   425 O  "O3'" . C   B 1 10 ? 11.673  -8.658  11.821  1.00 35.30  ? 10  C   B "O3'" 1 
ATOM   426 C  "C2'" . C   B 1 10 ? 9.541   -7.621  11.145  1.00 31.17  ? 10  C   B "C2'" 1 
ATOM   427 O  "O2'" . C   B 1 10 ? 9.469   -7.121  12.472  1.00 32.28  ? 10  C   B "O2'" 1 
ATOM   428 C  "C1'" . C   B 1 10 ? 9.258   -6.495  10.144  1.00 31.08  ? 10  C   B "C1'" 1 
ATOM   429 N  N1    . C   B 1 10 ? 8.608   -7.046  8.930   1.00 31.60  ? 10  C   B N1    1 
ATOM   430 C  C2    . C   B 1 10 ? 7.251   -7.360  9.004   1.00 29.69  ? 10  C   B C2    1 
ATOM   431 O  O2    . C   B 1 10 ? 6.625   -7.081  10.036  1.00 28.33  ? 10  C   B O2    1 
ATOM   432 N  N3    . C   B 1 10 ? 6.620   -7.908  7.938   1.00 29.90  ? 10  C   B N3    1 
ATOM   433 C  C4    . C   B 1 10 ? 7.330   -8.183  6.842   1.00 32.84  ? 10  C   B C4    1 
ATOM   434 N  N4    . C   B 1 10 ? 6.674   -8.735  5.811   1.00 34.10  ? 10  C   B N4    1 
ATOM   435 C  C5    . C   B 1 10 ? 8.719   -7.885  6.742   1.00 33.78  ? 10  C   B C5    1 
ATOM   436 C  C6    . C   B 1 10 ? 9.333   -7.339  7.804   1.00 32.20  ? 10  C   B C6    1 
HETATM 437 CA CA    . CA  C 2 .  ? -6.276  -6.675  10.177  1.00 130.34 ? 101 CA  A CA    1 
HETATM 438 NA NA    . NA  D 3 .  ? 5.176   -4.416  12.781  1.00 60.24  ? 102 NA  A NA    1 
HETATM 439 MG MG    . MG  E 4 .  ? -0.031  1.853   3.310   1.00 48.38  ? 103 MG  A MG    1 
HETATM 440 MG MG    . MG  F 4 .  ? 11.101  -8.291  14.105  1.00 26.15  ? 101 MG  B MG    1 
HETATM 441 O  O     . HOH G 5 .  ? -0.291  -7.706  13.105  1.00 38.86  ? 201 HOH A O     1 
HETATM 442 O  O     . HOH G 5 .  ? -0.884  -2.772  7.340   1.00 35.94  ? 202 HOH A O     1 
HETATM 443 O  O     . HOH G 5 .  ? 1.482   10.557  1.244   1.00 61.10  ? 203 HOH A O     1 
HETATM 444 O  O     . HOH G 5 .  ? -3.151  -6.477  5.432   1.00 46.20  ? 204 HOH A O     1 
HETATM 445 O  O     . HOH G 5 .  ? 1.205   1.010   1.721   1.00 52.68  ? 205 HOH A O     1 
HETATM 446 O  O     . HOH G 5 .  ? 8.104   2.357   9.139   1.00 33.52  ? 206 HOH A O     1 
HETATM 447 O  O     . HOH G 5 .  ? -2.244  3.155   10.967  1.00 53.32  ? 207 HOH A O     1 
HETATM 448 O  O     . HOH G 5 .  ? 1.556   7.619   7.740   1.00 34.32  ? 208 HOH A O     1 
HETATM 449 O  O     . HOH G 5 .  ? -5.576  6.833   -7.970  1.00 39.81  ? 209 HOH A O     1 
HETATM 450 O  O     . HOH G 5 .  ? 0.125   1.024   7.518   1.00 36.46  ? 210 HOH A O     1 
HETATM 451 O  O     . HOH G 5 .  ? 0.876   0.444   4.714   1.00 44.13  ? 211 HOH A O     1 
HETATM 452 O  O     . HOH G 5 .  ? -7.900  7.287   -10.915 1.00 41.71  ? 212 HOH A O     1 
HETATM 453 O  O     . HOH G 5 .  ? 0.467   -1.613  14.924  1.00 44.38  ? 213 HOH A O     1 
HETATM 454 O  O     . HOH G 5 .  ? -14.229 3.177   -4.405  1.00 39.81  ? 214 HOH A O     1 
HETATM 455 O  O     . HOH G 5 .  ? -5.709  7.122   -5.448  1.00 45.44  ? 215 HOH A O     1 
HETATM 456 O  O     . HOH G 5 .  ? 0.805   6.093   2.253   1.00 39.81  ? 216 HOH A O     1 
HETATM 457 O  O     . HOH G 5 .  ? 2.493   4.022   -12.971 1.00 39.81  ? 217 HOH A O     1 
HETATM 458 O  O     . HOH G 5 .  ? -10.640 5.886   -16.385 1.00 36.69  ? 218 HOH A O     1 
HETATM 459 O  O     . HOH G 5 .  ? 1.611   6.320   -0.215  1.00 39.96  ? 219 HOH A O     1 
HETATM 460 O  O     . HOH G 5 .  ? 2.763   -7.432  13.261  1.00 45.19  ? 220 HOH A O     1 
HETATM 461 O  O     . HOH G 5 .  ? 8.963   3.356   2.594   1.00 46.35  ? 221 HOH A O     1 
HETATM 462 O  O     . HOH G 5 .  ? -4.015  6.384   -3.374  1.00 49.42  ? 222 HOH A O     1 
HETATM 463 O  O     . HOH G 5 .  ? 1.518   3.327   3.731   1.00 61.91  ? 223 HOH A O     1 
HETATM 464 O  O     . HOH G 5 .  ? 0.723   9.818   6.057   1.00 37.91  ? 224 HOH A O     1 
HETATM 465 O  O     . HOH G 5 .  ? -2.917  7.295   -5.986  1.00 47.72  ? 225 HOH A O     1 
HETATM 466 O  O     . HOH G 5 .  ? -2.672  -1.033  5.208   1.00 48.34  ? 226 HOH A O     1 
HETATM 467 O  O     . HOH G 5 .  ? 2.997   11.896  2.693   1.00 64.13  ? 227 HOH A O     1 
HETATM 468 O  O     . HOH G 5 .  ? 3.773   -5.615  15.171  1.00 54.05  ? 228 HOH A O     1 
HETATM 469 O  O     . HOH G 5 .  ? -1.267  2.663   4.915   1.00 58.03  ? 229 HOH A O     1 
HETATM 470 O  O     . HOH G 5 .  ? -0.967  3.232   1.901   1.00 56.08  ? 230 HOH A O     1 
HETATM 471 O  O     . HOH G 5 .  ? -1.574  0.387   2.852   1.00 58.09  ? 231 HOH A O     1 
HETATM 472 O  O     . HOH H 5 .  ? 12.228  -3.644  5.456   1.00 39.81  ? 201 HOH B O     1 
HETATM 473 O  O     . HOH H 5 .  ? -7.171  5.540   4.104   1.00 40.71  ? 202 HOH B O     1 
HETATM 474 O  O     . HOH H 5 .  ? 16.725  -7.012  9.799   1.00 39.81  ? 203 HOH B O     1 
HETATM 475 O  O     . HOH H 5 .  ? -15.042 5.911   2.134   1.00 40.04  ? 204 HOH B O     1 
HETATM 476 O  O     . HOH H 5 .  ? 5.838   -5.774  2.773   1.00 45.23  ? 205 HOH B O     1 
HETATM 477 O  O     . HOH H 5 .  ? -8.083  2.028   2.137   1.00 40.75  ? 206 HOH B O     1 
HETATM 478 O  O     . HOH H 5 .  ? 6.847   -6.852  12.818  1.00 34.12  ? 207 HOH B O     1 
HETATM 479 O  O     . HOH H 5 .  ? 13.047  -10.475 10.422  1.00 43.41  ? 208 HOH B O     1 
HETATM 480 O  O     . HOH H 5 .  ? 16.692  -5.100  5.521   1.00 52.81  ? 209 HOH B O     1 
HETATM 481 O  O     . HOH H 5 .  ? 5.688   -2.500  -7.501  1.00 41.55  ? 210 HOH B O     1 
HETATM 482 O  O     . HOH H 5 .  ? 12.066  -2.802  -5.306  1.00 42.68  ? 211 HOH B O     1 
HETATM 483 O  O     . HOH H 5 .  ? -5.473  6.666   -1.655  1.00 39.81  ? 212 HOH B O     1 
HETATM 484 O  O     . HOH H 5 .  ? 12.721  -10.033 14.109  1.00 37.50  ? 213 HOH B O     1 
HETATM 485 O  O     . HOH H 5 .  ? -14.041 5.143   5.873   1.00 31.88  ? 214 HOH B O     1 
HETATM 486 O  O     . HOH H 5 .  ? 12.065  0.918   8.363   1.00 43.09  ? 215 HOH B O     1 
HETATM 487 O  O     . HOH H 5 .  ? -3.082  -2.947  -0.894  1.00 58.49  ? 216 HOH B O     1 
HETATM 488 O  O     . HOH H 5 .  ? -5.602  2.677   0.683   1.00 39.81  ? 217 HOH B O     1 
HETATM 489 O  O     . HOH H 5 .  ? 0.835   -5.943  -1.425  1.00 50.45  ? 218 HOH B O     1 
HETATM 490 O  O     . HOH H 5 .  ? -15.419 5.370   -0.828  1.00 40.72  ? 219 HOH B O     1 
HETATM 491 O  O     . HOH H 5 .  ? -16.837 4.097   2.757   1.00 39.81  ? 220 HOH B O     1 
HETATM 492 O  O     . HOH H 5 .  ? -4.171  0.723   2.554   1.00 51.31  ? 221 HOH B O     1 
# 
loop_
_atom_site_anisotrop.id 
_atom_site_anisotrop.type_symbol 
_atom_site_anisotrop.pdbx_label_atom_id 
_atom_site_anisotrop.pdbx_label_alt_id 
_atom_site_anisotrop.pdbx_label_comp_id 
_atom_site_anisotrop.pdbx_label_asym_id 
_atom_site_anisotrop.pdbx_label_seq_id 
_atom_site_anisotrop.pdbx_PDB_ins_code 
_atom_site_anisotrop.U[1][1] 
_atom_site_anisotrop.U[2][2] 
_atom_site_anisotrop.U[3][3] 
_atom_site_anisotrop.U[1][2] 
_atom_site_anisotrop.U[1][3] 
_atom_site_anisotrop.U[2][3] 
_atom_site_anisotrop.pdbx_auth_seq_id 
_atom_site_anisotrop.pdbx_auth_comp_id 
_atom_site_anisotrop.pdbx_auth_asym_id 
_atom_site_anisotrop.pdbx_auth_atom_id 
1   O  "O5'" . G   A 1  ? 0.3888 0.3706 0.7879 -0.0377 -0.0558 0.0601  1  G   A "O5'" 
2   C  "C5'" . G   A 1  ? 0.3994 0.4107 0.8432 -0.0435 -0.0365 0.0781  1  G   A "C5'" 
3   C  "C4'" . G   A 1  ? 0.3537 0.3617 0.7701 -0.0348 -0.0076 0.0880  1  G   A "C4'" 
4   O  "O4'" . G   A 1  ? 0.3422 0.3182 0.7305 -0.0383 -0.0072 0.0856  1  G   A "O4'" 
5   C  "C3'" . G   A 1  ? 0.3279 0.3336 0.6976 -0.0180 0.0009  0.0824  1  G   A "C3'" 
6   O  "O3'" . G   A 1  ? 0.3291 0.3607 0.7131 -0.0090 0.0122  0.0898  1  G   A "O3'" 
7   C  "C2'" . G   A 1  ? 0.3383 0.3279 0.6752 -0.0149 0.0183  0.0875  1  G   A "C2'" 
8   O  "O2'" . G   A 1  ? 0.3807 0.3835 0.7351 -0.0143 0.0416  0.1050  1  G   A "O2'" 
9   C  "C1'" . G   A 1  ? 0.2998 0.2673 0.6421 -0.0250 0.0064  0.0842  1  G   A "C1'" 
10  N  N9    . G   A 1  ? 0.3498 0.2940 0.6537 -0.0203 -0.0091 0.0677  1  G   A N9    
11  C  C8    . G   A 1  ? 0.3560 0.2825 0.6603 -0.0252 -0.0322 0.0553  1  G   A C8    
12  N  N7    . G   A 1  ? 0.4057 0.3119 0.6688 -0.0170 -0.0383 0.0430  1  G   A N7    
13  C  C5    . G   A 1  ? 0.3292 0.2451 0.5688 -0.0082 -0.0194 0.0474  1  G   A C5    
14  C  C6    . G   A 1  ? 0.3806 0.2902 0.5810 0.0012  -0.0154 0.0398  1  G   A C6    
15  O  O6    . G   A 1  ? 0.4101 0.3028 0.5860 0.0058  -0.0247 0.0277  1  G   A O6    
16  N  N1    . G   A 1  ? 0.3451 0.2710 0.5352 0.0055  0.0017  0.0479  1  G   A N1    
17  C  C2    . G   A 1  ? 0.3649 0.3043 0.5725 0.0033  0.0146  0.0615  1  G   A C2    
18  N  N2    . G   A 1  ? 0.3290 0.2767 0.5159 0.0082  0.0278  0.0670  1  G   A N2    
19  N  N3    . G   A 1  ? 0.3307 0.2756 0.5737 -0.0035 0.0150  0.0696  1  G   A N3    
20  C  C4    . G   A 1  ? 0.3514 0.2873 0.6125 -0.0101 -0.0029 0.0621  1  G   A C4    
21  O  O3P   . CBV A 2  ? 0.4594 0.4689 0.7928 0.0012  -0.0174 0.0641  2  CBV A O3P   
22  P  P     . CBV A 2  ? 0.3169 0.3437 0.6597 0.0062  0.0099  0.0804  2  CBV A P     
23  O  O1P   . CBV A 2  ? 0.3368 0.3952 0.7188 0.0130  0.0229  0.0939  2  CBV A O1P   
24  O  O2P   . CBV A 2  ? 0.6079 0.6282 0.9150 0.0195  0.0059  0.0719  2  CBV A O2P   
25  O  "O5'" . CBV A 2  ? 0.3335 0.3408 0.6245 0.0106  0.0271  0.0813  2  CBV A "O5'" 
26  C  "C5'" . CBV A 2  ? 0.3476 0.3601 0.6356 0.0150  0.0513  0.0958  2  CBV A "C5'" 
27  C  "C4'" . CBV A 2  ? 0.3655 0.3579 0.6002 0.0181  0.0591  0.0929  2  CBV A "C4'" 
28  O  "O4'" . CBV A 2  ? 0.3346 0.3166 0.5645 0.0107  0.0505  0.0875  2  CBV A "O4'" 
29  C  "C3'" . CBV A 2  ? 0.3542 0.3333 0.5437 0.0228  0.0526  0.0807  2  CBV A "C3'" 
30  O  "O3'" . CBV A 2  ? 0.3670 0.3441 0.5373 0.0330  0.0643  0.0857  2  CBV A "O3'" 
31  C  "C2'" . CBV A 2  ? 0.3672 0.3341 0.5224 0.0185  0.0536  0.0765  2  CBV A "C2'" 
32  O  "O2'" . CBV A 2  ? 0.3940 0.3568 0.5286 0.0221  0.0699  0.0868  2  CBV A "O2'" 
33  C  "C1'" . CBV A 2  ? 0.3442 0.3144 0.5300 0.0126  0.0470  0.0774  2  CBV A "C1'" 
34  N  N1    . CBV A 2  ? 0.2782 0.2415 0.4622 0.0091  0.0289  0.0633  2  CBV A N1    
35  C  C2    . CBV A 2  ? 0.3542 0.3099 0.5039 0.0092  0.0262  0.0540  2  CBV A C2    
36  O  O2    . CBV A 2  ? 0.3988 0.3571 0.5271 0.0101  0.0354  0.0575  2  CBV A O2    
37  N  N3    . CBV A 2  ? 0.3305 0.2756 0.4730 0.0084  0.0120  0.0407  2  CBV A N3    
38  C  C4    . CBV A 2  ? 0.3343 0.2714 0.4978 0.0067  -0.0030 0.0358  2  CBV A C4    
39  N  N4    . CBV A 2  ? 0.3686 0.2874 0.5146 0.0079  -0.0167 0.0224  2  CBV A N4    
40  C  C5    . CBV A 2  ? 0.3189 0.2677 0.5211 0.0044  -0.0040 0.0446  2  CBV A C5    
41  C  C6    . CBV A 2  ? 0.2961 0.2606 0.5112 0.0059  0.0141  0.0592  2  CBV A C6    
42  BR BR    . CBV A 2  ? 0.3900 0.3335 0.6255 -0.0009 -0.0300 0.0375  2  CBV A BR    
43  P  P     . C   A 3  ? 0.3699 0.3351 0.5114 0.0400  0.0549  0.0750  3  C   A P     
44  O  OP1   . C   A 3  ? 0.4465 0.4097 0.5757 0.0541  0.0706  0.0843  3  C   A OP1   
45  O  OP2   . C   A 3  ? 0.3779 0.3503 0.5473 0.0375  0.0342  0.0659  3  C   A OP2   
46  O  "O5'" . C   A 3  ? 0.3919 0.3335 0.4788 0.0331  0.0519  0.0644  3  C   A "O5'" 
47  C  "C5'" . C   A 3  ? 0.4044 0.3335 0.4536 0.0317  0.0644  0.0688  3  C   A "C5'" 
48  C  "C4'" . C   A 3  ? 0.3816 0.2986 0.3943 0.0208  0.0574  0.0577  3  C   A "C4'" 
49  O  "O4'" . C   A 3  ? 0.3804 0.3126 0.4190 0.0140  0.0502  0.0545  3  C   A "O4'" 
50  C  "C3'" . C   A 3  ? 0.3924 0.2930 0.3793 0.0195  0.0478  0.0454  3  C   A "C3'" 
51  O  "O3'" . C   A 3  ? 0.4246 0.2997 0.3673 0.0245  0.0534  0.0452  3  C   A "O3'" 
52  C  "C2'" . C   A 3  ? 0.4047 0.3075 0.3791 0.0069  0.0430  0.0371  3  C   A "C2'" 
53  O  "O2'" . C   A 3  ? 0.4742 0.3688 0.4120 -0.0018 0.0498  0.0381  3  C   A "O2'" 
54  C  "C1'" . C   A 3  ? 0.3950 0.3209 0.4130 0.0071  0.0416  0.0422  3  C   A "C1'" 
55  N  N1    . C   A 3  ? 0.3580 0.2871 0.4029 0.0089  0.0294  0.0356  3  C   A N1    
56  C  C2    . C   A 3  ? 0.4030 0.3280 0.4336 0.0044  0.0234  0.0250  3  C   A C2    
57  O  O2    . C   A 3  ? 0.3986 0.3250 0.4035 -0.0023 0.0290  0.0227  3  C   A O2    
58  N  N3    . C   A 3  ? 0.3960 0.3153 0.4404 0.0070  0.0115  0.0180  3  C   A N3    
59  C  C4    . C   A 3  ? 0.3437 0.2640 0.4189 0.0111  0.0029  0.0206  3  C   A C4    
60  N  N4    . C   A 3  ? 0.3624 0.2721 0.4456 0.0122  -0.0119 0.0124  3  C   A N4    
61  C  C5    . C   A 3  ? 0.3651 0.2974 0.4638 0.0141  0.0092  0.0319  3  C   A C5    
62  C  C6    . C   A 3  ? 0.3383 0.2730 0.4186 0.0144  0.0240  0.0393  3  C   A C6    
63  P  P     . G   A 4  ? 0.4727 0.3270 0.3942 0.0321  0.0447  0.0367  4  G   A P     
64  O  OP1   . G   A 4  ? 0.5717 0.3937 0.4400 0.0383  0.0539  0.0389  4  G   A OP1   
65  O  OP2   . G   A 4  ? 0.4491 0.3239 0.4202 0.0425  0.0351  0.0380  4  G   A OP2   
66  O  "O5'" . G   A 4  ? 0.4964 0.3396 0.3940 0.0184  0.0367  0.0243  4  G   A "O5'" 
67  C  "C5'" . G   A 4  ? 0.5083 0.3367 0.3635 0.0039  0.0430  0.0213  4  G   A "C5'" 
68  C  "C4'" . G   A 4  ? 0.4827 0.3067 0.3252 -0.0068 0.0378  0.0108  4  G   A "C4'" 
69  O  "O4'" . G   A 4  ? 0.4571 0.3117 0.3433 -0.0087 0.0335  0.0099  4  G   A "O4'" 
70  C  "C3'" . G   A 4  ? 0.5033 0.3026 0.3272 0.0014  0.0293  0.0026  4  G   A "C3'" 
71  O  "O3'" . G   A 4  ? 0.5820 0.3418 0.3493 0.0021  0.0332  0.0007  4  G   A "O3'" 
72  C  "C2'" . G   A 4  ? 0.5238 0.3297 0.3513 -0.0075 0.0265  -0.0054 4  G   A "C2'" 
73  O  "O2'" . G   A 4  ? 0.5819 0.3771 0.3715 -0.0243 0.0361  -0.0084 4  G   A "O2'" 
74  C  "C1'" . G   A 4  ? 0.4817 0.3264 0.3610 -0.0083 0.0265  0.0002  4  G   A "C1'" 
75  N  N9    . G   A 4  ? 0.4296 0.2837 0.3486 0.0030  0.0148  -0.0003 4  G   A N9    
76  C  C8    . G   A 4  ? 0.4174 0.2840 0.3722 0.0120  0.0107  0.0072  4  G   A C8    
77  N  N7    . G   A 4  ? 0.4088 0.2812 0.3952 0.0167  -0.0021 0.0044  4  G   A N7    
78  C  C5    . G   A 4  ? 0.4288 0.2869 0.3930 0.0133  -0.0065 -0.0060 4  G   A C5    
79  C  C6    . G   A 4  ? 0.3999 0.2492 0.3734 0.0167  -0.0204 -0.0137 4  G   A C6    
80  O  O6    . G   A 4  ? 0.4313 0.2843 0.4374 0.0204  -0.0344 -0.0134 4  G   A O6    
81  N  N1    . G   A 4  ? 0.4468 0.2792 0.3848 0.0144  -0.0166 -0.0224 4  G   A N1    
82  C  C2    . G   A 4  ? 0.4162 0.2468 0.3212 0.0065  -0.0013 -0.0229 4  G   A C2    
83  N  N2    . G   A 4  ? 0.4436 0.2611 0.3215 0.0051  0.0033  -0.0307 4  G   A N2    
84  N  N3    . G   A 4  ? 0.4605 0.2992 0.3579 0.0000  0.0090  -0.0162 4  G   A N3    
85  C  C4    . G   A 4  ? 0.4481 0.2976 0.3733 0.0053  0.0055  -0.0084 4  G   A C4    
86  P  P     . G   A 5  ? 0.6159 0.3463 0.3622 0.0211  0.0240  -0.0029 5  G   A P     
87  O  OP1   . G   A 5  ? 0.6434 0.3382 0.3379 0.0256  0.0325  0.0007  5  G   A OP1   
88  O  OP2   . G   A 5  ? 0.5950 0.3555 0.3996 0.0361  0.0127  0.0000  5  G   A OP2   
89  O  "O5'" . G   A 5  ? 0.6495 0.3531 0.3602 0.0140  0.0196  -0.0141 5  G   A "O5'" 
90  C  "C5'" . G   A 5  ? 0.6890 0.3709 0.3535 -0.0056 0.0309  -0.0174 5  G   A "C5'" 
91  C  "C4'" . G   A 5  ? 0.6680 0.3465 0.3255 -0.0131 0.0302  -0.0256 5  G   A "C4'" 
92  O  "O4'" . G   A 5  ? 0.6445 0.3667 0.3599 -0.0126 0.0263  -0.0250 5  G   A "O4'" 
93  C  "C3'" . G   A 5  ? 0.6606 0.3035 0.2899 0.0024  0.0188  -0.0332 5  G   A "C3'" 
94  O  "O3'" . G   A 5  ? 0.7926 0.3859 0.3550 -0.0013 0.0248  -0.0353 5  G   A "O3'" 
95  C  "C2'" . G   A 5  ? 0.7079 0.3649 0.3564 -0.0006 0.0165  -0.0391 5  G   A "C2'" 
96  O  "O2'" . G   A 5  ? 0.8232 0.4649 0.4336 -0.0177 0.0321  -0.0423 5  G   A "O2'" 
97  C  "C1'" . G   A 5  ? 0.6263 0.3370 0.3393 -0.0048 0.0177  -0.0330 5  G   A "C1'" 
98  N  N9    . G   A 5  ? 0.5715 0.3019 0.3328 0.0101  0.0016  -0.0317 5  G   A N9    
99  C  C8    . G   A 5  ? 0.5919 0.3394 0.3857 0.0190  -0.0040 -0.0243 5  G   A C8    
100 N  N7    . G   A 5  ? 0.4958 0.2625 0.3352 0.0273  -0.0179 -0.0240 5  G   A N7    
101 C  C5    . G   A 5  ? 0.4829 0.2394 0.3139 0.0250  -0.0231 -0.0326 5  G   A C5    
102 C  C6    . G   A 5  ? 0.4466 0.2074 0.3062 0.0302  -0.0390 -0.0370 5  G   A C6    
103 O  O6    . G   A 5  ? 0.4808 0.2596 0.3852 0.0347  -0.0527 -0.0337 5  G   A O6    
104 N  N1    . G   A 5  ? 0.5321 0.2718 0.3620 0.0288  -0.0375 -0.0458 5  G   A N1    
105 C  C2    . G   A 5  ? 0.5501 0.2735 0.3350 0.0218  -0.0205 -0.0486 5  G   A C2    
106 N  N2    . G   A 5  ? 0.6003 0.3063 0.3626 0.0235  -0.0181 -0.0561 5  G   A N2    
107 N  N3    . G   A 5  ? 0.5455 0.2672 0.3073 0.0134  -0.0065 -0.0445 5  G   A N3    
108 C  C4    . G   A 5  ? 0.5367 0.2726 0.3207 0.0159  -0.0095 -0.0370 5  G   A C4    
109 C  C2    . 6MZ A 6  ? 0.6348 0.5501 0.3026 0.2335  -0.0388 -0.0376 6  6MZ A C2    
110 C  C4    . 6MZ A 6  ? 0.6166 0.4921 0.2895 0.2285  -0.0441 -0.0304 6  6MZ A C4    
111 C  C5    . 6MZ A 6  ? 0.6331 0.4686 0.2775 0.2352  -0.0345 -0.0358 6  6MZ A C5    
112 O  O1P   . 6MZ A 6  ? 0.8328 0.5523 0.5313 0.2559  -0.0906 -0.0663 6  6MZ A O1P   
113 O  O2P   . 6MZ A 6  ? 0.9064 0.6400 0.7138 0.2297  -0.1326 -0.0398 6  6MZ A O2P   
114 N  N9    . 6MZ A 6  ? 0.6215 0.4882 0.3126 0.2245  -0.0549 -0.0267 6  6MZ A N9    
115 N  N3    . 6MZ A 6  ? 0.6890 0.6088 0.3715 0.2283  -0.0449 -0.0306 6  6MZ A N3    
116 N  N1    . 6MZ A 6  ? 0.6421 0.5124 0.2855 0.2362  -0.0294 -0.0380 6  6MZ A N1    
117 C  C6    . 6MZ A 6  ? 0.6302 0.4656 0.2595 0.2377  -0.0256 -0.0363 6  6MZ A C6    
118 N  N6    . 6MZ A 6  ? 0.7192 0.5240 0.3223 0.2429  -0.0145 -0.0346 6  6MZ A N6    
119 C  C9    . 6MZ A 6  ? 0.7393 0.5146 0.3209 0.2510  -0.0104 -0.0370 6  6MZ A C9    
120 N  N7    . 6MZ A 6  ? 0.6709 0.4763 0.3122 0.2388  -0.0388 -0.0395 6  6MZ A N7    
121 C  C8    . 6MZ A 6  ? 0.6781 0.4981 0.3505 0.2319  -0.0532 -0.0352 6  6MZ A C8    
122 O  "O5'" . 6MZ A 6  ? 0.7184 0.5116 0.4749 0.2224  -0.0911 -0.0246 6  6MZ A "O5'" 
123 C  "C5'" . 6MZ A 6  ? 0.7056 0.5403 0.5075 0.2058  -0.1032 -0.0022 6  6MZ A "C5'" 
124 C  "C4'" . 6MZ A 6  ? 0.6234 0.5122 0.4166 0.2009  -0.0893 0.0079  6  6MZ A "C4'" 
125 O  "O4'" . 6MZ A 6  ? 0.6323 0.5013 0.3736 0.2135  -0.0839 -0.0165 6  6MZ A "O4'" 
126 C  "C1'" . 6MZ A 6  ? 0.6708 0.5750 0.4009 0.2144  -0.0690 -0.0137 6  6MZ A "C1'" 
127 C  "C2'" . 6MZ A 6  ? 0.5801 0.5350 0.3531 0.2033  -0.0619 0.0129  6  6MZ A "C2'" 
128 O  "O2'" . 6MZ A 6  ? 0.5803 0.5980 0.3851 0.1955  -0.0717 0.0285  6  6MZ A "O2'" 
129 C  "C3'" . 6MZ A 6  ? 0.5999 0.5191 0.3961 0.1988  -0.0685 0.0210  6  6MZ A "C3'" 
130 O  "O3'" . 6MZ A 6  ? 0.6430 0.6029 0.4912 0.1852  -0.0702 0.0514  6  6MZ A "O3'" 
131 P  P     . 6MZ A 6  ? 0.8595 0.6065 0.6182 0.2354  -0.1013 -0.0409 6  6MZ A P     
132 O  O3P   . 6MZ A 6  ? 0.9742 0.7307 0.7552 0.2319  -0.0901 -0.0260 6  6MZ A O3P   
133 P  P     . C   A 7  ? 0.6437 0.6110 0.5007 0.1844  -0.0525 0.0633  7  C   A P     
134 O  OP1   . C   A 7  ? 0.7209 0.7333 0.6387 0.1688  -0.0601 0.0993  7  C   A OP1   
135 O  OP2   . C   A 7  ? 0.7565 0.6599 0.5825 0.1965  -0.0473 0.0419  7  C   A OP2   
136 O  "O5'" . C   A 7  ? 0.6359 0.6453 0.4687 0.1895  -0.0345 0.0585  7  C   A "O5'" 
137 C  "C5'" . C   A 7  ? 0.6076 0.6887 0.4574 0.1865  -0.0373 0.0690  7  C   A "C5'" 
138 C  "C4'" . C   A 7  ? 0.5126 0.6161 0.3350 0.1978  -0.0260 0.0517  7  C   A "C4'" 
139 O  "O4'" . C   A 7  ? 0.6052 0.6529 0.3834 0.2078  -0.0287 0.0231  7  C   A "O4'" 
140 C  "C3'" . C   A 7  ? 0.5552 0.6575 0.3763 0.1995  -0.0089 0.0546  7  C   A "C3'" 
141 O  "O3'" . C   A 7  ? 0.5425 0.7140 0.4017 0.1937  -0.0037 0.0797  7  C   A "O3'" 
142 C  "C2'" . C   A 7  ? 0.4941 0.5859 0.2819 0.2116  -0.0063 0.0286  7  C   A "C2'" 
143 O  "O2'" . C   A 7  ? 0.5851 0.7481 0.3858 0.2184  -0.0124 0.0237  7  C   A "O2'" 
144 C  "C1'" . C   A 7  ? 0.5266 0.5644 0.2848 0.2151  -0.0174 0.0114  7  C   A "C1'" 
145 N  N1    . C   A 7  ? 0.5893 0.5586 0.3197 0.2170  -0.0100 0.0051  7  C   A N1    
146 C  C2    . C   A 7  ? 0.6322 0.5799 0.3393 0.2229  -0.0022 -0.0046 7  C   A C2    
147 O  O2    . C   A 7  ? 0.6173 0.5953 0.3300 0.2266  -0.0051 -0.0117 7  C   A O2    
148 N  N3    . C   A 7  ? 0.5870 0.4865 0.2697 0.2255  0.0059  -0.0059 7  C   A N3    
149 C  C4    . C   A 7  ? 0.5966 0.4687 0.2753 0.2263  0.0053  -0.0044 7  C   A C4    
150 N  N4    . C   A 7  ? 0.6676 0.5041 0.3201 0.2334  0.0131  -0.0079 7  C   A N4    
151 C  C5    . C   A 7  ? 0.6340 0.5184 0.3392 0.2210  -0.0061 0.0011  7  C   A C5    
152 C  C6    . C   A 7  ? 0.5733 0.5064 0.3049 0.2145  -0.0127 0.0092  7  C   A C6    
153 P  P     . G   A 8  ? 0.5756 0.7393 0.4525 0.1883  0.0100  0.0971  8  G   A P     
154 O  OP1   . G   A 8  ? 0.5699 0.8145 0.4933 0.1802  0.0099  0.1300  8  G   A OP1   
155 O  OP2   . G   A 8  ? 0.6299 0.7161 0.4962 0.1863  0.0082  0.0923  8  G   A OP2   
156 O  "O5'" . G   A 8  ? 0.5136 0.6757 0.3645 0.1990  0.0236  0.0774  8  G   A "O5'" 
157 C  "C5'" . G   A 8  ? 0.5465 0.7699 0.3994 0.2082  0.0220  0.0674  8  G   A "C5'" 
158 C  "C4'" . G   A 8  ? 0.5603 0.7572 0.3913 0.2168  0.0291  0.0462  8  G   A "C4'" 
159 O  "O4'" . G   A 8  ? 0.6390 0.7721 0.4362 0.2205  0.0219  0.0252  8  G   A "O4'" 
160 C  "C3'" . G   A 8  ? 0.5897 0.7528 0.4201 0.2118  0.0452  0.0561  8  G   A "C3'" 
161 O  "O3'" . G   A 8  ? 0.5480 0.7680 0.4074 0.2104  0.0542  0.0728  8  G   A "O3'" 
162 C  "C2'" . G   A 8  ? 0.5675 0.6878 0.3710 0.2181  0.0462  0.0349  8  G   A "C2'" 
163 O  "O2'" . G   A 8  ? 0.5952 0.7625 0.4111 0.2271  0.0412  0.0218  8  G   A "O2'" 
164 C  "C1'" . G   A 8  ? 0.6122 0.6982 0.3929 0.2205  0.0322  0.0209  8  G   A "C1'" 
165 N  N9    . G   A 8  ? 0.6422 0.6653 0.4005 0.2165  0.0358  0.0245  8  G   A N9    
166 C  C8    . G   A 8  ? 0.5616 0.5677 0.3215 0.2126  0.0307  0.0309  8  G   A C8    
167 N  N7    . G   A 8  ? 0.6466 0.5986 0.3821 0.2150  0.0333  0.0262  8  G   A N7    
168 C  C5    . G   A 8  ? 0.6716 0.6081 0.3885 0.2185  0.0430  0.0218  8  G   A C5    
169 C  C6    . G   A 8  ? 0.6317 0.5277 0.3203 0.2229  0.0508  0.0200  8  G   A C6    
170 O  O6    . G   A 8  ? 0.6992 0.5648 0.3685 0.2284  0.0504  0.0166  8  G   A O6    
171 N  N1    . G   A 8  ? 0.6720 0.5712 0.3582 0.2221  0.0574  0.0228  8  G   A N1    
172 C  C2    . G   A 8  ? 0.5779 0.5100 0.2867 0.2197  0.0541  0.0210  8  G   A C2    
173 N  N2    . G   A 8  ? 0.6938 0.6206 0.4043 0.2187  0.0567  0.0235  8  G   A N2    
174 N  N3    . G   A 8  ? 0.6593 0.6329 0.3909 0.2198  0.0469  0.0173  8  G   A N3    
175 C  C4    . G   A 8  ? 0.5485 0.5237 0.2820 0.2181  0.0432  0.0207  8  G   A C4    
176 P  P     . G   A 9  ? 0.5372 0.7347 0.4084 0.2024  0.0683  0.0930  9  G   A P     
177 O  OP1   . G   A 9  ? 0.6112 0.8857 0.5182 0.2010  0.0732  0.1142  9  G   A OP1   
178 O  OP2   . G   A 9  ? 0.6117 0.7507 0.4772 0.1961  0.0635  0.0985  9  G   A OP2   
179 O  "O5'" . G   A 9  ? 0.5314 0.6890 0.3787 0.2074  0.0792  0.0769  9  G   A "O5'" 
180 C  "C5'" . G   A 9  ? 0.4698 0.6634 0.3226 0.2145  0.0812  0.0657  9  G   A "C5'" 
181 C  "C4'" . G   A 9  ? 0.4521 0.5965 0.2859 0.2148  0.0889  0.0568  9  G   A "C4'" 
182 O  "O4'" . G   A 9  ? 0.5381 0.6314 0.3446 0.2158  0.0797  0.0438  9  G   A "O4'" 
183 C  "C3'" . G   A 9  ? 0.4794 0.5896 0.3077 0.2095  0.1044  0.0711  9  G   A "C3'" 
184 O  "O3'" . G   A 9  ? 0.4841 0.6311 0.3355 0.2085  0.1160  0.0836  9  G   A "O3'" 
185 C  "C2'" . G   A 9  ? 0.5805 0.6419 0.3824 0.2104  0.1070  0.0623  9  G   A "C2'" 
186 O  "O2'" . G   A 9  ? 0.5886 0.6672 0.4020 0.2116  0.1089  0.0580  9  G   A "O2'" 
187 C  "C1'" . G   A 9  ? 0.5124 0.5559 0.2989 0.2128  0.0905  0.0489  9  G   A "C1'" 
188 N  N9    . G   A 9  ? 0.5394 0.5447 0.3054 0.2122  0.0893  0.0512  9  G   A N9    
189 C  C8    . G   A 9  ? 0.5318 0.5434 0.3056 0.2108  0.0813  0.0539  9  G   A C8    
190 N  N7    . G   A 9  ? 0.5192 0.4891 0.2742 0.2129  0.0790  0.0515  9  G   A N7    
191 C  C5    . G   A 9  ? 0.5488 0.4904 0.2790 0.2168  0.0885  0.0487  9  G   A C5    
192 C  C6    . G   A 9  ? 0.6019 0.5065 0.3033 0.2240  0.0909  0.0445  9  G   A C6    
193 O  O6    . G   A 9  ? 0.6300 0.5123 0.3215 0.2298  0.0829  0.0372  9  G   A O6    
194 N  N1    . G   A 9  ? 0.6759 0.5750 0.3611 0.2257  0.1023  0.0497  9  G   A N1    
195 C  C2    . G   A 9  ? 0.5633 0.4817 0.2628 0.2194  0.1081  0.0570  9  G   A C2    
196 N  N2    . G   A 9  ? 0.6176 0.5287 0.3035 0.2199  0.1172  0.0665  9  G   A N2    
197 N  N3    . G   A 9  ? 0.5419 0.4898 0.2687 0.2145  0.1036  0.0554  9  G   A N3    
198 C  C4    . G   A 9  ? 0.5308 0.4925 0.2697 0.2143  0.0951  0.0515  9  G   A C4    
199 P  P     . C   A 10 ? 0.5251 0.6553 0.3839 0.2043  0.1267  0.1014  10 C   A P     
200 O  OP1   . C   A 10 ? 0.5324 0.7104 0.4166 0.2042  0.1367  0.1123  10 C   A OP1   
201 O  OP2   . C   A 10 ? 0.5690 0.6895 0.4367 0.2006  0.1155  0.1102  10 C   A OP2   
202 O  "O5'" . C   A 10 ? 0.5722 0.6464 0.4004 0.2070  0.1350  0.0936  10 C   A "O5'" 
203 C  "C5'" . C   A 10 ? 0.5175 0.5922 0.3396 0.2079  0.1450  0.0905  10 C   A "C5'" 
204 C  "C4'" . C   A 10 ? 0.5510 0.5823 0.3438 0.2103  0.1510  0.0887  10 C   A "C4'" 
205 O  "O4'" . C   A 10 ? 0.5447 0.5459 0.3144 0.2120  0.1396  0.0800  10 C   A "O4'" 
206 C  "C3'" . C   A 10 ? 0.5862 0.6005 0.3723 0.2152  0.1585  0.0930  10 C   A "C3'" 
207 O  "O3'" . C   A 10 ? 0.5880 0.6188 0.3956 0.2099  0.1644  0.0995  10 C   A "O3'" 
208 C  "C2'" . C   A 10 ? 0.5862 0.5674 0.3379 0.2213  0.1585  0.0869  10 C   A "C2'" 
209 O  "O2'" . C   A 10 ? 0.5981 0.5842 0.3512 0.2147  0.1629  0.0928  10 C   A "O2'" 
210 C  "C1'" . C   A 10 ? 0.5877 0.5584 0.3318 0.2186  0.1443  0.0794  10 C   A "C1'" 
211 N  N1    . C   A 10 ? 0.5487 0.5010 0.2887 0.2226  0.1320  0.0718  10 C   A N1    
212 C  C2    . C   A 10 ? 0.5722 0.4946 0.2830 0.2329  0.1298  0.0634  10 C   A C2    
213 O  O2    . C   A 10 ? 0.6056 0.5251 0.2941 0.2379  0.1399  0.0661  10 C   A O2    
214 N  N3    . C   A 10 ? 0.5861 0.4888 0.2962 0.2379  0.1154  0.0534  10 C   A N3    
215 C  C4    . C   A 10 ? 0.5682 0.4813 0.3080 0.2299  0.1041  0.0571  10 C   A C4    
216 N  N4    . C   A 10 ? 0.6395 0.5316 0.3840 0.2334  0.0872  0.0493  10 C   A N4    
217 C  C5    . C   A 10 ? 0.5346 0.4858 0.3029 0.2191  0.1082  0.0701  10 C   A C5    
218 C  C6    . C   A 10 ? 0.5681 0.5372 0.3341 0.2174  0.1220  0.0743  10 C   A C6    
219 O  "O5'" . G   B 1  ? 0.5445 0.4794 0.3767 0.1453  0.0101  -0.0048 1  G   B "O5'" 
220 C  "C5'" . G   B 1  ? 0.5485 0.4789 0.3681 0.1389  0.0183  -0.0086 1  G   B "C5'" 
221 C  "C4'" . G   B 1  ? 0.5237 0.4235 0.3447 0.1333  0.0265  -0.0013 1  G   B "C4'" 
222 O  "O4'" . G   B 1  ? 0.4773 0.3752 0.3359 0.1252  0.0258  -0.0071 1  G   B "O4'" 
223 C  "C3'" . G   B 1  ? 0.5139 0.3869 0.3159 0.1413  0.0274  0.0167  1  G   B "C3'" 
224 O  "O3'" . G   B 1  ? 0.5767 0.4374 0.3460 0.1461  0.0307  0.0291  1  G   B "O3'" 
225 C  "C2'" . G   B 1  ? 0.5220 0.3785 0.3415 0.1303  0.0337  0.0168  1  G   B "C2'" 
226 O  "O2'" . G   B 1  ? 0.5578 0.4044 0.3675 0.1218  0.0430  0.0156  1  G   B "O2'" 
227 C  "C1'" . G   B 1  ? 0.4878 0.3649 0.3451 0.1235  0.0285  0.0059  1  G   B "C1'" 
228 N  N9    . G   B 1  ? 0.4686 0.3554 0.3423 0.1244  0.0205  0.0102  1  G   B N9    
229 C  C8    . G   B 1  ? 0.4672 0.3760 0.3539 0.1271  0.0115  0.0051  1  G   B C8    
230 N  N7    . G   B 1  ? 0.4917 0.4104 0.3908 0.1242  0.0060  0.0110  1  G   B N7    
231 C  C5    . G   B 1  ? 0.4498 0.3538 0.3451 0.1187  0.0122  0.0192  1  G   B C5    
232 C  C6    . G   B 1  ? 0.4756 0.3903 0.3796 0.1104  0.0110  0.0257  1  G   B C6    
233 O  O6    . G   B 1  ? 0.4711 0.4110 0.3878 0.1063  0.0037  0.0268  1  G   B O6    
234 N  N1    . G   B 1  ? 0.4599 0.3588 0.3555 0.1039  0.0201  0.0298  1  G   B N1    
235 C  C2    . G   B 1  ? 0.4427 0.3168 0.3232 0.1056  0.0289  0.0292  1  G   B C2    
236 N  N2    . G   B 1  ? 0.4890 0.3530 0.3632 0.0963  0.0375  0.0324  1  G   B N2    
237 N  N3    . G   B 1  ? 0.4675 0.3328 0.3394 0.1127  0.0297  0.0244  1  G   B N3    
238 C  C4    . G   B 1  ? 0.4479 0.3301 0.3278 0.1190  0.0212  0.0189  1  G   B C4    
239 O  O3P   . CBV B 2  ? 0.9328 0.7519 0.6726 0.1783  0.0252  0.0646  2  CBV B O3P   
240 P  P     . CBV B 2  ? 0.6214 0.4595 0.3734 0.1614  0.0282  0.0477  2  CBV B P     
241 O  O1P   . CBV B 2  ? 0.7728 0.6119 0.4972 0.1579  0.0310  0.0583  2  CBV B O1P   
242 O  O2P   . CBV B 2  ? 0.7021 0.5677 0.4709 0.1700  0.0181  0.0400  2  CBV B O2P   
243 O  "O5'" . CBV B 2  ? 0.6415 0.4490 0.4018 0.1540  0.0370  0.0474  2  CBV B "O5'" 
244 C  "C5'" . CBV B 2  ? 0.6879 0.4749 0.4369 0.1415  0.0474  0.0505  2  CBV B "C5'" 
245 C  "C4'" . CBV B 2  ? 0.6268 0.3931 0.3852 0.1344  0.0548  0.0486  2  CBV B "C4'" 
246 O  "O4'" . CBV B 2  ? 0.6218 0.4110 0.4082 0.1266  0.0519  0.0381  2  CBV B "O4'" 
247 C  "C3'" . CBV B 2  ? 0.5934 0.3408 0.3519 0.1459  0.0550  0.0524  2  CBV B "C3'" 
248 O  "O3'" . CBV B 2  ? 0.7066 0.4197 0.4457 0.1511  0.0601  0.0658  2  CBV B "O3'" 
249 C  "C2'" . CBV B 2  ? 0.6172 0.3685 0.3936 0.1329  0.0609  0.0415  2  CBV B "C2'" 
250 O  "O2'" . CBV B 2  ? 0.6930 0.4231 0.4598 0.1182  0.0727  0.0427  2  CBV B "O2'" 
251 C  "C1'" . CBV B 2  ? 0.5759 0.3612 0.3713 0.1249  0.0541  0.0360  2  CBV B "C1'" 
252 N  N1    . CBV B 2  ? 0.5475 0.3591 0.3600 0.1319  0.0439  0.0314  2  CBV B N1    
253 C  C2    . CBV B 2  ? 0.5350 0.3636 0.3645 0.1236  0.0443  0.0258  2  CBV B C2    
254 O  O2    . CBV B 2  ? 0.5461 0.3675 0.3753 0.1118  0.0531  0.0240  2  CBV B O2    
255 N  N3    . CBV B 2  ? 0.5140 0.3749 0.3599 0.1272  0.0343  0.0215  2  CBV B N3    
256 C  C4    . CBV B 2  ? 0.4719 0.3447 0.3180 0.1394  0.0245  0.0218  2  CBV B C4    
257 N  N4    . CBV B 2  ? 0.4812 0.3880 0.3429 0.1404  0.0151  0.0172  2  CBV B N4    
258 C  C5    . CBV B 2  ? 0.5086 0.3656 0.3378 0.1476  0.0246  0.0259  2  CBV B C5    
259 C  C6    . CBV B 2  ? 0.5708 0.3987 0.3826 0.1434  0.0343  0.0313  2  CBV B C6    
260 BR BR    . CBV B 2  ? 0.5659 0.4509 0.3941 0.1595  0.0128  0.0228  2  CBV B BR    
261 P  P     . C   B 3  ? 0.7373 0.4328 0.4795 0.1727  0.0556  0.0743  3  C   B P     
262 O  OP1   . C   B 3  ? 0.7263 0.3823 0.4512 0.1743  0.0608  0.0937  3  C   B OP1   
263 O  OP2   . C   B 3  ? 0.7514 0.4812 0.4996 0.1875  0.0423  0.0747  3  C   B OP2   
264 O  "O5'" . C   B 3  ? 0.7353 0.4256 0.4998 0.1700  0.0626  0.0565  3  C   B "O5'" 
265 C  "C5'" . C   B 3  ? 0.7627 0.4299 0.5269 0.1531  0.0764  0.0492  3  C   B "C5'" 
266 C  "C4'" . C   B 3  ? 0.7028 0.3846 0.4894 0.1478  0.0815  0.0281  3  C   B "C4'" 
267 O  "O4'" . C   B 3  ? 0.6468 0.3750 0.4441 0.1386  0.0743  0.0209  3  C   B "O4'" 
268 C  "C3'" . C   B 3  ? 0.7027 0.3827 0.5074 0.1683  0.0788  0.0206  3  C   B "C3'" 
269 O  "O3'" . C   B 3  ? 0.7508 0.3842 0.5600 0.1770  0.0879  0.0220  3  C   B "O3'" 
270 C  "C2'" . C   B 3  ? 0.7286 0.4502 0.5526 0.1557  0.0806  -0.0020 3  C   B "C2'" 
271 O  "O2'" . C   B 3  ? 0.7456 0.4582 0.5749 0.1369  0.0959  -0.0180 3  C   B "O2'" 
272 C  "C1'" . C   B 3  ? 0.6403 0.3943 0.4576 0.1420  0.0725  0.0058  3  C   B "C1'" 
273 N  N1    . C   B 3  ? 0.6350 0.4197 0.4582 0.1545  0.0579  0.0094  3  C   B N1    
274 C  C2    . C   B 3  ? 0.5936 0.4190 0.4359 0.1507  0.0539  -0.0038 3  C   B C2    
275 O  O2    . C   B 3  ? 0.5986 0.4359 0.4508 0.1364  0.0626  -0.0179 3  C   B O2    
276 N  N3    . C   B 3  ? 0.5489 0.4040 0.3973 0.1595  0.0412  -0.0017 3  C   B N3    
277 C  C4    . C   B 3  ? 0.5471 0.3944 0.3841 0.1719  0.0332  0.0106  3  C   B C4    
278 N  N4    . C   B 3  ? 0.5757 0.4559 0.4198 0.1781  0.0218  0.0096  3  C   B N4    
279 C  C5    . C   B 3  ? 0.5748 0.3862 0.3921 0.1757  0.0371  0.0234  3  C   B C5    
280 C  C6    . C   B 3  ? 0.6174 0.3972 0.4281 0.1670  0.0491  0.0235  3  C   B C6    
281 P  P     . G   B 4  ? 0.7969 0.4156 0.6241 0.2080  0.0811  0.0282  4  G   B P     
282 O  OP1   . G   B 4  ? 0.8412 0.4020 0.6764 0.2135  0.0915  0.0341  4  G   B OP1   
283 O  OP2   . G   B 4  ? 0.7836 0.4254 0.5973 0.2222  0.0644  0.0494  4  G   B OP2   
284 O  "O5'" . G   B 4  ? 0.7898 0.4466 0.6457 0.2110  0.0824  -0.0017 4  G   B "O5'" 
285 C  "C5'" . G   B 4  ? 0.7999 0.4592 0.6714 0.1935  0.0978  -0.0303 4  G   B "C5'" 
286 C  "C4'" . G   B 4  ? 0.7803 0.4925 0.6749 0.1939  0.0960  -0.0564 4  G   B "C4'" 
287 O  "O4'" . G   B 4  ? 0.7221 0.4846 0.6039 0.1813  0.0843  -0.0500 4  G   B "O4'" 
288 C  "C3'" . G   B 4  ? 0.8071 0.5244 0.7249 0.2249  0.0882  -0.0588 4  G   B "C3'" 
289 O  "O3'" . G   B 4  ? 0.8876 0.5684 0.8352 0.2387  0.1002  -0.0751 4  G   B "O3'" 
290 C  "C2'" . G   B 4  ? 0.6613 0.4476 0.5884 0.2161  0.0825  -0.0778 4  G   B "C2'" 
291 O  "O2'" . G   B 4  ? 0.7444 0.5539 0.6930 0.2000  0.0970  -0.1130 4  G   B "O2'" 
292 C  "C1'" . G   B 4  ? 0.6564 0.4632 0.5559 0.1921  0.0761  -0.0618 4  G   B "C1'" 
293 N  N9    . G   B 4  ? 0.6250 0.4480 0.5115 0.2031  0.0590  -0.0402 4  G   B N9    
294 C  C8    . G   B 4  ? 0.6015 0.3985 0.4665 0.2106  0.0518  -0.0145 4  G   B C8    
295 N  N7    . G   B 4  ? 0.6152 0.4430 0.4757 0.2166  0.0382  -0.0060 4  G   B N7    
296 C  C5    . G   B 4  ? 0.5729 0.4468 0.4523 0.2129  0.0355  -0.0243 4  G   B C5    
297 C  C6    . G   B 4  ? 0.5952 0.5165 0.4798 0.2138  0.0231  -0.0259 4  G   B C6    
298 O  O6    . G   B 4  ? 0.5652 0.4969 0.4398 0.2186  0.0123  -0.0131 4  G   B O6    
299 N  N1    . G   B 4  ? 0.5182 0.4818 0.4225 0.2055  0.0251  -0.0469 4  G   B N1    
300 C  C2    . G   B 4  ? 0.5267 0.4912 0.4445 0.1968  0.0382  -0.0673 4  G   B C2    
301 N  N2    . G   B 4  ? 0.5594 0.5781 0.4947 0.1863  0.0386  -0.0880 4  G   B N2    
302 N  N3    . G   B 4  ? 0.5511 0.4709 0.4659 0.1957  0.0508  -0.0693 4  G   B N3    
303 C  C4    . G   B 4  ? 0.5659 0.4401 0.4609 0.2043  0.0481  -0.0456 4  G   B C4    
304 P  P     . G   B 5  ? 0.9725 0.6080 0.9370 0.2755  0.0930  -0.0524 5  G   B P     
305 O  OP1   . G   B 5  ? 1.0393 0.6067 1.0107 0.2735  0.1064  -0.0474 5  G   B OP1   
306 O  OP2   . G   B 5  ? 0.9000 0.5520 0.8397 0.2880  0.0732  -0.0182 5  G   B OP2   
307 O  "O5'" . G   B 5  ? 0.8989 0.5630 0.9088 0.2965  0.0947  -0.0829 5  G   B "O5'" 
308 C  "C5'" . G   B 5  ? 0.9329 0.6237 0.9678 0.2799  0.1112  -0.1285 5  G   B "C5'" 
309 C  "C4'" . G   B 5  ? 0.8764 0.6413 0.9250 0.2823  0.1044  -0.1506 5  G   B "C4'" 
310 O  "O4'" . G   B 5  ? 0.8525 0.6619 0.8635 0.2616  0.0922  -0.1343 5  G   B "O4'" 
311 C  "C3'" . G   B 5  ? 0.8751 0.6494 0.9477 0.3202  0.0908  -0.1408 5  G   B "C3'" 
312 O  "O3'" . G   B 5  ? 0.9694 0.7257 1.0952 0.3425  0.1016  -0.1675 5  G   B "O3'" 
313 C  "C2'" . G   B 5  ? 0.9231 0.7765 0.9845 0.3097  0.0799  -0.1493 5  G   B "C2'" 
314 O  "O2'" . G   B 5  ? 0.9421 0.8461 1.0339 0.2997  0.0913  -0.1948 5  G   B "O2'" 
315 C  "C1'" . G   B 5  ? 0.8233 0.6844 0.8410 0.2752  0.0780  -0.1341 5  G   B "C1'" 
316 N  N9    . G   B 5  ? 0.7431 0.6019 0.7284 0.2802  0.0604  -0.0961 5  G   B N9    
317 C  C8    . G   B 5  ? 0.7852 0.5946 0.7469 0.2867  0.0557  -0.0627 5  G   B C8    
318 N  N7    . G   B 5  ? 0.7933 0.6236 0.7309 0.2866  0.0409  -0.0403 5  G   B N7    
319 C  C5    . G   B 5  ? 0.7078 0.5996 0.6540 0.2800  0.0351  -0.0575 5  G   B C5    
320 C  C6    . G   B 5  ? 0.5958 0.5314 0.5285 0.2752  0.0208  -0.0482 5  G   B C6    
321 O  O6    . G   B 5  ? 0.6116 0.5429 0.5222 0.2758  0.0112  -0.0257 5  G   B O6    
322 N  N1    . G   B 5  ? 0.5614 0.5542 0.5104 0.2660  0.0195  -0.0709 5  G   B N1    
323 C  C2    . G   B 5  ? 0.6393 0.6521 0.6132 0.2610  0.0308  -0.1010 5  G   B C2    
324 N  N2    . G   B 5  ? 0.6034 0.6810 0.5882 0.2488  0.0273  -0.1190 5  G   B N2    
325 N  N3    . G   B 5  ? 0.6869 0.6619 0.6756 0.2656  0.0454  -0.1145 5  G   B N3    
326 C  C4    . G   B 5  ? 0.7423 0.6544 0.7162 0.2754  0.0465  -0.0905 5  G   B C4    
327 C  C2    . 6MZ B 6  ? 0.3936 0.4030 0.3237 0.0544  -0.0200 -0.0076 6  6MZ B C2    
328 C  C4    . 6MZ B 6  ? 0.5572 0.5178 0.4722 0.0416  -0.0455 -0.0197 6  6MZ B C4    
329 C  C5    . 6MZ B 6  ? 0.4865 0.4771 0.4413 0.0308  -0.0499 -0.0056 6  6MZ B C5    
330 O  O1P   . 6MZ B 6  ? 1.2197 0.9580 1.0325 -0.0006 -0.1060 -0.0327 6  6MZ B O1P   
331 O  O2P   . 6MZ B 6  ? 1.1989 0.9584 1.0240 -0.0797 -0.1714 -0.0051 6  6MZ B O2P   
332 N  N9    . 6MZ B 6  ? 0.6135 0.5239 0.4925 0.0338  -0.0625 -0.0291 6  6MZ B N9    
333 N  N3    . 6MZ B 6  ? 0.4873 0.4638 0.3948 0.0558  -0.0283 -0.0200 6  6MZ B N3    
334 N  N1    . 6MZ B 6  ? 0.3677 0.3917 0.3249 0.0471  -0.0243 0.0032  6  6MZ B N1    
335 C  C6    . 6MZ B 6  ? 0.4071 0.4294 0.3818 0.0381  -0.0364 0.0055  6  6MZ B C6    
336 N  N6    . 6MZ B 6  ? 0.3797 0.4258 0.3827 0.0369  -0.0352 0.0224  6  6MZ B N6    
337 C  C9    . 6MZ B 6  ? 0.3991 0.4619 0.4297 0.0255  -0.0483 0.0349  6  6MZ B C9    
338 N  N7    . 6MZ B 6  ? 0.5673 0.5395 0.5222 0.0128  -0.0701 -0.0034 6  6MZ B N7    
339 C  C8    . 6MZ B 6  ? 0.6348 0.5505 0.5379 0.0114  -0.0806 -0.0188 6  6MZ B C8    
340 O  "O5'" . 6MZ B 6  ? 1.0250 0.7440 0.7832 -0.0158 -0.1301 -0.0403 6  6MZ B "O5'" 
341 C  "C5'" . 6MZ B 6  ? 1.0049 0.6533 0.6849 0.0164  -0.1171 -0.0596 6  6MZ B "C5'" 
342 C  "C4'" . 6MZ B 6  ? 0.8741 0.5834 0.5843 0.0467  -0.0856 -0.0611 6  6MZ B "C4'" 
343 O  "O4'" . 6MZ B 6  ? 0.8374 0.6216 0.6066 0.0247  -0.0934 -0.0497 6  6MZ B "O4'" 
344 C  "C1'" . 6MZ B 6  ? 0.6591 0.5058 0.4704 0.0466  -0.0641 -0.0454 6  6MZ B "C1'" 
345 C  "C2'" . 6MZ B 6  ? 0.6105 0.4411 0.4045 0.0802  -0.0369 -0.0488 6  6MZ B "C2'" 
346 O  "O2'" . 6MZ B 6  ? 0.6881 0.4884 0.4273 0.1059  -0.0248 -0.0573 6  6MZ B "O2'" 
347 C  "C3'" . 6MZ B 6  ? 0.7701 0.5357 0.5303 0.0751  -0.0509 -0.0540 6  6MZ B "C3'" 
348 O  "O3'" . 6MZ B 6  ? 0.7836 0.5040 0.4962 0.1131  -0.0298 -0.0588 6  6MZ B "O3'" 
349 P  P     . 6MZ B 6  ? 1.1961 0.8960 0.9657 -0.0348 -0.1427 -0.0315 6  6MZ B P     
350 O  O3P   . 6MZ B 6  ? 1.2556 0.8289 0.9193 -0.0397 -0.1639 -0.0451 6  6MZ B O3P   
351 P  P     . C   B 7  ? 0.7308 0.4849 0.4862 0.1290  -0.0097 -0.0473 7  C   B P     
352 O  OP1   . C   B 7  ? 0.8851 0.5861 0.5751 0.1771  0.0130  -0.0491 7  C   B OP1   
353 O  OP2   . C   B 7  ? 0.7077 0.4662 0.5013 0.0934  -0.0318 -0.0439 7  C   B OP2   
354 O  "O5'" . C   B 7  ? 0.6787 0.5343 0.5081 0.1307  0.0102  -0.0305 7  C   B "O5'" 
355 C  "C5'" . C   B 7  ? 0.6511 0.5361 0.4697 0.1550  0.0309  -0.0238 7  C   B "C5'" 
356 C  "C4'" . C   B 7  ? 0.5792 0.5453 0.4592 0.1374  0.0358  -0.0067 7  C   B "C4'" 
357 O  "O4'" . C   B 7  ? 0.4992 0.4674 0.3966 0.1048  0.0143  -0.0135 7  C   B "O4'" 
358 C  "C3'" . C   B 7  ? 0.5269 0.5413 0.4585 0.1318  0.0428  0.0126  7  C   B "C3'" 
359 O  "O3'" . C   B 7  ? 0.5340 0.5851 0.4704 0.1611  0.0662  0.0332  7  C   B "O3'" 
360 C  "C2'" . C   B 7  ? 0.4501 0.5025 0.4121 0.1022  0.0331  0.0214  7  C   B "C2'" 
361 O  "O2'" . C   B 7  ? 0.4413 0.5316 0.3993 0.1059  0.0434  0.0366  7  C   B "O2'" 
362 C  "C1'" . C   B 7  ? 0.4813 0.4968 0.4234 0.0886  0.0153  0.0020  7  C   B "C1'" 
363 N  N1    . C   B 7  ? 0.4163 0.4236 0.3819 0.0711  0.0013  0.0008  7  C   B N1    
364 C  C2    . C   B 7  ? 0.3826 0.4144 0.3711 0.0579  -0.0008 0.0131  7  C   B C2    
365 O  O2    . C   B 7  ? 0.3741 0.4236 0.3560 0.0548  0.0042  0.0229  7  C   B O2    
366 N  N3    . C   B 7  ? 0.3555 0.3850 0.3635 0.0492  -0.0087 0.0167  7  C   B N3    
367 C  C4    . C   B 7  ? 0.3790 0.3920 0.3934 0.0455  -0.0179 0.0109  7  C   B C4    
368 N  N4    . C   B 7  ? 0.3665 0.3896 0.4058 0.0368  -0.0244 0.0208  7  C   B N4    
369 C  C5    . C   B 7  ? 0.4534 0.4310 0.4383 0.0511  -0.0216 -0.0029 7  C   B C5    
370 C  C6    . C   B 7  ? 0.5064 0.4778 0.4632 0.0679  -0.0102 -0.0086 7  C   B C6    
371 P  P     . G   B 8  ? 0.5557 0.6304 0.5251 0.1681  0.0737  0.0494  8  G   B P     
372 O  OP1   . G   B 8  ? 0.5932 0.7036 0.5534 0.2118  0.1019  0.0731  8  G   B OP1   
373 O  OP2   . G   B 8  ? 0.6069 0.6178 0.5625 0.1598  0.0588  0.0275  8  G   B OP2   
374 O  "O5'" . G   B 8  ? 0.4594 0.5906 0.4815 0.1304  0.0626  0.0692  8  G   B "O5'" 
375 C  "C5'" . G   B 8  ? 0.4609 0.6571 0.5018 0.1209  0.0674  0.0987  8  G   B "C5'" 
376 C  "C4'" . G   B 8  ? 0.3939 0.6081 0.4593 0.0798  0.0488  0.1141  8  G   B "C4'" 
377 O  "O4'" . G   B 8  ? 0.4220 0.5867 0.4648 0.0589  0.0321  0.0915  8  G   B "O4'" 
378 C  "C3'" . G   B 8  ? 0.4755 0.6870 0.5657 0.0733  0.0439  0.1196  8  G   B "C3'" 
379 O  "O3'" . G   B 8  ? 0.5037 0.7776 0.6241 0.0829  0.0544  0.1534  8  G   B "O3'" 
380 C  "C2'" . G   B 8  ? 0.4066 0.5922 0.4873 0.0356  0.0220  0.1202  8  G   B "C2'" 
381 O  "O2'" . G   B 8  ? 0.4310 0.6529 0.5101 0.0073  0.0117  0.1526  8  G   B "O2'" 
382 C  "C1'" . G   B 8  ? 0.4457 0.5911 0.4959 0.0378  0.0188  0.0942  8  G   B "C1'" 
383 N  N9    . G   B 8  ? 0.4143 0.5176 0.4632 0.0468  0.0162  0.0691  8  G   B N9    
384 C  C8    . G   B 8  ? 0.4644 0.5462 0.5066 0.0653  0.0207  0.0489  8  G   B C8    
385 N  N7    . G   B 8  ? 0.4135 0.4676 0.4597 0.0600  0.0117  0.0374  8  G   B N7    
386 C  C5    . G   B 8  ? 0.3404 0.3978 0.3952 0.0455  0.0061  0.0491  8  G   B C5    
387 C  C6    . G   B 8  ? 0.3572 0.3988 0.4189 0.0407  0.0000  0.0495  8  G   B C6    
388 O  O6    . G   B 8  ? 0.3620 0.3961 0.4343 0.0421  -0.0045 0.0428  8  G   B O6    
389 N  N1    . G   B 8  ? 0.3565 0.3893 0.4049 0.0326  -0.0024 0.0638  8  G   B N1    
390 C  C2    . G   B 8  ? 0.3805 0.4161 0.4100 0.0201  -0.0054 0.0773  8  G   B C2    
391 N  N2    . G   B 8  ? 0.3887 0.3922 0.3867 0.0090  -0.0136 0.0905  8  G   B N2    
392 N  N3    . G   B 8  ? 0.4092 0.4752 0.4443 0.0179  -0.0020 0.0821  8  G   B N3    
393 C  C4    . G   B 8  ? 0.3423 0.4192 0.3913 0.0357  0.0068  0.0667  8  G   B C4    
394 P  P     . G   B 9  ? 0.4494 0.7198 0.5914 0.0956  0.0585  0.1558  9  G   B P     
395 O  OP1   . G   B 9  ? 0.5128 0.8690 0.6894 0.1029  0.0685  0.2018  9  G   B OP1   
396 O  OP2   . G   B 9  ? 0.5858 0.7956 0.7010 0.1282  0.0689  0.1227  9  G   B OP2   
397 O  "O5'" . G   B 9  ? 0.5169 0.7505 0.6607 0.0564  0.0345  0.1494  9  G   B "O5'" 
398 C  "C5'" . G   B 9  ? 0.4173 0.6740 0.5642 0.0181  0.0160  0.1784  9  G   B "C5'" 
399 C  "C4'" . G   B 9  ? 0.3940 0.5921 0.5231 -0.0042 -0.0015 0.1678  9  G   B "C4'" 
400 O  "O4'" . G   B 9  ? 0.4413 0.5805 0.5382 -0.0013 -0.0039 0.1374  9  G   B "O4'" 
401 C  "C3'" . G   B 9  ? 0.4010 0.5861 0.5518 0.0115  0.0045  0.1595  9  G   B "C3'" 
402 O  "O3'" . G   B 9  ? 0.4270 0.6586 0.6046 0.0032  0.0014  0.1917  9  G   B "O3'" 
403 C  "C2'" . G   B 9  ? 0.4296 0.5472 0.5513 -0.0001 -0.0070 0.1408  9  G   B "C2'" 
404 O  "O2'" . G   B 9  ? 0.4499 0.5445 0.5427 -0.0308 -0.0266 0.1614  9  G   B "O2'" 
405 C  "C1'" . G   B 9  ? 0.3502 0.4470 0.4452 0.0031  -0.0061 0.1231  9  G   B "C1'" 
406 N  N9    . G   B 9  ? 0.4034 0.4874 0.5085 0.0265  0.0046  0.0968  9  G   B N9    
407 C  C8    . G   B 9  ? 0.3258 0.4225 0.4352 0.0453  0.0150  0.0850  9  G   B C8    
408 N  N7    . G   B 9  ? 0.3642 0.4310 0.4699 0.0538  0.0145  0.0648  9  G   B N7    
409 C  C5    . G   B 9  ? 0.3375 0.3864 0.4480 0.0431  0.0070  0.0665  9  G   B C5    
410 C  C6    . G   B 9  ? 0.3046 0.3346 0.4209 0.0428  0.0024  0.0584  9  G   B C6    
411 O  O6    . G   B 9  ? 0.3543 0.3736 0.4703 0.0439  -0.0018 0.0472  9  G   B O6    
412 N  N1    . G   B 9  ? 0.3702 0.3916 0.4870 0.0385  0.0005  0.0695  9  G   B N1    
413 C  C2    . G   B 9  ? 0.3338 0.3459 0.4329 0.0322  -0.0010 0.0828  9  G   B C2    
414 N  N2    . G   B 9  ? 0.3867 0.3740 0.4715 0.0347  -0.0017 0.0914  9  G   B N2    
415 N  N3    . G   B 9  ? 0.3929 0.4180 0.4837 0.0229  -0.0033 0.0913  9  G   B N3    
416 C  C4    . G   B 9  ? 0.3717 0.4235 0.4758 0.0303  0.0026  0.0839  9  G   B C4    
417 P  P     . C   B 10 ? 0.4040 0.6490 0.6117 0.0344  0.0173  0.1895  10 C   B P     
418 O  OP1   . C   B 10 ? 0.4699 0.7749 0.7060 0.0201  0.0103  0.2315  10 C   B OP1   
419 O  OP2   . C   B 10 ? 0.4162 0.6594 0.6200 0.0762  0.0403  0.1704  10 C   B OP2   
420 O  "O5'" . C   B 10 ? 0.3967 0.5694 0.5888 0.0289  0.0096  0.1621  10 C   B "O5'" 
421 C  "C5'" . C   B 10 ? 0.2970 0.4436 0.4964 0.0549  0.0215  0.1410  10 C   B "C5'" 
422 C  "C4'" . C   B 10 ? 0.2793 0.3716 0.4672 0.0435  0.0124  0.1240  10 C   B "C4'" 
423 O  "O4'" . C   B 10 ? 0.3047 0.3713 0.4702 0.0377  0.0085  0.1080  10 C   B "O4'" 
424 C  "C3'" . C   B 10 ? 0.3090 0.3728 0.5043 0.0605  0.0192  0.1073  10 C   B "C3'" 
425 O  "O3'" . C   B 10 ? 0.3521 0.4249 0.5643 0.0656  0.0215  0.1201  10 C   B "O3'" 
426 C  "C2'" . C   B 10 ? 0.3239 0.3518 0.5085 0.0489  0.0115  0.0950  10 C   B "C2'" 
427 O  "O2'" . C   B 10 ? 0.3439 0.3576 0.5250 0.0379  0.0054  0.1070  10 C   B "O2'" 
428 C  "C1'" . C   B 10 ? 0.3271 0.3610 0.4929 0.0421  0.0083  0.0924  10 C   B "C1'" 
429 N  N1    . C   B 10 ? 0.3376 0.3647 0.4983 0.0511  0.0108  0.0746  10 C   B N1    
430 C  C2    . C   B 10 ? 0.3197 0.3274 0.4810 0.0462  0.0050  0.0665  10 C   B C2    
431 O  O2    . C   B 10 ? 0.3018 0.3051 0.4697 0.0415  0.0030  0.0752  10 C   B O2    
432 N  N3    . C   B 10 ? 0.3301 0.3254 0.4806 0.0460  0.0001  0.0539  10 C   B N3    
433 C  C4    . C   B 10 ? 0.3759 0.3655 0.5063 0.0575  0.0047  0.0452  10 C   B C4    
434 N  N4    . C   B 10 ? 0.4099 0.3707 0.5149 0.0553  -0.0038 0.0323  10 C   B N4    
435 C  C5    . C   B 10 ? 0.3786 0.3940 0.5109 0.0712  0.0169  0.0541  10 C   B C5    
436 C  C6    . C   B 10 ? 0.3439 0.3834 0.4962 0.0643  0.0179  0.0709  10 C   B C6    
# 
